data_1UHN
# 
_entry.id   1UHN 
# 
_audit_conform.dict_name       mmcif_pdbx.dic 
_audit_conform.dict_version    5.383 
_audit_conform.dict_location   http://mmcif.pdb.org/dictionaries/ascii/mmcif_pdbx.dic 
# 
loop_
_database_2.database_id 
_database_2.database_code 
_database_2.pdbx_database_accession 
_database_2.pdbx_DOI 
PDB   1UHN         pdb_00001uhn 10.2210/pdb1uhn/pdb 
RCSB  RCSB005837   ?            ?                   
WWPDB D_1000005837 ?            ?                   
# 
loop_
_pdbx_audit_revision_history.ordinal 
_pdbx_audit_revision_history.data_content_type 
_pdbx_audit_revision_history.major_revision 
_pdbx_audit_revision_history.minor_revision 
_pdbx_audit_revision_history.revision_date 
1 'Structure model' 1 0 2003-11-04 
2 'Structure model' 1 1 2008-04-27 
3 'Structure model' 1 2 2011-07-13 
4 'Structure model' 1 3 2023-12-27 
# 
_pdbx_audit_revision_details.ordinal             1 
_pdbx_audit_revision_details.revision_ordinal    1 
_pdbx_audit_revision_details.data_content_type   'Structure model' 
_pdbx_audit_revision_details.provider            repository 
_pdbx_audit_revision_details.type                'Initial release' 
_pdbx_audit_revision_details.description         ? 
_pdbx_audit_revision_details.details             ? 
# 
loop_
_pdbx_audit_revision_group.ordinal 
_pdbx_audit_revision_group.revision_ordinal 
_pdbx_audit_revision_group.data_content_type 
_pdbx_audit_revision_group.group 
1 2 'Structure model' 'Version format compliance' 
2 3 'Structure model' 'Version format compliance' 
3 4 'Structure model' 'Data collection'           
4 4 'Structure model' 'Database references'       
5 4 'Structure model' 'Derived calculations'      
# 
loop_
_pdbx_audit_revision_category.ordinal 
_pdbx_audit_revision_category.revision_ordinal 
_pdbx_audit_revision_category.data_content_type 
_pdbx_audit_revision_category.category 
1 4 'Structure model' chem_comp_atom         
2 4 'Structure model' chem_comp_bond         
3 4 'Structure model' database_2             
4 4 'Structure model' pdbx_struct_conn_angle 
5 4 'Structure model' struct_conn            
6 4 'Structure model' struct_site            
# 
loop_
_pdbx_audit_revision_item.ordinal 
_pdbx_audit_revision_item.revision_ordinal 
_pdbx_audit_revision_item.data_content_type 
_pdbx_audit_revision_item.item 
1  4 'Structure model' '_database_2.pdbx_DOI'                        
2  4 'Structure model' '_database_2.pdbx_database_accession'         
3  4 'Structure model' '_pdbx_struct_conn_angle.ptnr1_auth_comp_id'  
4  4 'Structure model' '_pdbx_struct_conn_angle.ptnr1_auth_seq_id'   
5  4 'Structure model' '_pdbx_struct_conn_angle.ptnr1_label_asym_id' 
6  4 'Structure model' '_pdbx_struct_conn_angle.ptnr1_label_atom_id' 
7  4 'Structure model' '_pdbx_struct_conn_angle.ptnr1_label_comp_id' 
8  4 'Structure model' '_pdbx_struct_conn_angle.ptnr1_label_seq_id'  
9  4 'Structure model' '_pdbx_struct_conn_angle.ptnr3_auth_comp_id'  
10 4 'Structure model' '_pdbx_struct_conn_angle.ptnr3_auth_seq_id'   
11 4 'Structure model' '_pdbx_struct_conn_angle.ptnr3_label_asym_id' 
12 4 'Structure model' '_pdbx_struct_conn_angle.ptnr3_label_atom_id' 
13 4 'Structure model' '_pdbx_struct_conn_angle.ptnr3_label_comp_id' 
14 4 'Structure model' '_pdbx_struct_conn_angle.ptnr3_label_seq_id'  
15 4 'Structure model' '_pdbx_struct_conn_angle.value'               
16 4 'Structure model' '_struct_conn.pdbx_dist_value'                
17 4 'Structure model' '_struct_conn.ptnr1_auth_comp_id'             
18 4 'Structure model' '_struct_conn.ptnr1_auth_seq_id'              
19 4 'Structure model' '_struct_conn.ptnr1_label_asym_id'            
20 4 'Structure model' '_struct_conn.ptnr1_label_atom_id'            
21 4 'Structure model' '_struct_conn.ptnr1_label_comp_id'            
22 4 'Structure model' '_struct_conn.ptnr1_label_seq_id'             
23 4 'Structure model' '_struct_conn.ptnr2_auth_comp_id'             
24 4 'Structure model' '_struct_conn.ptnr2_auth_seq_id'              
25 4 'Structure model' '_struct_conn.ptnr2_label_asym_id'            
26 4 'Structure model' '_struct_conn.ptnr2_label_atom_id'            
27 4 'Structure model' '_struct_conn.ptnr2_label_comp_id'            
28 4 'Structure model' '_struct_conn.ptnr2_label_seq_id'             
29 4 'Structure model' '_struct_site.pdbx_auth_asym_id'              
30 4 'Structure model' '_struct_site.pdbx_auth_comp_id'              
31 4 'Structure model' '_struct_site.pdbx_auth_seq_id'               
# 
_pdbx_database_status.status_code                     REL 
_pdbx_database_status.entry_id                        1UHN 
_pdbx_database_status.recvd_initial_deposition_date   2003-07-07 
_pdbx_database_status.deposit_site                    PDBJ 
_pdbx_database_status.process_site                    PDBJ 
_pdbx_database_status.status_code_sf                  REL 
_pdbx_database_status.SG_entry                        . 
_pdbx_database_status.pdb_format_compatible           Y 
_pdbx_database_status.status_code_mr                  ? 
_pdbx_database_status.status_code_cs                  ? 
_pdbx_database_status.status_code_nmr_data            ? 
_pdbx_database_status.methods_development_category    ? 
# 
_pdbx_database_related.db_name        PDB 
_pdbx_database_related.db_id          1AUI 
_pdbx_database_related.details        'calcineurin B' 
_pdbx_database_related.content_type   unspecified 
# 
loop_
_audit_author.name 
_audit_author.pdbx_ordinal 
'Nagae, M.'     1 
'Nozawa, A.'    2 
'Koizumi, N.'   3 
'Sano, H.'      4 
'Hashimoto, H.' 5 
'Sato, M.'      6 
'Shimizu, T.'   7 
# 
_citation.id                        primary 
_citation.title                     'The Crystal Structure of the Novel Calcium-binding Protein AtCBL2 from Arabidopsis thaliana' 
_citation.journal_abbrev            J.Biol.Chem. 
_citation.journal_volume            278 
_citation.page_first                42240 
_citation.page_last                 42246 
_citation.year                      2003 
_citation.journal_id_ASTM           JBCHA3 
_citation.country                   US 
_citation.journal_id_ISSN           0021-9258 
_citation.journal_id_CSD            0071 
_citation.book_publisher            ? 
_citation.pdbx_database_id_PubMed   12871972 
_citation.pdbx_database_id_DOI      10.1074/jbc.M303630200 
# 
loop_
_citation_author.citation_id 
_citation_author.name 
_citation_author.ordinal 
_citation_author.identifier_ORCID 
primary 'Nagae, M.'     1 ? 
primary 'Nozawa, A.'    2 ? 
primary 'Koizumi, N.'   3 ? 
primary 'Sano, H.'      4 ? 
primary 'Hashimoto, H.' 5 ? 
primary 'Sato, M.'      6 ? 
primary 'Shimizu, T.'   7 ? 
# 
loop_
_entity.id 
_entity.type 
_entity.src_method 
_entity.pdbx_description 
_entity.formula_weight 
_entity.pdbx_number_of_molecules 
_entity.pdbx_ec 
_entity.pdbx_mutation 
_entity.pdbx_fragment 
_entity.details 
1 polymer     man 'calcineurin B-like protein 2' 21907.898 1   ? ? 'residues 32-220' ? 
2 non-polymer syn 'CALCIUM ION'                  40.078    2   ? ? ?                 ? 
3 water       nat water                          18.015    138 ? ? ?                 ? 
# 
_entity_name_com.entity_id   1 
_entity_name_com.name        AtCBL2 
# 
_entity_poly.entity_id                      1 
_entity_poly.type                           'polypeptide(L)' 
_entity_poly.nstd_linkage                   no 
_entity_poly.nstd_monomer                   no 
_entity_poly.pdbx_seq_one_letter_code       
;DPELLARDTVFSVSEIEALYELFKKISSAVIDDGLINKEEFQLALFKTNKKESLFADRVFDLFDTKHNGILGFEEFARAL
SVFHPNAPIDDKIHFSFQLYDLKQQGFIERQEVKQMVVATLAESGMNLKDTVIEDIIDKTFEEADTKHDGKIDKEEWRSL
VLRHPSLLKNMTLQYLKDITTTFPSFVFH
;
_entity_poly.pdbx_seq_one_letter_code_can   
;DPELLARDTVFSVSEIEALYELFKKISSAVIDDGLINKEEFQLALFKTNKKESLFADRVFDLFDTKHNGILGFEEFARAL
SVFHPNAPIDDKIHFSFQLYDLKQQGFIERQEVKQMVVATLAESGMNLKDTVIEDIIDKTFEEADTKHDGKIDKEEWRSL
VLRHPSLLKNMTLQYLKDITTTFPSFVFH
;
_entity_poly.pdbx_strand_id                 A 
_entity_poly.pdbx_target_identifier         ? 
# 
loop_
_pdbx_entity_nonpoly.entity_id 
_pdbx_entity_nonpoly.name 
_pdbx_entity_nonpoly.comp_id 
2 'CALCIUM ION' CA  
3 water         HOH 
# 
loop_
_entity_poly_seq.entity_id 
_entity_poly_seq.num 
_entity_poly_seq.mon_id 
_entity_poly_seq.hetero 
1 1   ASP n 
1 2   PRO n 
1 3   GLU n 
1 4   LEU n 
1 5   LEU n 
1 6   ALA n 
1 7   ARG n 
1 8   ASP n 
1 9   THR n 
1 10  VAL n 
1 11  PHE n 
1 12  SER n 
1 13  VAL n 
1 14  SER n 
1 15  GLU n 
1 16  ILE n 
1 17  GLU n 
1 18  ALA n 
1 19  LEU n 
1 20  TYR n 
1 21  GLU n 
1 22  LEU n 
1 23  PHE n 
1 24  LYS n 
1 25  LYS n 
1 26  ILE n 
1 27  SER n 
1 28  SER n 
1 29  ALA n 
1 30  VAL n 
1 31  ILE n 
1 32  ASP n 
1 33  ASP n 
1 34  GLY n 
1 35  LEU n 
1 36  ILE n 
1 37  ASN n 
1 38  LYS n 
1 39  GLU n 
1 40  GLU n 
1 41  PHE n 
1 42  GLN n 
1 43  LEU n 
1 44  ALA n 
1 45  LEU n 
1 46  PHE n 
1 47  LYS n 
1 48  THR n 
1 49  ASN n 
1 50  LYS n 
1 51  LYS n 
1 52  GLU n 
1 53  SER n 
1 54  LEU n 
1 55  PHE n 
1 56  ALA n 
1 57  ASP n 
1 58  ARG n 
1 59  VAL n 
1 60  PHE n 
1 61  ASP n 
1 62  LEU n 
1 63  PHE n 
1 64  ASP n 
1 65  THR n 
1 66  LYS n 
1 67  HIS n 
1 68  ASN n 
1 69  GLY n 
1 70  ILE n 
1 71  LEU n 
1 72  GLY n 
1 73  PHE n 
1 74  GLU n 
1 75  GLU n 
1 76  PHE n 
1 77  ALA n 
1 78  ARG n 
1 79  ALA n 
1 80  LEU n 
1 81  SER n 
1 82  VAL n 
1 83  PHE n 
1 84  HIS n 
1 85  PRO n 
1 86  ASN n 
1 87  ALA n 
1 88  PRO n 
1 89  ILE n 
1 90  ASP n 
1 91  ASP n 
1 92  LYS n 
1 93  ILE n 
1 94  HIS n 
1 95  PHE n 
1 96  SER n 
1 97  PHE n 
1 98  GLN n 
1 99  LEU n 
1 100 TYR n 
1 101 ASP n 
1 102 LEU n 
1 103 LYS n 
1 104 GLN n 
1 105 GLN n 
1 106 GLY n 
1 107 PHE n 
1 108 ILE n 
1 109 GLU n 
1 110 ARG n 
1 111 GLN n 
1 112 GLU n 
1 113 VAL n 
1 114 LYS n 
1 115 GLN n 
1 116 MET n 
1 117 VAL n 
1 118 VAL n 
1 119 ALA n 
1 120 THR n 
1 121 LEU n 
1 122 ALA n 
1 123 GLU n 
1 124 SER n 
1 125 GLY n 
1 126 MET n 
1 127 ASN n 
1 128 LEU n 
1 129 LYS n 
1 130 ASP n 
1 131 THR n 
1 132 VAL n 
1 133 ILE n 
1 134 GLU n 
1 135 ASP n 
1 136 ILE n 
1 137 ILE n 
1 138 ASP n 
1 139 LYS n 
1 140 THR n 
1 141 PHE n 
1 142 GLU n 
1 143 GLU n 
1 144 ALA n 
1 145 ASP n 
1 146 THR n 
1 147 LYS n 
1 148 HIS n 
1 149 ASP n 
1 150 GLY n 
1 151 LYS n 
1 152 ILE n 
1 153 ASP n 
1 154 LYS n 
1 155 GLU n 
1 156 GLU n 
1 157 TRP n 
1 158 ARG n 
1 159 SER n 
1 160 LEU n 
1 161 VAL n 
1 162 LEU n 
1 163 ARG n 
1 164 HIS n 
1 165 PRO n 
1 166 SER n 
1 167 LEU n 
1 168 LEU n 
1 169 LYS n 
1 170 ASN n 
1 171 MET n 
1 172 THR n 
1 173 LEU n 
1 174 GLN n 
1 175 TYR n 
1 176 LEU n 
1 177 LYS n 
1 178 ASP n 
1 179 ILE n 
1 180 THR n 
1 181 THR n 
1 182 THR n 
1 183 PHE n 
1 184 PRO n 
1 185 SER n 
1 186 PHE n 
1 187 VAL n 
1 188 PHE n 
1 189 HIS n 
# 
_entity_src_gen.entity_id                          1 
_entity_src_gen.pdbx_src_id                        1 
_entity_src_gen.pdbx_alt_source_flag               sample 
_entity_src_gen.pdbx_seq_type                      ? 
_entity_src_gen.pdbx_beg_seq_num                   ? 
_entity_src_gen.pdbx_end_seq_num                   ? 
_entity_src_gen.gene_src_common_name               'thale cress' 
_entity_src_gen.gene_src_genus                     Arabidopsis 
_entity_src_gen.pdbx_gene_src_gene                 ? 
_entity_src_gen.gene_src_species                   ? 
_entity_src_gen.gene_src_strain                    ? 
_entity_src_gen.gene_src_tissue                    ? 
_entity_src_gen.gene_src_tissue_fraction           ? 
_entity_src_gen.gene_src_details                   ? 
_entity_src_gen.pdbx_gene_src_fragment             ? 
_entity_src_gen.pdbx_gene_src_scientific_name      'Arabidopsis thaliana' 
_entity_src_gen.pdbx_gene_src_ncbi_taxonomy_id     3702 
_entity_src_gen.pdbx_gene_src_variant              ? 
_entity_src_gen.pdbx_gene_src_cell_line            ? 
_entity_src_gen.pdbx_gene_src_atcc                 ? 
_entity_src_gen.pdbx_gene_src_organ                ? 
_entity_src_gen.pdbx_gene_src_organelle            ? 
_entity_src_gen.pdbx_gene_src_cell                 ? 
_entity_src_gen.pdbx_gene_src_cellular_location    ? 
_entity_src_gen.host_org_common_name               ? 
_entity_src_gen.pdbx_host_org_scientific_name      'Escherichia coli' 
_entity_src_gen.pdbx_host_org_ncbi_taxonomy_id     562 
_entity_src_gen.host_org_genus                     Escherichia 
_entity_src_gen.pdbx_host_org_gene                 ? 
_entity_src_gen.pdbx_host_org_organ                ? 
_entity_src_gen.host_org_species                   ? 
_entity_src_gen.pdbx_host_org_tissue               ? 
_entity_src_gen.pdbx_host_org_tissue_fraction      ? 
_entity_src_gen.pdbx_host_org_strain               'BL21(DE3)SI' 
_entity_src_gen.pdbx_host_org_variant              ? 
_entity_src_gen.pdbx_host_org_cell_line            ? 
_entity_src_gen.pdbx_host_org_atcc                 ? 
_entity_src_gen.pdbx_host_org_culture_collection   ? 
_entity_src_gen.pdbx_host_org_cell                 ? 
_entity_src_gen.pdbx_host_org_organelle            ? 
_entity_src_gen.pdbx_host_org_cellular_location    ? 
_entity_src_gen.pdbx_host_org_vector_type          PLASMID 
_entity_src_gen.pdbx_host_org_vector               ? 
_entity_src_gen.host_org_details                   ? 
_entity_src_gen.expression_system_id               ? 
_entity_src_gen.plasmid_name                       pDEST15 
_entity_src_gen.plasmid_details                    ? 
_entity_src_gen.pdbx_description                   ? 
# 
loop_
_chem_comp.id 
_chem_comp.type 
_chem_comp.mon_nstd_flag 
_chem_comp.name 
_chem_comp.pdbx_synonyms 
_chem_comp.formula 
_chem_comp.formula_weight 
ALA 'L-peptide linking' y ALANINE         ? 'C3 H7 N O2'     89.093  
ARG 'L-peptide linking' y ARGININE        ? 'C6 H15 N4 O2 1' 175.209 
ASN 'L-peptide linking' y ASPARAGINE      ? 'C4 H8 N2 O3'    132.118 
ASP 'L-peptide linking' y 'ASPARTIC ACID' ? 'C4 H7 N O4'     133.103 
CA  non-polymer         . 'CALCIUM ION'   ? 'Ca 2'           40.078  
GLN 'L-peptide linking' y GLUTAMINE       ? 'C5 H10 N2 O3'   146.144 
GLU 'L-peptide linking' y 'GLUTAMIC ACID' ? 'C5 H9 N O4'     147.129 
GLY 'peptide linking'   y GLYCINE         ? 'C2 H5 N O2'     75.067  
HIS 'L-peptide linking' y HISTIDINE       ? 'C6 H10 N3 O2 1' 156.162 
HOH non-polymer         . WATER           ? 'H2 O'           18.015  
ILE 'L-peptide linking' y ISOLEUCINE      ? 'C6 H13 N O2'    131.173 
LEU 'L-peptide linking' y LEUCINE         ? 'C6 H13 N O2'    131.173 
LYS 'L-peptide linking' y LYSINE          ? 'C6 H15 N2 O2 1' 147.195 
MET 'L-peptide linking' y METHIONINE      ? 'C5 H11 N O2 S'  149.211 
PHE 'L-peptide linking' y PHENYLALANINE   ? 'C9 H11 N O2'    165.189 
PRO 'L-peptide linking' y PROLINE         ? 'C5 H9 N O2'     115.130 
SER 'L-peptide linking' y SERINE          ? 'C3 H7 N O3'     105.093 
THR 'L-peptide linking' y THREONINE       ? 'C4 H9 N O3'     119.119 
TRP 'L-peptide linking' y TRYPTOPHAN      ? 'C11 H12 N2 O2'  204.225 
TYR 'L-peptide linking' y TYROSINE        ? 'C9 H11 N O3'    181.189 
VAL 'L-peptide linking' y VALINE          ? 'C5 H11 N O2'    117.146 
# 
loop_
_pdbx_poly_seq_scheme.asym_id 
_pdbx_poly_seq_scheme.entity_id 
_pdbx_poly_seq_scheme.seq_id 
_pdbx_poly_seq_scheme.mon_id 
_pdbx_poly_seq_scheme.ndb_seq_num 
_pdbx_poly_seq_scheme.pdb_seq_num 
_pdbx_poly_seq_scheme.auth_seq_num 
_pdbx_poly_seq_scheme.pdb_mon_id 
_pdbx_poly_seq_scheme.auth_mon_id 
_pdbx_poly_seq_scheme.pdb_strand_id 
_pdbx_poly_seq_scheme.pdb_ins_code 
_pdbx_poly_seq_scheme.hetero 
A 1 1   ASP 1   32  32  ASP ASP A . n 
A 1 2   PRO 2   33  33  PRO PRO A . n 
A 1 3   GLU 3   34  34  GLU GLU A . n 
A 1 4   LEU 4   35  35  LEU LEU A . n 
A 1 5   LEU 5   36  36  LEU LEU A . n 
A 1 6   ALA 6   37  37  ALA ALA A . n 
A 1 7   ARG 7   38  38  ARG ARG A . n 
A 1 8   ASP 8   39  39  ASP ASP A . n 
A 1 9   THR 9   40  40  THR THR A . n 
A 1 10  VAL 10  41  41  VAL VAL A . n 
A 1 11  PHE 11  42  42  PHE PHE A . n 
A 1 12  SER 12  43  43  SER SER A . n 
A 1 13  VAL 13  44  44  VAL VAL A . n 
A 1 14  SER 14  45  45  SER SER A . n 
A 1 15  GLU 15  46  46  GLU GLU A . n 
A 1 16  ILE 16  47  47  ILE ILE A . n 
A 1 17  GLU 17  48  48  GLU GLU A . n 
A 1 18  ALA 18  49  49  ALA ALA A . n 
A 1 19  LEU 19  50  50  LEU LEU A . n 
A 1 20  TYR 20  51  51  TYR TYR A . n 
A 1 21  GLU 21  52  52  GLU GLU A . n 
A 1 22  LEU 22  53  53  LEU LEU A . n 
A 1 23  PHE 23  54  54  PHE PHE A . n 
A 1 24  LYS 24  55  55  LYS LYS A . n 
A 1 25  LYS 25  56  56  LYS LYS A . n 
A 1 26  ILE 26  57  57  ILE ILE A . n 
A 1 27  SER 27  58  58  SER SER A . n 
A 1 28  SER 28  59  59  SER SER A . n 
A 1 29  ALA 29  60  60  ALA ALA A . n 
A 1 30  VAL 30  61  61  VAL VAL A . n 
A 1 31  ILE 31  62  62  ILE ILE A . n 
A 1 32  ASP 32  63  63  ASP ASP A . n 
A 1 33  ASP 33  64  64  ASP ASP A . n 
A 1 34  GLY 34  65  65  GLY GLY A . n 
A 1 35  LEU 35  66  66  LEU LEU A . n 
A 1 36  ILE 36  67  67  ILE ILE A . n 
A 1 37  ASN 37  68  68  ASN ASN A . n 
A 1 38  LYS 38  69  69  LYS LYS A . n 
A 1 39  GLU 39  70  70  GLU GLU A . n 
A 1 40  GLU 40  71  71  GLU GLU A . n 
A 1 41  PHE 41  72  72  PHE PHE A . n 
A 1 42  GLN 42  73  73  GLN GLN A . n 
A 1 43  LEU 43  74  74  LEU LEU A . n 
A 1 44  ALA 44  75  75  ALA ALA A . n 
A 1 45  LEU 45  76  76  LEU LEU A . n 
A 1 46  PHE 46  77  77  PHE PHE A . n 
A 1 47  LYS 47  78  78  LYS LYS A . n 
A 1 48  THR 48  79  79  THR THR A . n 
A 1 49  ASN 49  80  80  ASN ASN A . n 
A 1 50  LYS 50  81  81  LYS LYS A . n 
A 1 51  LYS 51  82  82  LYS LYS A . n 
A 1 52  GLU 52  83  83  GLU GLU A . n 
A 1 53  SER 53  84  84  SER SER A . n 
A 1 54  LEU 54  85  85  LEU LEU A . n 
A 1 55  PHE 55  86  86  PHE PHE A . n 
A 1 56  ALA 56  87  87  ALA ALA A . n 
A 1 57  ASP 57  88  88  ASP ASP A . n 
A 1 58  ARG 58  89  89  ARG ARG A . n 
A 1 59  VAL 59  90  90  VAL VAL A . n 
A 1 60  PHE 60  91  91  PHE PHE A . n 
A 1 61  ASP 61  92  92  ASP ASP A . n 
A 1 62  LEU 62  93  93  LEU LEU A . n 
A 1 63  PHE 63  94  94  PHE PHE A . n 
A 1 64  ASP 64  95  95  ASP ASP A . n 
A 1 65  THR 65  96  96  THR THR A . n 
A 1 66  LYS 66  97  97  LYS LYS A . n 
A 1 67  HIS 67  98  98  HIS HIS A . n 
A 1 68  ASN 68  99  99  ASN ASN A . n 
A 1 69  GLY 69  100 100 GLY GLY A . n 
A 1 70  ILE 70  101 101 ILE ILE A . n 
A 1 71  LEU 71  102 102 LEU LEU A . n 
A 1 72  GLY 72  103 103 GLY GLY A . n 
A 1 73  PHE 73  104 104 PHE PHE A . n 
A 1 74  GLU 74  105 105 GLU GLU A . n 
A 1 75  GLU 75  106 106 GLU GLU A . n 
A 1 76  PHE 76  107 107 PHE PHE A . n 
A 1 77  ALA 77  108 108 ALA ALA A . n 
A 1 78  ARG 78  109 109 ARG ARG A . n 
A 1 79  ALA 79  110 110 ALA ALA A . n 
A 1 80  LEU 80  111 111 LEU LEU A . n 
A 1 81  SER 81  112 112 SER SER A . n 
A 1 82  VAL 82  113 113 VAL VAL A . n 
A 1 83  PHE 83  114 114 PHE PHE A . n 
A 1 84  HIS 84  115 115 HIS HIS A . n 
A 1 85  PRO 85  116 116 PRO PRO A . n 
A 1 86  ASN 86  117 117 ASN ASN A . n 
A 1 87  ALA 87  118 118 ALA ALA A . n 
A 1 88  PRO 88  119 119 PRO PRO A . n 
A 1 89  ILE 89  120 120 ILE ILE A . n 
A 1 90  ASP 90  121 121 ASP ASP A . n 
A 1 91  ASP 91  122 122 ASP ASP A . n 
A 1 92  LYS 92  123 123 LYS LYS A . n 
A 1 93  ILE 93  124 124 ILE ILE A . n 
A 1 94  HIS 94  125 125 HIS HIS A . n 
A 1 95  PHE 95  126 126 PHE PHE A . n 
A 1 96  SER 96  127 127 SER SER A . n 
A 1 97  PHE 97  128 128 PHE PHE A . n 
A 1 98  GLN 98  129 129 GLN GLN A . n 
A 1 99  LEU 99  130 130 LEU LEU A . n 
A 1 100 TYR 100 131 131 TYR TYR A . n 
A 1 101 ASP 101 132 132 ASP ASP A . n 
A 1 102 LEU 102 133 133 LEU LEU A . n 
A 1 103 LYS 103 134 134 LYS LYS A . n 
A 1 104 GLN 104 135 135 GLN GLN A . n 
A 1 105 GLN 105 136 136 GLN GLN A . n 
A 1 106 GLY 106 137 137 GLY GLY A . n 
A 1 107 PHE 107 138 138 PHE PHE A . n 
A 1 108 ILE 108 139 139 ILE ILE A . n 
A 1 109 GLU 109 140 140 GLU GLU A . n 
A 1 110 ARG 110 141 141 ARG ARG A . n 
A 1 111 GLN 111 142 142 GLN GLN A . n 
A 1 112 GLU 112 143 143 GLU GLU A . n 
A 1 113 VAL 113 144 144 VAL VAL A . n 
A 1 114 LYS 114 145 145 LYS LYS A . n 
A 1 115 GLN 115 146 146 GLN GLN A . n 
A 1 116 MET 116 147 147 MET MET A . n 
A 1 117 VAL 117 148 148 VAL VAL A . n 
A 1 118 VAL 118 149 149 VAL VAL A . n 
A 1 119 ALA 119 150 150 ALA ALA A . n 
A 1 120 THR 120 151 151 THR THR A . n 
A 1 121 LEU 121 152 152 LEU LEU A . n 
A 1 122 ALA 122 153 153 ALA ALA A . n 
A 1 123 GLU 123 154 154 GLU GLU A . n 
A 1 124 SER 124 155 155 SER SER A . n 
A 1 125 GLY 125 156 156 GLY GLY A . n 
A 1 126 MET 126 157 157 MET MET A . n 
A 1 127 ASN 127 158 158 ASN ASN A . n 
A 1 128 LEU 128 159 159 LEU LEU A . n 
A 1 129 LYS 129 160 160 LYS LYS A . n 
A 1 130 ASP 130 161 161 ASP ASP A . n 
A 1 131 THR 131 162 162 THR THR A . n 
A 1 132 VAL 132 163 163 VAL VAL A . n 
A 1 133 ILE 133 164 164 ILE ILE A . n 
A 1 134 GLU 134 165 165 GLU GLU A . n 
A 1 135 ASP 135 166 166 ASP ASP A . n 
A 1 136 ILE 136 167 167 ILE ILE A . n 
A 1 137 ILE 137 168 168 ILE ILE A . n 
A 1 138 ASP 138 169 169 ASP ASP A . n 
A 1 139 LYS 139 170 170 LYS LYS A . n 
A 1 140 THR 140 171 171 THR THR A . n 
A 1 141 PHE 141 172 172 PHE PHE A . n 
A 1 142 GLU 142 173 173 GLU GLU A . n 
A 1 143 GLU 143 174 174 GLU GLU A . n 
A 1 144 ALA 144 175 175 ALA ALA A . n 
A 1 145 ASP 145 176 176 ASP ASP A . n 
A 1 146 THR 146 177 177 THR THR A . n 
A 1 147 LYS 147 178 178 LYS LYS A . n 
A 1 148 HIS 148 179 179 HIS HIS A . n 
A 1 149 ASP 149 180 180 ASP ASP A . n 
A 1 150 GLY 150 181 181 GLY GLY A . n 
A 1 151 LYS 151 182 182 LYS LYS A . n 
A 1 152 ILE 152 183 183 ILE ILE A . n 
A 1 153 ASP 153 184 184 ASP ASP A . n 
A 1 154 LYS 154 185 185 LYS LYS A . n 
A 1 155 GLU 155 186 186 GLU GLU A . n 
A 1 156 GLU 156 187 187 GLU GLU A . n 
A 1 157 TRP 157 188 188 TRP TRP A . n 
A 1 158 ARG 158 189 189 ARG ARG A . n 
A 1 159 SER 159 190 190 SER SER A . n 
A 1 160 LEU 160 191 191 LEU LEU A . n 
A 1 161 VAL 161 192 192 VAL VAL A . n 
A 1 162 LEU 162 193 193 LEU LEU A . n 
A 1 163 ARG 163 194 194 ARG ARG A . n 
A 1 164 HIS 164 195 195 HIS HIS A . n 
A 1 165 PRO 165 196 196 PRO PRO A . n 
A 1 166 SER 166 197 197 SER SER A . n 
A 1 167 LEU 167 198 198 LEU LEU A . n 
A 1 168 LEU 168 199 199 LEU LEU A . n 
A 1 169 LYS 169 200 200 LYS LYS A . n 
A 1 170 ASN 170 201 201 ASN ASN A . n 
A 1 171 MET 171 202 202 MET MET A . n 
A 1 172 THR 172 203 203 THR THR A . n 
A 1 173 LEU 173 204 204 LEU LEU A . n 
A 1 174 GLN 174 205 205 GLN GLN A . n 
A 1 175 TYR 175 206 206 TYR TYR A . n 
A 1 176 LEU 176 207 207 LEU LEU A . n 
A 1 177 LYS 177 208 208 LYS LYS A . n 
A 1 178 ASP 178 209 209 ASP ASP A . n 
A 1 179 ILE 179 210 210 ILE ILE A . n 
A 1 180 THR 180 211 211 THR THR A . n 
A 1 181 THR 181 212 212 THR THR A . n 
A 1 182 THR 182 213 213 THR THR A . n 
A 1 183 PHE 183 214 214 PHE PHE A . n 
A 1 184 PRO 184 215 215 PRO PRO A . n 
A 1 185 SER 185 216 216 SER SER A . n 
A 1 186 PHE 186 217 217 PHE PHE A . n 
A 1 187 VAL 187 218 218 VAL VAL A . n 
A 1 188 PHE 188 219 219 PHE PHE A . n 
A 1 189 HIS 189 220 220 HIS HIS A . n 
# 
loop_
_pdbx_nonpoly_scheme.asym_id 
_pdbx_nonpoly_scheme.entity_id 
_pdbx_nonpoly_scheme.mon_id 
_pdbx_nonpoly_scheme.ndb_seq_num 
_pdbx_nonpoly_scheme.pdb_seq_num 
_pdbx_nonpoly_scheme.auth_seq_num 
_pdbx_nonpoly_scheme.pdb_mon_id 
_pdbx_nonpoly_scheme.auth_mon_id 
_pdbx_nonpoly_scheme.pdb_strand_id 
_pdbx_nonpoly_scheme.pdb_ins_code 
B 2 CA  1   500 500 CA  CA  A . 
C 2 CA  1   501 501 CA  CA  A . 
D 3 HOH 1   502 1   HOH HOH A . 
D 3 HOH 2   503 2   HOH HOH A . 
D 3 HOH 3   504 3   HOH HOH A . 
D 3 HOH 4   505 4   HOH HOH A . 
D 3 HOH 5   506 5   HOH HOH A . 
D 3 HOH 6   507 6   HOH HOH A . 
D 3 HOH 7   508 7   HOH HOH A . 
D 3 HOH 8   509 8   HOH HOH A . 
D 3 HOH 9   510 9   HOH HOH A . 
D 3 HOH 10  511 10  HOH HOH A . 
D 3 HOH 11  512 11  HOH HOH A . 
D 3 HOH 12  513 12  HOH HOH A . 
D 3 HOH 13  514 13  HOH HOH A . 
D 3 HOH 14  515 14  HOH HOH A . 
D 3 HOH 15  516 15  HOH HOH A . 
D 3 HOH 16  517 16  HOH HOH A . 
D 3 HOH 17  518 17  HOH HOH A . 
D 3 HOH 18  519 18  HOH HOH A . 
D 3 HOH 19  520 19  HOH HOH A . 
D 3 HOH 20  521 20  HOH HOH A . 
D 3 HOH 21  522 21  HOH HOH A . 
D 3 HOH 22  523 22  HOH HOH A . 
D 3 HOH 23  524 23  HOH HOH A . 
D 3 HOH 24  525 24  HOH HOH A . 
D 3 HOH 25  526 25  HOH HOH A . 
D 3 HOH 26  527 26  HOH HOH A . 
D 3 HOH 27  528 27  HOH HOH A . 
D 3 HOH 28  529 28  HOH HOH A . 
D 3 HOH 29  530 29  HOH HOH A . 
D 3 HOH 30  531 30  HOH HOH A . 
D 3 HOH 31  532 31  HOH HOH A . 
D 3 HOH 32  533 32  HOH HOH A . 
D 3 HOH 33  534 33  HOH HOH A . 
D 3 HOH 34  535 34  HOH HOH A . 
D 3 HOH 35  536 35  HOH HOH A . 
D 3 HOH 36  537 36  HOH HOH A . 
D 3 HOH 37  538 37  HOH HOH A . 
D 3 HOH 38  539 38  HOH HOH A . 
D 3 HOH 39  540 39  HOH HOH A . 
D 3 HOH 40  541 40  HOH HOH A . 
D 3 HOH 41  542 41  HOH HOH A . 
D 3 HOH 42  543 42  HOH HOH A . 
D 3 HOH 43  544 43  HOH HOH A . 
D 3 HOH 44  545 44  HOH HOH A . 
D 3 HOH 45  546 45  HOH HOH A . 
D 3 HOH 46  547 46  HOH HOH A . 
D 3 HOH 47  548 47  HOH HOH A . 
D 3 HOH 48  549 48  HOH HOH A . 
D 3 HOH 49  550 49  HOH HOH A . 
D 3 HOH 50  551 50  HOH HOH A . 
D 3 HOH 51  552 51  HOH HOH A . 
D 3 HOH 52  553 52  HOH HOH A . 
D 3 HOH 53  554 53  HOH HOH A . 
D 3 HOH 54  555 54  HOH HOH A . 
D 3 HOH 55  556 55  HOH HOH A . 
D 3 HOH 56  557 56  HOH HOH A . 
D 3 HOH 57  558 57  HOH HOH A . 
D 3 HOH 58  559 58  HOH HOH A . 
D 3 HOH 59  560 59  HOH HOH A . 
D 3 HOH 60  561 60  HOH HOH A . 
D 3 HOH 61  562 61  HOH HOH A . 
D 3 HOH 62  563 62  HOH HOH A . 
D 3 HOH 63  564 63  HOH HOH A . 
D 3 HOH 64  565 64  HOH HOH A . 
D 3 HOH 65  566 65  HOH HOH A . 
D 3 HOH 66  567 66  HOH HOH A . 
D 3 HOH 67  568 67  HOH HOH A . 
D 3 HOH 68  569 68  HOH HOH A . 
D 3 HOH 69  570 69  HOH HOH A . 
D 3 HOH 70  571 70  HOH HOH A . 
D 3 HOH 71  572 71  HOH HOH A . 
D 3 HOH 72  573 72  HOH HOH A . 
D 3 HOH 73  574 73  HOH HOH A . 
D 3 HOH 74  575 74  HOH HOH A . 
D 3 HOH 75  576 75  HOH HOH A . 
D 3 HOH 76  577 76  HOH HOH A . 
D 3 HOH 77  578 77  HOH HOH A . 
D 3 HOH 78  579 78  HOH HOH A . 
D 3 HOH 79  580 79  HOH HOH A . 
D 3 HOH 80  581 80  HOH HOH A . 
D 3 HOH 81  582 81  HOH HOH A . 
D 3 HOH 82  583 82  HOH HOH A . 
D 3 HOH 83  584 83  HOH HOH A . 
D 3 HOH 84  585 84  HOH HOH A . 
D 3 HOH 85  586 85  HOH HOH A . 
D 3 HOH 86  587 86  HOH HOH A . 
D 3 HOH 87  588 87  HOH HOH A . 
D 3 HOH 88  589 88  HOH HOH A . 
D 3 HOH 89  590 89  HOH HOH A . 
D 3 HOH 90  591 90  HOH HOH A . 
D 3 HOH 91  592 91  HOH HOH A . 
D 3 HOH 92  593 92  HOH HOH A . 
D 3 HOH 93  594 93  HOH HOH A . 
D 3 HOH 94  595 94  HOH HOH A . 
D 3 HOH 95  596 95  HOH HOH A . 
D 3 HOH 96  597 96  HOH HOH A . 
D 3 HOH 97  598 97  HOH HOH A . 
D 3 HOH 98  599 98  HOH HOH A . 
D 3 HOH 99  600 99  HOH HOH A . 
D 3 HOH 100 601 100 HOH HOH A . 
D 3 HOH 101 602 101 HOH HOH A . 
D 3 HOH 102 603 102 HOH HOH A . 
D 3 HOH 103 604 103 HOH HOH A . 
D 3 HOH 104 605 104 HOH HOH A . 
D 3 HOH 105 606 105 HOH HOH A . 
D 3 HOH 106 607 106 HOH HOH A . 
D 3 HOH 107 608 107 HOH HOH A . 
D 3 HOH 108 609 108 HOH HOH A . 
D 3 HOH 109 610 109 HOH HOH A . 
D 3 HOH 110 611 110 HOH HOH A . 
D 3 HOH 111 612 111 HOH HOH A . 
D 3 HOH 112 613 112 HOH HOH A . 
D 3 HOH 113 614 113 HOH HOH A . 
D 3 HOH 114 615 114 HOH HOH A . 
D 3 HOH 115 616 115 HOH HOH A . 
D 3 HOH 116 617 116 HOH HOH A . 
D 3 HOH 117 618 117 HOH HOH A . 
D 3 HOH 118 619 118 HOH HOH A . 
D 3 HOH 119 620 119 HOH HOH A . 
D 3 HOH 120 621 120 HOH HOH A . 
D 3 HOH 121 622 121 HOH HOH A . 
D 3 HOH 122 623 122 HOH HOH A . 
D 3 HOH 123 624 123 HOH HOH A . 
D 3 HOH 124 625 124 HOH HOH A . 
D 3 HOH 125 626 125 HOH HOH A . 
D 3 HOH 126 627 126 HOH HOH A . 
D 3 HOH 127 628 127 HOH HOH A . 
D 3 HOH 128 629 128 HOH HOH A . 
D 3 HOH 129 630 129 HOH HOH A . 
D 3 HOH 130 631 130 HOH HOH A . 
D 3 HOH 131 632 131 HOH HOH A . 
D 3 HOH 132 633 132 HOH HOH A . 
D 3 HOH 133 634 133 HOH HOH A . 
D 3 HOH 134 635 134 HOH HOH A . 
D 3 HOH 135 636 135 HOH HOH A . 
D 3 HOH 136 637 136 HOH HOH A . 
D 3 HOH 137 638 137 HOH HOH A . 
D 3 HOH 138 639 138 HOH HOH A . 
# 
loop_
_pdbx_unobs_or_zero_occ_atoms.id 
_pdbx_unobs_or_zero_occ_atoms.PDB_model_num 
_pdbx_unobs_or_zero_occ_atoms.polymer_flag 
_pdbx_unobs_or_zero_occ_atoms.occupancy_flag 
_pdbx_unobs_or_zero_occ_atoms.auth_asym_id 
_pdbx_unobs_or_zero_occ_atoms.auth_comp_id 
_pdbx_unobs_or_zero_occ_atoms.auth_seq_id 
_pdbx_unobs_or_zero_occ_atoms.PDB_ins_code 
_pdbx_unobs_or_zero_occ_atoms.auth_atom_id 
_pdbx_unobs_or_zero_occ_atoms.label_alt_id 
_pdbx_unobs_or_zero_occ_atoms.label_asym_id 
_pdbx_unobs_or_zero_occ_atoms.label_comp_id 
_pdbx_unobs_or_zero_occ_atoms.label_seq_id 
_pdbx_unobs_or_zero_occ_atoms.label_atom_id 
1  1 Y 1 A ASP 32  ? CG  ? A ASP 1   CG  
2  1 Y 1 A ASP 32  ? OD1 ? A ASP 1   OD1 
3  1 Y 1 A ASP 32  ? OD2 ? A ASP 1   OD2 
4  1 Y 0 A GLU 34  ? CG  ? A GLU 3   CG  
5  1 Y 0 A GLU 34  ? CD  ? A GLU 3   CD  
6  1 Y 0 A GLU 34  ? OE1 ? A GLU 3   OE1 
7  1 Y 0 A GLU 34  ? OE2 ? A GLU 3   OE2 
8  1 Y 0 A LYS 81  ? CG  ? A LYS 50  CG  
9  1 Y 0 A LYS 81  ? CD  ? A LYS 50  CD  
10 1 Y 0 A LYS 81  ? CE  ? A LYS 50  CE  
11 1 Y 0 A LYS 81  ? NZ  ? A LYS 50  NZ  
12 1 Y 0 A LYS 82  ? CG  ? A LYS 51  CG  
13 1 Y 0 A LYS 82  ? CD  ? A LYS 51  CD  
14 1 Y 0 A LYS 82  ? CE  ? A LYS 51  CE  
15 1 Y 0 A LYS 82  ? NZ  ? A LYS 51  NZ  
16 1 Y 0 A GLN 135 ? CG  ? A GLN 104 CG  
17 1 Y 0 A GLN 135 ? CD  ? A GLN 104 CD  
18 1 Y 0 A GLN 135 ? OE1 ? A GLN 104 OE1 
19 1 Y 0 A GLN 135 ? NE2 ? A GLN 104 NE2 
20 1 Y 0 A LYS 160 ? CG  ? A LYS 129 CG  
21 1 Y 0 A LYS 160 ? CD  ? A LYS 129 CD  
22 1 Y 0 A LYS 160 ? CE  ? A LYS 129 CE  
23 1 Y 0 A LYS 160 ? NZ  ? A LYS 129 NZ  
24 1 Y 0 A LYS 185 ? CG  ? A LYS 154 CG  
25 1 Y 0 A LYS 185 ? CD  ? A LYS 154 CD  
26 1 Y 0 A LYS 185 ? CE  ? A LYS 154 CE  
27 1 Y 0 A LYS 185 ? NZ  ? A LYS 154 NZ  
# 
loop_
_software.name 
_software.classification 
_software.version 
_software.citation_id 
_software.pdbx_ordinal 
Crystal      'data collection' Clear          ? 1 
Crystal      'data reduction'  Clear          ? 2 
SOLVE        phasing           .              ? 3 
REFMAC       refinement        5.1.27         ? 4 
CrystalClear 'data reduction'  '(MSC/RIGAKU)' ? 5 
CrystalClear 'data scaling'    '(MSC/RIGAKU)' ? 6 
# 
_cell.entry_id           1UHN 
_cell.length_a           83.9 
_cell.length_b           118.1 
_cell.length_c           49.1 
_cell.angle_alpha        90 
_cell.angle_beta         90 
_cell.angle_gamma        90 
_cell.pdbx_unique_axis   ? 
_cell.Z_PDB              8 
# 
_symmetry.entry_id                         1UHN 
_symmetry.space_group_name_H-M             'C 2 2 21' 
_symmetry.pdbx_full_space_group_name_H-M   ? 
_symmetry.Int_Tables_number                20 
_symmetry.cell_setting                     ? 
# 
_exptl.entry_id          1UHN 
_exptl.method            'X-RAY DIFFRACTION' 
_exptl.crystals_number   1 
# 
_exptl_crystal.id                    1 
_exptl_crystal.density_meas          ? 
_exptl_crystal.density_Matthews      2.58 
_exptl_crystal.density_percent_sol   51.97 
_exptl_crystal.description           ? 
# 
_exptl_crystal_grow.crystal_id      1 
_exptl_crystal_grow.method          'VAPOR DIFFUSION, HANGING DROP' 
_exptl_crystal_grow.temp            293 
_exptl_crystal_grow.temp_details    ? 
_exptl_crystal_grow.pH              6.0 
_exptl_crystal_grow.pdbx_details    
'PEG 8000, lithium chloride, MES, calcium chloride, pH 6.0, VAPOR DIFFUSION, HANGING DROP, temperature 293K' 
_exptl_crystal_grow.pdbx_pH_range   . 
# 
_diffrn.id                     1 
_diffrn.ambient_temp           100.0 
_diffrn.ambient_temp_details   ? 
_diffrn.crystal_id             1 
# 
_diffrn_detector.diffrn_id              1 
_diffrn_detector.detector               CCD 
_diffrn_detector.type                   'RIGAKU JUPITER 210' 
_diffrn_detector.pdbx_collection_date   2002-09-28 
_diffrn_detector.details                ? 
# 
_diffrn_radiation.diffrn_id                        1 
_diffrn_radiation.wavelength_id                    1 
_diffrn_radiation.pdbx_monochromatic_or_laue_m_l   M 
_diffrn_radiation.monochromator                    ? 
_diffrn_radiation.pdbx_diffrn_protocol             'SINGLE WAVELENGTH' 
_diffrn_radiation.pdbx_scattering_type             x-ray 
# 
_diffrn_radiation_wavelength.id           1 
_diffrn_radiation_wavelength.wavelength   1.02 
_diffrn_radiation_wavelength.wt           1.0 
# 
_diffrn_source.diffrn_id                   1 
_diffrn_source.source                      SYNCHROTRON 
_diffrn_source.type                        'SPRING-8 BEAMLINE BL45XU' 
_diffrn_source.pdbx_synchrotron_site       SPring-8 
_diffrn_source.pdbx_synchrotron_beamline   BL45XU 
_diffrn_source.pdbx_wavelength             ? 
_diffrn_source.pdbx_wavelength_list        1.02 
# 
_reflns.entry_id                     1UHN 
_reflns.observed_criterion_sigma_F   0.0 
_reflns.observed_criterion_sigma_I   0.0 
_reflns.d_resolution_high            2.1 
_reflns.d_resolution_low             39.9 
_reflns.number_all                   14399 
_reflns.number_obs                   14399 
_reflns.percent_possible_obs         98.0 
_reflns.pdbx_Rmerge_I_obs            0.055 
_reflns.pdbx_Rsym_value              ? 
_reflns.pdbx_netI_over_sigmaI        8.5 
_reflns.B_iso_Wilson_estimate        39.1 
_reflns.pdbx_redundancy              5.6 
_reflns.R_free_details               ? 
_reflns.limit_h_max                  ? 
_reflns.limit_h_min                  ? 
_reflns.limit_k_max                  ? 
_reflns.limit_k_min                  ? 
_reflns.limit_l_max                  ? 
_reflns.limit_l_min                  ? 
_reflns.observed_criterion_F_max     ? 
_reflns.observed_criterion_F_min     ? 
_reflns.pdbx_diffrn_id               1 
_reflns.pdbx_ordinal                 1 
# 
_reflns_shell.d_res_high             2.10 
_reflns_shell.d_res_low              2.17 
_reflns_shell.percent_possible_all   96.3 
_reflns_shell.Rmerge_I_obs           0.266 
_reflns_shell.pdbx_Rsym_value        ? 
_reflns_shell.meanI_over_sigI_obs    1.9 
_reflns_shell.pdbx_redundancy        5.3 
_reflns_shell.percent_possible_obs   ? 
_reflns_shell.number_unique_all      7568 
_reflns_shell.pdbx_diffrn_id         ? 
_reflns_shell.pdbx_ordinal           1 
# 
_refine.entry_id                                 1UHN 
_refine.ls_d_res_high                            2.1 
_refine.ls_d_res_low                             39.8 
_refine.pdbx_ls_sigma_F                          0.0 
_refine.pdbx_ls_sigma_I                          0.0 
_refine.ls_number_reflns_all                     14548 
_refine.ls_number_reflns_obs                     13665 
_refine.ls_number_reflns_R_free                  732 
_refine.ls_percent_reflns_obs                    100.0 
_refine.ls_R_factor_all                          0.206 
_refine.ls_R_factor_obs                          0.206 
_refine.ls_R_factor_R_work                       0.204 
_refine.ls_R_factor_R_free                       0.248 
_refine.ls_redundancy_reflns_obs                 ? 
_refine.pdbx_data_cutoff_high_absF               ? 
_refine.pdbx_data_cutoff_low_absF                ? 
_refine.ls_number_parameters                     ? 
_refine.ls_number_restraints                     ? 
_refine.ls_percent_reflns_R_free                 ? 
_refine.ls_R_factor_R_free_error                 ? 
_refine.ls_R_factor_R_free_error_details         ? 
_refine.pdbx_method_to_determine_struct          MIR 
_refine.pdbx_starting_model                      ? 
_refine.pdbx_ls_cross_valid_method               THROUGHOUT 
_refine.pdbx_R_Free_selection_details            random 
_refine.pdbx_stereochem_target_val_spec_case     ? 
_refine.pdbx_stereochemistry_target_values       'Engh & Huber' 
_refine.solvent_model_details                    ? 
_refine.solvent_model_param_bsol                 ? 
_refine.solvent_model_param_ksol                 ? 
_refine.occupancy_max                            ? 
_refine.occupancy_min                            ? 
_refine.pdbx_isotropic_thermal_model             isotropic 
_refine.B_iso_mean                               36.8 
_refine.aniso_B[1][1]                            0.13 
_refine.aniso_B[1][2]                            0.00 
_refine.aniso_B[1][3]                            0.00 
_refine.aniso_B[2][2]                            0.65 
_refine.aniso_B[2][3]                            0.00 
_refine.aniso_B[3][3]                            -0.78 
_refine.details                                  ? 
_refine.B_iso_min                                ? 
_refine.B_iso_max                                ? 
_refine.correlation_coeff_Fo_to_Fc               ? 
_refine.correlation_coeff_Fo_to_Fc_free          ? 
_refine.pdbx_solvent_vdw_probe_radii             ? 
_refine.pdbx_solvent_ion_probe_radii             ? 
_refine.pdbx_solvent_shrinkage_radii             ? 
_refine.overall_SU_R_Cruickshank_DPI             ? 
_refine.overall_SU_R_free                        ? 
_refine.overall_SU_B                             ? 
_refine.overall_SU_ML                            ? 
_refine.pdbx_overall_ESU_R                       ? 
_refine.pdbx_overall_ESU_R_Free                  ? 
_refine.pdbx_data_cutoff_high_rms_absF           ? 
_refine.pdbx_refine_id                           'X-RAY DIFFRACTION' 
_refine.pdbx_diffrn_id                           1 
_refine.pdbx_TLS_residual_ADP_flag               ? 
_refine.pdbx_overall_phase_error                 ? 
_refine.pdbx_overall_SU_R_free_Cruickshank_DPI   ? 
_refine.pdbx_overall_SU_R_Blow_DPI               ? 
_refine.pdbx_overall_SU_R_free_Blow_DPI          ? 
# 
_refine_analyze.entry_id                        1UHN 
_refine_analyze.Luzzati_coordinate_error_obs    0.212 
_refine_analyze.Luzzati_sigma_a_obs             0.133 
_refine_analyze.Luzzati_d_res_low_obs           ? 
_refine_analyze.Luzzati_coordinate_error_free   0.185 
_refine_analyze.Luzzati_sigma_a_free            ? 
_refine_analyze.Luzzati_d_res_low_free          ? 
_refine_analyze.number_disordered_residues      ? 
_refine_analyze.occupancy_sum_non_hydrogen      ? 
_refine_analyze.occupancy_sum_hydrogen          ? 
_refine_analyze.pdbx_Luzzati_d_res_high_obs     ? 
_refine_analyze.pdbx_refine_id                  'X-RAY DIFFRACTION' 
# 
_refine_hist.pdbx_refine_id                   'X-RAY DIFFRACTION' 
_refine_hist.cycle_id                         LAST 
_refine_hist.pdbx_number_atoms_protein        1544 
_refine_hist.pdbx_number_atoms_nucleic_acid   0 
_refine_hist.pdbx_number_atoms_ligand         2 
_refine_hist.number_atoms_solvent             138 
_refine_hist.number_atoms_total               1684 
_refine_hist.d_res_high                       2.1 
_refine_hist.d_res_low                        39.8 
# 
loop_
_refine_ls_restr.type 
_refine_ls_restr.dev_ideal 
_refine_ls_restr.dev_ideal_target 
_refine_ls_restr.weight 
_refine_ls_restr.number 
_refine_ls_restr.pdbx_refine_id 
_refine_ls_restr.pdbx_restraint_function 
r_bond_refined_d       0.013 ? ? ? 'X-RAY DIFFRACTION' ? 
r_angle_refined_deg    1.416 ? ? ? 'X-RAY DIFFRACTION' ? 
r_dihedral_angle_1_deg 5.211 ? ? ? 'X-RAY DIFFRACTION' ? 
# 
_refine_ls_shell.pdbx_total_number_of_bins_used   ? 
_refine_ls_shell.d_res_high                       2.1 
_refine_ls_shell.d_res_low                        2.18 
_refine_ls_shell.number_reflns_R_work             ? 
_refine_ls_shell.R_factor_R_work                  0.29 
_refine_ls_shell.percent_reflns_obs               ? 
_refine_ls_shell.R_factor_R_free                  0.37 
_refine_ls_shell.R_factor_R_free_error            ? 
_refine_ls_shell.percent_reflns_R_free            ? 
_refine_ls_shell.number_reflns_R_free             56 
_refine_ls_shell.number_reflns_obs                977 
_refine_ls_shell.redundancy_reflns_obs            ? 
_refine_ls_shell.number_reflns_all                ? 
_refine_ls_shell.pdbx_refine_id                   'X-RAY DIFFRACTION' 
_refine_ls_shell.R_factor_all                     ? 
# 
_struct.entry_id                  1UHN 
_struct.title                     'The crystal structure of the calcium binding protein AtCBL2 from Arabidopsis thaliana' 
_struct.pdbx_model_details        ? 
_struct.pdbx_CASP_flag            ? 
_struct.pdbx_model_type_details   ? 
# 
_struct_keywords.entry_id        1UHN 
_struct_keywords.pdbx_keywords   'METAL BINDING PROTEIN' 
_struct_keywords.text            'calcium binding protein, METAL BINDING PROTEIN' 
# 
loop_
_struct_asym.id 
_struct_asym.pdbx_blank_PDB_chainid_flag 
_struct_asym.pdbx_modified 
_struct_asym.entity_id 
_struct_asym.details 
A N N 1 ? 
B N N 2 ? 
C N N 2 ? 
D N N 3 ? 
# 
_struct_ref.id                         1 
_struct_ref.db_name                    UNP 
_struct_ref.db_code                    CNBL2_ARATH 
_struct_ref.pdbx_db_accession          Q8LAS7 
_struct_ref.entity_id                  1 
_struct_ref.pdbx_seq_one_letter_code   
;DPELLARDTVFSVSEIEALYELFKKISSAVIDDGLINKEEFQLALFKTNKKESLFADRVFDLFDTKHNGILGFEEFARAL
SVFHPNAPIDDKIHFSFQLYDLKQQGFIERQEVKQMVVATLAESGMNLKDTVIEDIIDKTFEEADTKHDGKIDKEEWRSL
VLRHPSLLKNMTLQYLKDITTTFPSFVFH
;
_struct_ref.pdbx_align_begin           32 
_struct_ref.pdbx_db_isoform            ? 
# 
_struct_ref_seq.align_id                      1 
_struct_ref_seq.ref_id                        1 
_struct_ref_seq.pdbx_PDB_id_code              1UHN 
_struct_ref_seq.pdbx_strand_id                A 
_struct_ref_seq.seq_align_beg                 1 
_struct_ref_seq.pdbx_seq_align_beg_ins_code   ? 
_struct_ref_seq.seq_align_end                 189 
_struct_ref_seq.pdbx_seq_align_end_ins_code   ? 
_struct_ref_seq.pdbx_db_accession             Q8LAS7 
_struct_ref_seq.db_align_beg                  32 
_struct_ref_seq.pdbx_db_align_beg_ins_code    ? 
_struct_ref_seq.db_align_end                  220 
_struct_ref_seq.pdbx_db_align_end_ins_code    ? 
_struct_ref_seq.pdbx_auth_seq_align_beg       32 
_struct_ref_seq.pdbx_auth_seq_align_end       220 
# 
_pdbx_struct_assembly.id                   1 
_pdbx_struct_assembly.details              author_defined_assembly 
_pdbx_struct_assembly.method_details       ? 
_pdbx_struct_assembly.oligomeric_details   monomeric 
_pdbx_struct_assembly.oligomeric_count     1 
# 
_pdbx_struct_assembly_gen.assembly_id       1 
_pdbx_struct_assembly_gen.oper_expression   1 
_pdbx_struct_assembly_gen.asym_id_list      A,B,C,D 
# 
_pdbx_struct_oper_list.id                   1 
_pdbx_struct_oper_list.type                 'identity operation' 
_pdbx_struct_oper_list.name                 1_555 
_pdbx_struct_oper_list.symmetry_operation   x,y,z 
_pdbx_struct_oper_list.matrix[1][1]         1.0000000000 
_pdbx_struct_oper_list.matrix[1][2]         0.0000000000 
_pdbx_struct_oper_list.matrix[1][3]         0.0000000000 
_pdbx_struct_oper_list.vector[1]            0.0000000000 
_pdbx_struct_oper_list.matrix[2][1]         0.0000000000 
_pdbx_struct_oper_list.matrix[2][2]         1.0000000000 
_pdbx_struct_oper_list.matrix[2][3]         0.0000000000 
_pdbx_struct_oper_list.vector[2]            0.0000000000 
_pdbx_struct_oper_list.matrix[3][1]         0.0000000000 
_pdbx_struct_oper_list.matrix[3][2]         0.0000000000 
_pdbx_struct_oper_list.matrix[3][3]         1.0000000000 
_pdbx_struct_oper_list.vector[3]            0.0000000000 
# 
_struct_biol.id                    1 
_struct_biol.pdbx_parent_biol_id   ? 
_struct_biol.details               ? 
# 
loop_
_struct_conf.conf_type_id 
_struct_conf.id 
_struct_conf.pdbx_PDB_helix_id 
_struct_conf.beg_label_comp_id 
_struct_conf.beg_label_asym_id 
_struct_conf.beg_label_seq_id 
_struct_conf.pdbx_beg_PDB_ins_code 
_struct_conf.end_label_comp_id 
_struct_conf.end_label_asym_id 
_struct_conf.end_label_seq_id 
_struct_conf.pdbx_end_PDB_ins_code 
_struct_conf.beg_auth_comp_id 
_struct_conf.beg_auth_asym_id 
_struct_conf.beg_auth_seq_id 
_struct_conf.end_auth_comp_id 
_struct_conf.end_auth_asym_id 
_struct_conf.end_auth_seq_id 
_struct_conf.pdbx_PDB_helix_class 
_struct_conf.details 
_struct_conf.pdbx_PDB_helix_length 
HELX_P HELX_P1  1  ASP A 1   ? THR A 9   ? ASP A 32  THR A 40  1 ? 9  
HELX_P HELX_P2  2  SER A 12  ? SER A 28  ? SER A 43  SER A 59  1 ? 17 
HELX_P HELX_P3  3  ASN A 37  ? LEU A 45  ? ASN A 68  LEU A 76  1 ? 9  
HELX_P HELX_P4  4  GLU A 52  ? ASP A 64  ? GLU A 83  ASP A 95  1 ? 13 
HELX_P HELX_P5  5  GLY A 72  ? VAL A 82  ? GLY A 103 VAL A 113 1 ? 11 
HELX_P HELX_P6  6  PRO A 88  ? ASP A 101 ? PRO A 119 ASP A 132 1 ? 14 
HELX_P HELX_P7  7  GLU A 109 ? SER A 124 ? GLU A 140 SER A 155 1 ? 16 
HELX_P HELX_P8  8  LYS A 129 ? ASP A 145 ? LYS A 160 ASP A 176 1 ? 17 
HELX_P HELX_P9  9  ASP A 153 ? HIS A 164 ? ASP A 184 HIS A 195 1 ? 12 
HELX_P HELX_P10 10 PRO A 165 ? THR A 172 ? PRO A 196 THR A 203 5 ? 8  
HELX_P HELX_P11 11 LEU A 173 ? ILE A 179 ? LEU A 204 ILE A 210 5 ? 7  
# 
_struct_conf_type.id          HELX_P 
_struct_conf_type.criteria    ? 
_struct_conf_type.reference   ? 
# 
loop_
_struct_conn.id 
_struct_conn.conn_type_id 
_struct_conn.pdbx_leaving_atom_flag 
_struct_conn.pdbx_PDB_id 
_struct_conn.ptnr1_label_asym_id 
_struct_conn.ptnr1_label_comp_id 
_struct_conn.ptnr1_label_seq_id 
_struct_conn.ptnr1_label_atom_id 
_struct_conn.pdbx_ptnr1_label_alt_id 
_struct_conn.pdbx_ptnr1_PDB_ins_code 
_struct_conn.pdbx_ptnr1_standard_comp_id 
_struct_conn.ptnr1_symmetry 
_struct_conn.ptnr2_label_asym_id 
_struct_conn.ptnr2_label_comp_id 
_struct_conn.ptnr2_label_seq_id 
_struct_conn.ptnr2_label_atom_id 
_struct_conn.pdbx_ptnr2_label_alt_id 
_struct_conn.pdbx_ptnr2_PDB_ins_code 
_struct_conn.ptnr1_auth_asym_id 
_struct_conn.ptnr1_auth_comp_id 
_struct_conn.ptnr1_auth_seq_id 
_struct_conn.ptnr2_auth_asym_id 
_struct_conn.ptnr2_auth_comp_id 
_struct_conn.ptnr2_auth_seq_id 
_struct_conn.ptnr2_symmetry 
_struct_conn.pdbx_ptnr3_label_atom_id 
_struct_conn.pdbx_ptnr3_label_seq_id 
_struct_conn.pdbx_ptnr3_label_comp_id 
_struct_conn.pdbx_ptnr3_label_asym_id 
_struct_conn.pdbx_ptnr3_label_alt_id 
_struct_conn.pdbx_ptnr3_PDB_ins_code 
_struct_conn.details 
_struct_conn.pdbx_dist_value 
_struct_conn.pdbx_value_order 
_struct_conn.pdbx_role 
metalc1  metalc ? ? A SER 27  O   ? ? ? 1_555 B CA  . CA ? ? A SER 58  A CA  500 1_555 ? ? ? ? ? ? ? 2.299 ? ? 
metalc2  metalc ? ? A ILE 31  O   ? ? ? 1_555 B CA  . CA ? ? A ILE 62  A CA  500 1_555 ? ? ? ? ? ? ? 2.428 ? ? 
metalc3  metalc ? ? A ASP 33  OD2 ? ? ? 1_555 B CA  . CA ? ? A ASP 64  A CA  500 1_555 ? ? ? ? ? ? ? 2.306 ? ? 
metalc4  metalc ? ? A LEU 35  O   ? ? ? 1_555 B CA  . CA ? ? A LEU 66  A CA  500 1_555 ? ? ? ? ? ? ? 2.355 ? ? 
metalc5  metalc ? ? A GLU 40  OE1 ? ? ? 1_555 B CA  . CA ? ? A GLU 71  A CA  500 1_555 ? ? ? ? ? ? ? 2.455 ? ? 
metalc6  metalc ? ? A GLU 40  OE2 ? ? ? 1_555 B CA  . CA ? ? A GLU 71  A CA  500 1_555 ? ? ? ? ? ? ? 2.556 ? ? 
metalc7  metalc ? ? A ASP 145 OD2 ? ? ? 1_555 C CA  . CA ? ? A ASP 176 A CA  501 1_555 ? ? ? ? ? ? ? 2.245 ? ? 
metalc8  metalc ? ? A LYS 147 O   ? ? ? 1_555 C CA  . CA ? ? A LYS 178 A CA  501 1_555 ? ? ? ? ? ? ? 2.461 ? ? 
metalc9  metalc ? ? A ASP 149 OD2 ? ? ? 1_555 C CA  . CA ? ? A ASP 180 A CA  501 1_555 ? ? ? ? ? ? ? 2.297 ? ? 
metalc10 metalc ? ? A LYS 151 O   ? ? ? 1_555 C CA  . CA ? ? A LYS 182 A CA  501 1_555 ? ? ? ? ? ? ? 2.324 ? ? 
metalc11 metalc ? ? A GLU 156 OE1 ? ? ? 1_555 C CA  . CA ? ? A GLU 187 A CA  501 1_555 ? ? ? ? ? ? ? 2.579 ? ? 
metalc12 metalc ? ? A GLU 156 OE2 ? ? ? 1_555 C CA  . CA ? ? A GLU 187 A CA  501 1_555 ? ? ? ? ? ? ? 2.520 ? ? 
metalc13 metalc ? ? B CA  .   CA  ? ? ? 1_555 D HOH . O  ? ? A CA  500 A HOH 514 1_555 ? ? ? ? ? ? ? 2.309 ? ? 
metalc14 metalc ? ? C CA  .   CA  ? ? ? 1_555 D HOH . O  ? ? A CA  501 A HOH 515 1_555 ? ? ? ? ? ? ? 2.061 ? ? 
# 
_struct_conn_type.id          metalc 
_struct_conn_type.criteria    ? 
_struct_conn_type.reference   ? 
# 
loop_
_pdbx_struct_conn_angle.id 
_pdbx_struct_conn_angle.ptnr1_label_atom_id 
_pdbx_struct_conn_angle.ptnr1_label_alt_id 
_pdbx_struct_conn_angle.ptnr1_label_asym_id 
_pdbx_struct_conn_angle.ptnr1_label_comp_id 
_pdbx_struct_conn_angle.ptnr1_label_seq_id 
_pdbx_struct_conn_angle.ptnr1_auth_atom_id 
_pdbx_struct_conn_angle.ptnr1_auth_asym_id 
_pdbx_struct_conn_angle.ptnr1_auth_comp_id 
_pdbx_struct_conn_angle.ptnr1_auth_seq_id 
_pdbx_struct_conn_angle.ptnr1_PDB_ins_code 
_pdbx_struct_conn_angle.ptnr1_symmetry 
_pdbx_struct_conn_angle.ptnr2_label_atom_id 
_pdbx_struct_conn_angle.ptnr2_label_alt_id 
_pdbx_struct_conn_angle.ptnr2_label_asym_id 
_pdbx_struct_conn_angle.ptnr2_label_comp_id 
_pdbx_struct_conn_angle.ptnr2_label_seq_id 
_pdbx_struct_conn_angle.ptnr2_auth_atom_id 
_pdbx_struct_conn_angle.ptnr2_auth_asym_id 
_pdbx_struct_conn_angle.ptnr2_auth_comp_id 
_pdbx_struct_conn_angle.ptnr2_auth_seq_id 
_pdbx_struct_conn_angle.ptnr2_PDB_ins_code 
_pdbx_struct_conn_angle.ptnr2_symmetry 
_pdbx_struct_conn_angle.ptnr3_label_atom_id 
_pdbx_struct_conn_angle.ptnr3_label_alt_id 
_pdbx_struct_conn_angle.ptnr3_label_asym_id 
_pdbx_struct_conn_angle.ptnr3_label_comp_id 
_pdbx_struct_conn_angle.ptnr3_label_seq_id 
_pdbx_struct_conn_angle.ptnr3_auth_atom_id 
_pdbx_struct_conn_angle.ptnr3_auth_asym_id 
_pdbx_struct_conn_angle.ptnr3_auth_comp_id 
_pdbx_struct_conn_angle.ptnr3_auth_seq_id 
_pdbx_struct_conn_angle.ptnr3_PDB_ins_code 
_pdbx_struct_conn_angle.ptnr3_symmetry 
_pdbx_struct_conn_angle.value 
_pdbx_struct_conn_angle.value_esd 
1  O   ? A SER 27  ? A SER 58  ? 1_555 CA ? B CA . ? A CA 500 ? 1_555 O   ? A ILE 31  ? A ILE 62  ? 1_555 78.9  ? 
2  O   ? A SER 27  ? A SER 58  ? 1_555 CA ? B CA . ? A CA 500 ? 1_555 OD2 ? A ASP 33  ? A ASP 64  ? 1_555 97.6  ? 
3  O   ? A ILE 31  ? A ILE 62  ? 1_555 CA ? B CA . ? A CA 500 ? 1_555 OD2 ? A ASP 33  ? A ASP 64  ? 1_555 75.9  ? 
4  O   ? A SER 27  ? A SER 58  ? 1_555 CA ? B CA . ? A CA 500 ? 1_555 O   ? A LEU 35  ? A LEU 66  ? 1_555 84.1  ? 
5  O   ? A ILE 31  ? A ILE 62  ? 1_555 CA ? B CA . ? A CA 500 ? 1_555 O   ? A LEU 35  ? A LEU 66  ? 1_555 147.6 ? 
6  OD2 ? A ASP 33  ? A ASP 64  ? 1_555 CA ? B CA . ? A CA 500 ? 1_555 O   ? A LEU 35  ? A LEU 66  ? 1_555 79.3  ? 
7  O   ? A SER 27  ? A SER 58  ? 1_555 CA ? B CA . ? A CA 500 ? 1_555 OE1 ? A GLU 40  ? A GLU 71  ? 1_555 96.9  ? 
8  O   ? A ILE 31  ? A ILE 62  ? 1_555 CA ? B CA . ? A CA 500 ? 1_555 OE1 ? A GLU 40  ? A GLU 71  ? 1_555 132.0 ? 
9  OD2 ? A ASP 33  ? A ASP 64  ? 1_555 CA ? B CA . ? A CA 500 ? 1_555 OE1 ? A GLU 40  ? A GLU 71  ? 1_555 150.7 ? 
10 O   ? A LEU 35  ? A LEU 66  ? 1_555 CA ? B CA . ? A CA 500 ? 1_555 OE1 ? A GLU 40  ? A GLU 71  ? 1_555 77.0  ? 
11 O   ? A SER 27  ? A SER 58  ? 1_555 CA ? B CA . ? A CA 500 ? 1_555 OE2 ? A GLU 40  ? A GLU 71  ? 1_555 81.3  ? 
12 O   ? A ILE 31  ? A ILE 62  ? 1_555 CA ? B CA . ? A CA 500 ? 1_555 OE2 ? A GLU 40  ? A GLU 71  ? 1_555 79.6  ? 
13 OD2 ? A ASP 33  ? A ASP 64  ? 1_555 CA ? B CA . ? A CA 500 ? 1_555 OE2 ? A GLU 40  ? A GLU 71  ? 1_555 155.3 ? 
14 O   ? A LEU 35  ? A LEU 66  ? 1_555 CA ? B CA . ? A CA 500 ? 1_555 OE2 ? A GLU 40  ? A GLU 71  ? 1_555 124.8 ? 
15 OE1 ? A GLU 40  ? A GLU 71  ? 1_555 CA ? B CA . ? A CA 500 ? 1_555 OE2 ? A GLU 40  ? A GLU 71  ? 1_555 52.7  ? 
16 O   ? A SER 27  ? A SER 58  ? 1_555 CA ? B CA . ? A CA 500 ? 1_555 O   ? D HOH .   ? A HOH 514 ? 1_555 177.5 ? 
17 O   ? A ILE 31  ? A ILE 62  ? 1_555 CA ? B CA . ? A CA 500 ? 1_555 O   ? D HOH .   ? A HOH 514 ? 1_555 99.0  ? 
18 OD2 ? A ASP 33  ? A ASP 64  ? 1_555 CA ? B CA . ? A CA 500 ? 1_555 O   ? D HOH .   ? A HOH 514 ? 1_555 80.5  ? 
19 O   ? A LEU 35  ? A LEU 66  ? 1_555 CA ? B CA . ? A CA 500 ? 1_555 O   ? D HOH .   ? A HOH 514 ? 1_555 97.1  ? 
20 OE1 ? A GLU 40  ? A GLU 71  ? 1_555 CA ? B CA . ? A CA 500 ? 1_555 O   ? D HOH .   ? A HOH 514 ? 1_555 85.6  ? 
21 OE2 ? A GLU 40  ? A GLU 71  ? 1_555 CA ? B CA . ? A CA 500 ? 1_555 O   ? D HOH .   ? A HOH 514 ? 1_555 99.9  ? 
22 OD2 ? A ASP 145 ? A ASP 176 ? 1_555 CA ? C CA . ? A CA 501 ? 1_555 O   ? A LYS 147 ? A LYS 178 ? 1_555 77.4  ? 
23 OD2 ? A ASP 145 ? A ASP 176 ? 1_555 CA ? C CA . ? A CA 501 ? 1_555 OD2 ? A ASP 149 ? A ASP 180 ? 1_555 91.5  ? 
24 O   ? A LYS 147 ? A LYS 178 ? 1_555 CA ? C CA . ? A CA 501 ? 1_555 OD2 ? A ASP 149 ? A ASP 180 ? 1_555 74.6  ? 
25 OD2 ? A ASP 145 ? A ASP 176 ? 1_555 CA ? C CA . ? A CA 501 ? 1_555 O   ? A LYS 151 ? A LYS 182 ? 1_555 84.7  ? 
26 O   ? A LYS 147 ? A LYS 178 ? 1_555 CA ? C CA . ? A CA 501 ? 1_555 O   ? A LYS 151 ? A LYS 182 ? 1_555 151.2 ? 
27 OD2 ? A ASP 149 ? A ASP 180 ? 1_555 CA ? C CA . ? A CA 501 ? 1_555 O   ? A LYS 151 ? A LYS 182 ? 1_555 83.6  ? 
28 OD2 ? A ASP 145 ? A ASP 176 ? 1_555 CA ? C CA . ? A CA 501 ? 1_555 OE1 ? A GLU 156 ? A GLU 187 ? 1_555 118.7 ? 
29 O   ? A LYS 147 ? A LYS 178 ? 1_555 CA ? C CA . ? A CA 501 ? 1_555 OE1 ? A GLU 156 ? A GLU 187 ? 1_555 125.5 ? 
30 OD2 ? A ASP 149 ? A ASP 180 ? 1_555 CA ? C CA . ? A CA 501 ? 1_555 OE1 ? A GLU 156 ? A GLU 187 ? 1_555 145.4 ? 
31 O   ? A LYS 151 ? A LYS 182 ? 1_555 CA ? C CA . ? A CA 501 ? 1_555 OE1 ? A GLU 156 ? A GLU 187 ? 1_555 82.9  ? 
32 OD2 ? A ASP 145 ? A ASP 176 ? 1_555 CA ? C CA . ? A CA 501 ? 1_555 OE2 ? A GLU 156 ? A GLU 187 ? 1_555 89.7  ? 
33 O   ? A LYS 147 ? A LYS 178 ? 1_555 CA ? C CA . ? A CA 501 ? 1_555 OE2 ? A GLU 156 ? A GLU 187 ? 1_555 80.7  ? 
34 OD2 ? A ASP 149 ? A ASP 180 ? 1_555 CA ? C CA . ? A CA 501 ? 1_555 OE2 ? A GLU 156 ? A GLU 187 ? 1_555 154.4 ? 
35 O   ? A LYS 151 ? A LYS 182 ? 1_555 CA ? C CA . ? A CA 501 ? 1_555 OE2 ? A GLU 156 ? A GLU 187 ? 1_555 122.0 ? 
36 OE1 ? A GLU 156 ? A GLU 187 ? 1_555 CA ? C CA . ? A CA 501 ? 1_555 OE2 ? A GLU 156 ? A GLU 187 ? 1_555 50.4  ? 
37 OD2 ? A ASP 145 ? A ASP 176 ? 1_555 CA ? C CA . ? A CA 501 ? 1_555 O   ? D HOH .   ? A HOH 515 ? 1_555 166.2 ? 
38 O   ? A LYS 147 ? A LYS 178 ? 1_555 CA ? C CA . ? A CA 501 ? 1_555 O   ? D HOH .   ? A HOH 515 ? 1_555 92.6  ? 
39 OD2 ? A ASP 149 ? A ASP 180 ? 1_555 CA ? C CA . ? A CA 501 ? 1_555 O   ? D HOH .   ? A HOH 515 ? 1_555 76.6  ? 
40 O   ? A LYS 151 ? A LYS 182 ? 1_555 CA ? C CA . ? A CA 501 ? 1_555 O   ? D HOH .   ? A HOH 515 ? 1_555 100.5 ? 
41 OE1 ? A GLU 156 ? A GLU 187 ? 1_555 CA ? C CA . ? A CA 501 ? 1_555 O   ? D HOH .   ? A HOH 515 ? 1_555 74.8  ? 
42 OE2 ? A GLU 156 ? A GLU 187 ? 1_555 CA ? C CA . ? A CA 501 ? 1_555 O   ? D HOH .   ? A HOH 515 ? 1_555 98.1  ? 
# 
loop_
_struct_site.id 
_struct_site.pdbx_evidence_code 
_struct_site.pdbx_auth_asym_id 
_struct_site.pdbx_auth_comp_id 
_struct_site.pdbx_auth_seq_id 
_struct_site.pdbx_auth_ins_code 
_struct_site.pdbx_num_residues 
_struct_site.details 
AC1 Software A CA 500 ? 6 'BINDING SITE FOR RESIDUE CA A 500' 
AC2 Software A CA 501 ? 6 'BINDING SITE FOR RESIDUE CA A 501' 
# 
loop_
_struct_site_gen.id 
_struct_site_gen.site_id 
_struct_site_gen.pdbx_num_res 
_struct_site_gen.label_comp_id 
_struct_site_gen.label_asym_id 
_struct_site_gen.label_seq_id 
_struct_site_gen.pdbx_auth_ins_code 
_struct_site_gen.auth_comp_id 
_struct_site_gen.auth_asym_id 
_struct_site_gen.auth_seq_id 
_struct_site_gen.label_atom_id 
_struct_site_gen.label_alt_id 
_struct_site_gen.symmetry 
_struct_site_gen.details 
1  AC1 6 SER A 27  ? SER A 58  . ? 1_555 ? 
2  AC1 6 ILE A 31  ? ILE A 62  . ? 1_555 ? 
3  AC1 6 ASP A 33  ? ASP A 64  . ? 1_555 ? 
4  AC1 6 LEU A 35  ? LEU A 66  . ? 1_555 ? 
5  AC1 6 GLU A 40  ? GLU A 71  . ? 1_555 ? 
6  AC1 6 HOH D .   ? HOH A 514 . ? 1_555 ? 
7  AC2 6 ASP A 145 ? ASP A 176 . ? 1_555 ? 
8  AC2 6 LYS A 147 ? LYS A 178 . ? 1_555 ? 
9  AC2 6 ASP A 149 ? ASP A 180 . ? 1_555 ? 
10 AC2 6 LYS A 151 ? LYS A 182 . ? 1_555 ? 
11 AC2 6 GLU A 156 ? GLU A 187 . ? 1_555 ? 
12 AC2 6 HOH D .   ? HOH A 515 . ? 1_555 ? 
# 
_pdbx_validate_close_contact.id               1 
_pdbx_validate_close_contact.PDB_model_num    1 
_pdbx_validate_close_contact.auth_atom_id_1   O 
_pdbx_validate_close_contact.auth_asym_id_1   A 
_pdbx_validate_close_contact.auth_comp_id_1   HOH 
_pdbx_validate_close_contact.auth_seq_id_1    569 
_pdbx_validate_close_contact.PDB_ins_code_1   ? 
_pdbx_validate_close_contact.label_alt_id_1   ? 
_pdbx_validate_close_contact.auth_atom_id_2   O 
_pdbx_validate_close_contact.auth_asym_id_2   A 
_pdbx_validate_close_contact.auth_comp_id_2   HOH 
_pdbx_validate_close_contact.auth_seq_id_2    624 
_pdbx_validate_close_contact.PDB_ins_code_2   ? 
_pdbx_validate_close_contact.label_alt_id_2   ? 
_pdbx_validate_close_contact.dist             2.13 
# 
_pdbx_validate_rmsd_bond.id                        1 
_pdbx_validate_rmsd_bond.PDB_model_num             1 
_pdbx_validate_rmsd_bond.auth_atom_id_1            CB 
_pdbx_validate_rmsd_bond.auth_asym_id_1            A 
_pdbx_validate_rmsd_bond.auth_comp_id_1            LYS 
_pdbx_validate_rmsd_bond.auth_seq_id_1             185 
_pdbx_validate_rmsd_bond.PDB_ins_code_1            ? 
_pdbx_validate_rmsd_bond.label_alt_id_1            ? 
_pdbx_validate_rmsd_bond.auth_atom_id_2            CG 
_pdbx_validate_rmsd_bond.auth_asym_id_2            A 
_pdbx_validate_rmsd_bond.auth_comp_id_2            LYS 
_pdbx_validate_rmsd_bond.auth_seq_id_2             185 
_pdbx_validate_rmsd_bond.PDB_ins_code_2            ? 
_pdbx_validate_rmsd_bond.label_alt_id_2            ? 
_pdbx_validate_rmsd_bond.bond_value                1.322 
_pdbx_validate_rmsd_bond.bond_target_value         1.521 
_pdbx_validate_rmsd_bond.bond_deviation            -0.199 
_pdbx_validate_rmsd_bond.bond_standard_deviation   0.027 
_pdbx_validate_rmsd_bond.linker_flag               N 
# 
loop_
_pdbx_validate_rmsd_angle.id 
_pdbx_validate_rmsd_angle.PDB_model_num 
_pdbx_validate_rmsd_angle.auth_atom_id_1 
_pdbx_validate_rmsd_angle.auth_asym_id_1 
_pdbx_validate_rmsd_angle.auth_comp_id_1 
_pdbx_validate_rmsd_angle.auth_seq_id_1 
_pdbx_validate_rmsd_angle.PDB_ins_code_1 
_pdbx_validate_rmsd_angle.label_alt_id_1 
_pdbx_validate_rmsd_angle.auth_atom_id_2 
_pdbx_validate_rmsd_angle.auth_asym_id_2 
_pdbx_validate_rmsd_angle.auth_comp_id_2 
_pdbx_validate_rmsd_angle.auth_seq_id_2 
_pdbx_validate_rmsd_angle.PDB_ins_code_2 
_pdbx_validate_rmsd_angle.label_alt_id_2 
_pdbx_validate_rmsd_angle.auth_atom_id_3 
_pdbx_validate_rmsd_angle.auth_asym_id_3 
_pdbx_validate_rmsd_angle.auth_comp_id_3 
_pdbx_validate_rmsd_angle.auth_seq_id_3 
_pdbx_validate_rmsd_angle.PDB_ins_code_3 
_pdbx_validate_rmsd_angle.label_alt_id_3 
_pdbx_validate_rmsd_angle.angle_value 
_pdbx_validate_rmsd_angle.angle_target_value 
_pdbx_validate_rmsd_angle.angle_deviation 
_pdbx_validate_rmsd_angle.angle_standard_deviation 
_pdbx_validate_rmsd_angle.linker_flag 
1 1 CB A ASP 39  ? ? CG A ASP 39  ? ? OD2 A ASP 39  ? ? 123.71 118.30 5.41  0.90 N 
2 1 CB A ASP 64  ? ? CG A ASP 64  ? ? OD2 A ASP 64  ? ? 124.49 118.30 6.19  0.90 N 
3 1 CB A ASP 95  ? ? CG A ASP 95  ? ? OD2 A ASP 95  ? ? 124.30 118.30 6.00  0.90 N 
4 1 CA A LYS 185 ? ? CB A LYS 185 ? ? CG  A LYS 185 ? ? 135.54 113.40 22.14 2.20 N 
# 
_pdbx_validate_torsion.id              1 
_pdbx_validate_torsion.PDB_model_num   1 
_pdbx_validate_torsion.auth_comp_id    ASP 
_pdbx_validate_torsion.auth_asym_id    A 
_pdbx_validate_torsion.auth_seq_id     180 
_pdbx_validate_torsion.PDB_ins_code    ? 
_pdbx_validate_torsion.label_alt_id    ? 
_pdbx_validate_torsion.phi             -157.15 
_pdbx_validate_torsion.psi             19.20 
# 
loop_
_chem_comp_atom.comp_id 
_chem_comp_atom.atom_id 
_chem_comp_atom.type_symbol 
_chem_comp_atom.pdbx_aromatic_flag 
_chem_comp_atom.pdbx_stereo_config 
_chem_comp_atom.pdbx_ordinal 
ALA N    N  N N 1   
ALA CA   C  N S 2   
ALA C    C  N N 3   
ALA O    O  N N 4   
ALA CB   C  N N 5   
ALA OXT  O  N N 6   
ALA H    H  N N 7   
ALA H2   H  N N 8   
ALA HA   H  N N 9   
ALA HB1  H  N N 10  
ALA HB2  H  N N 11  
ALA HB3  H  N N 12  
ALA HXT  H  N N 13  
ARG N    N  N N 14  
ARG CA   C  N S 15  
ARG C    C  N N 16  
ARG O    O  N N 17  
ARG CB   C  N N 18  
ARG CG   C  N N 19  
ARG CD   C  N N 20  
ARG NE   N  N N 21  
ARG CZ   C  N N 22  
ARG NH1  N  N N 23  
ARG NH2  N  N N 24  
ARG OXT  O  N N 25  
ARG H    H  N N 26  
ARG H2   H  N N 27  
ARG HA   H  N N 28  
ARG HB2  H  N N 29  
ARG HB3  H  N N 30  
ARG HG2  H  N N 31  
ARG HG3  H  N N 32  
ARG HD2  H  N N 33  
ARG HD3  H  N N 34  
ARG HE   H  N N 35  
ARG HH11 H  N N 36  
ARG HH12 H  N N 37  
ARG HH21 H  N N 38  
ARG HH22 H  N N 39  
ARG HXT  H  N N 40  
ASN N    N  N N 41  
ASN CA   C  N S 42  
ASN C    C  N N 43  
ASN O    O  N N 44  
ASN CB   C  N N 45  
ASN CG   C  N N 46  
ASN OD1  O  N N 47  
ASN ND2  N  N N 48  
ASN OXT  O  N N 49  
ASN H    H  N N 50  
ASN H2   H  N N 51  
ASN HA   H  N N 52  
ASN HB2  H  N N 53  
ASN HB3  H  N N 54  
ASN HD21 H  N N 55  
ASN HD22 H  N N 56  
ASN HXT  H  N N 57  
ASP N    N  N N 58  
ASP CA   C  N S 59  
ASP C    C  N N 60  
ASP O    O  N N 61  
ASP CB   C  N N 62  
ASP CG   C  N N 63  
ASP OD1  O  N N 64  
ASP OD2  O  N N 65  
ASP OXT  O  N N 66  
ASP H    H  N N 67  
ASP H2   H  N N 68  
ASP HA   H  N N 69  
ASP HB2  H  N N 70  
ASP HB3  H  N N 71  
ASP HD2  H  N N 72  
ASP HXT  H  N N 73  
CA  CA   CA N N 74  
GLN N    N  N N 75  
GLN CA   C  N S 76  
GLN C    C  N N 77  
GLN O    O  N N 78  
GLN CB   C  N N 79  
GLN CG   C  N N 80  
GLN CD   C  N N 81  
GLN OE1  O  N N 82  
GLN NE2  N  N N 83  
GLN OXT  O  N N 84  
GLN H    H  N N 85  
GLN H2   H  N N 86  
GLN HA   H  N N 87  
GLN HB2  H  N N 88  
GLN HB3  H  N N 89  
GLN HG2  H  N N 90  
GLN HG3  H  N N 91  
GLN HE21 H  N N 92  
GLN HE22 H  N N 93  
GLN HXT  H  N N 94  
GLU N    N  N N 95  
GLU CA   C  N S 96  
GLU C    C  N N 97  
GLU O    O  N N 98  
GLU CB   C  N N 99  
GLU CG   C  N N 100 
GLU CD   C  N N 101 
GLU OE1  O  N N 102 
GLU OE2  O  N N 103 
GLU OXT  O  N N 104 
GLU H    H  N N 105 
GLU H2   H  N N 106 
GLU HA   H  N N 107 
GLU HB2  H  N N 108 
GLU HB3  H  N N 109 
GLU HG2  H  N N 110 
GLU HG3  H  N N 111 
GLU HE2  H  N N 112 
GLU HXT  H  N N 113 
GLY N    N  N N 114 
GLY CA   C  N N 115 
GLY C    C  N N 116 
GLY O    O  N N 117 
GLY OXT  O  N N 118 
GLY H    H  N N 119 
GLY H2   H  N N 120 
GLY HA2  H  N N 121 
GLY HA3  H  N N 122 
GLY HXT  H  N N 123 
HIS N    N  N N 124 
HIS CA   C  N S 125 
HIS C    C  N N 126 
HIS O    O  N N 127 
HIS CB   C  N N 128 
HIS CG   C  Y N 129 
HIS ND1  N  Y N 130 
HIS CD2  C  Y N 131 
HIS CE1  C  Y N 132 
HIS NE2  N  Y N 133 
HIS OXT  O  N N 134 
HIS H    H  N N 135 
HIS H2   H  N N 136 
HIS HA   H  N N 137 
HIS HB2  H  N N 138 
HIS HB3  H  N N 139 
HIS HD1  H  N N 140 
HIS HD2  H  N N 141 
HIS HE1  H  N N 142 
HIS HE2  H  N N 143 
HIS HXT  H  N N 144 
HOH O    O  N N 145 
HOH H1   H  N N 146 
HOH H2   H  N N 147 
ILE N    N  N N 148 
ILE CA   C  N S 149 
ILE C    C  N N 150 
ILE O    O  N N 151 
ILE CB   C  N S 152 
ILE CG1  C  N N 153 
ILE CG2  C  N N 154 
ILE CD1  C  N N 155 
ILE OXT  O  N N 156 
ILE H    H  N N 157 
ILE H2   H  N N 158 
ILE HA   H  N N 159 
ILE HB   H  N N 160 
ILE HG12 H  N N 161 
ILE HG13 H  N N 162 
ILE HG21 H  N N 163 
ILE HG22 H  N N 164 
ILE HG23 H  N N 165 
ILE HD11 H  N N 166 
ILE HD12 H  N N 167 
ILE HD13 H  N N 168 
ILE HXT  H  N N 169 
LEU N    N  N N 170 
LEU CA   C  N S 171 
LEU C    C  N N 172 
LEU O    O  N N 173 
LEU CB   C  N N 174 
LEU CG   C  N N 175 
LEU CD1  C  N N 176 
LEU CD2  C  N N 177 
LEU OXT  O  N N 178 
LEU H    H  N N 179 
LEU H2   H  N N 180 
LEU HA   H  N N 181 
LEU HB2  H  N N 182 
LEU HB3  H  N N 183 
LEU HG   H  N N 184 
LEU HD11 H  N N 185 
LEU HD12 H  N N 186 
LEU HD13 H  N N 187 
LEU HD21 H  N N 188 
LEU HD22 H  N N 189 
LEU HD23 H  N N 190 
LEU HXT  H  N N 191 
LYS N    N  N N 192 
LYS CA   C  N S 193 
LYS C    C  N N 194 
LYS O    O  N N 195 
LYS CB   C  N N 196 
LYS CG   C  N N 197 
LYS CD   C  N N 198 
LYS CE   C  N N 199 
LYS NZ   N  N N 200 
LYS OXT  O  N N 201 
LYS H    H  N N 202 
LYS H2   H  N N 203 
LYS HA   H  N N 204 
LYS HB2  H  N N 205 
LYS HB3  H  N N 206 
LYS HG2  H  N N 207 
LYS HG3  H  N N 208 
LYS HD2  H  N N 209 
LYS HD3  H  N N 210 
LYS HE2  H  N N 211 
LYS HE3  H  N N 212 
LYS HZ1  H  N N 213 
LYS HZ2  H  N N 214 
LYS HZ3  H  N N 215 
LYS HXT  H  N N 216 
MET N    N  N N 217 
MET CA   C  N S 218 
MET C    C  N N 219 
MET O    O  N N 220 
MET CB   C  N N 221 
MET CG   C  N N 222 
MET SD   S  N N 223 
MET CE   C  N N 224 
MET OXT  O  N N 225 
MET H    H  N N 226 
MET H2   H  N N 227 
MET HA   H  N N 228 
MET HB2  H  N N 229 
MET HB3  H  N N 230 
MET HG2  H  N N 231 
MET HG3  H  N N 232 
MET HE1  H  N N 233 
MET HE2  H  N N 234 
MET HE3  H  N N 235 
MET HXT  H  N N 236 
PHE N    N  N N 237 
PHE CA   C  N S 238 
PHE C    C  N N 239 
PHE O    O  N N 240 
PHE CB   C  N N 241 
PHE CG   C  Y N 242 
PHE CD1  C  Y N 243 
PHE CD2  C  Y N 244 
PHE CE1  C  Y N 245 
PHE CE2  C  Y N 246 
PHE CZ   C  Y N 247 
PHE OXT  O  N N 248 
PHE H    H  N N 249 
PHE H2   H  N N 250 
PHE HA   H  N N 251 
PHE HB2  H  N N 252 
PHE HB3  H  N N 253 
PHE HD1  H  N N 254 
PHE HD2  H  N N 255 
PHE HE1  H  N N 256 
PHE HE2  H  N N 257 
PHE HZ   H  N N 258 
PHE HXT  H  N N 259 
PRO N    N  N N 260 
PRO CA   C  N S 261 
PRO C    C  N N 262 
PRO O    O  N N 263 
PRO CB   C  N N 264 
PRO CG   C  N N 265 
PRO CD   C  N N 266 
PRO OXT  O  N N 267 
PRO H    H  N N 268 
PRO HA   H  N N 269 
PRO HB2  H  N N 270 
PRO HB3  H  N N 271 
PRO HG2  H  N N 272 
PRO HG3  H  N N 273 
PRO HD2  H  N N 274 
PRO HD3  H  N N 275 
PRO HXT  H  N N 276 
SER N    N  N N 277 
SER CA   C  N S 278 
SER C    C  N N 279 
SER O    O  N N 280 
SER CB   C  N N 281 
SER OG   O  N N 282 
SER OXT  O  N N 283 
SER H    H  N N 284 
SER H2   H  N N 285 
SER HA   H  N N 286 
SER HB2  H  N N 287 
SER HB3  H  N N 288 
SER HG   H  N N 289 
SER HXT  H  N N 290 
THR N    N  N N 291 
THR CA   C  N S 292 
THR C    C  N N 293 
THR O    O  N N 294 
THR CB   C  N R 295 
THR OG1  O  N N 296 
THR CG2  C  N N 297 
THR OXT  O  N N 298 
THR H    H  N N 299 
THR H2   H  N N 300 
THR HA   H  N N 301 
THR HB   H  N N 302 
THR HG1  H  N N 303 
THR HG21 H  N N 304 
THR HG22 H  N N 305 
THR HG23 H  N N 306 
THR HXT  H  N N 307 
TRP N    N  N N 308 
TRP CA   C  N S 309 
TRP C    C  N N 310 
TRP O    O  N N 311 
TRP CB   C  N N 312 
TRP CG   C  Y N 313 
TRP CD1  C  Y N 314 
TRP CD2  C  Y N 315 
TRP NE1  N  Y N 316 
TRP CE2  C  Y N 317 
TRP CE3  C  Y N 318 
TRP CZ2  C  Y N 319 
TRP CZ3  C  Y N 320 
TRP CH2  C  Y N 321 
TRP OXT  O  N N 322 
TRP H    H  N N 323 
TRP H2   H  N N 324 
TRP HA   H  N N 325 
TRP HB2  H  N N 326 
TRP HB3  H  N N 327 
TRP HD1  H  N N 328 
TRP HE1  H  N N 329 
TRP HE3  H  N N 330 
TRP HZ2  H  N N 331 
TRP HZ3  H  N N 332 
TRP HH2  H  N N 333 
TRP HXT  H  N N 334 
TYR N    N  N N 335 
TYR CA   C  N S 336 
TYR C    C  N N 337 
TYR O    O  N N 338 
TYR CB   C  N N 339 
TYR CG   C  Y N 340 
TYR CD1  C  Y N 341 
TYR CD2  C  Y N 342 
TYR CE1  C  Y N 343 
TYR CE2  C  Y N 344 
TYR CZ   C  Y N 345 
TYR OH   O  N N 346 
TYR OXT  O  N N 347 
TYR H    H  N N 348 
TYR H2   H  N N 349 
TYR HA   H  N N 350 
TYR HB2  H  N N 351 
TYR HB3  H  N N 352 
TYR HD1  H  N N 353 
TYR HD2  H  N N 354 
TYR HE1  H  N N 355 
TYR HE2  H  N N 356 
TYR HH   H  N N 357 
TYR HXT  H  N N 358 
VAL N    N  N N 359 
VAL CA   C  N S 360 
VAL C    C  N N 361 
VAL O    O  N N 362 
VAL CB   C  N N 363 
VAL CG1  C  N N 364 
VAL CG2  C  N N 365 
VAL OXT  O  N N 366 
VAL H    H  N N 367 
VAL H2   H  N N 368 
VAL HA   H  N N 369 
VAL HB   H  N N 370 
VAL HG11 H  N N 371 
VAL HG12 H  N N 372 
VAL HG13 H  N N 373 
VAL HG21 H  N N 374 
VAL HG22 H  N N 375 
VAL HG23 H  N N 376 
VAL HXT  H  N N 377 
# 
loop_
_chem_comp_bond.comp_id 
_chem_comp_bond.atom_id_1 
_chem_comp_bond.atom_id_2 
_chem_comp_bond.value_order 
_chem_comp_bond.pdbx_aromatic_flag 
_chem_comp_bond.pdbx_stereo_config 
_chem_comp_bond.pdbx_ordinal 
ALA N   CA   sing N N 1   
ALA N   H    sing N N 2   
ALA N   H2   sing N N 3   
ALA CA  C    sing N N 4   
ALA CA  CB   sing N N 5   
ALA CA  HA   sing N N 6   
ALA C   O    doub N N 7   
ALA C   OXT  sing N N 8   
ALA CB  HB1  sing N N 9   
ALA CB  HB2  sing N N 10  
ALA CB  HB3  sing N N 11  
ALA OXT HXT  sing N N 12  
ARG N   CA   sing N N 13  
ARG N   H    sing N N 14  
ARG N   H2   sing N N 15  
ARG CA  C    sing N N 16  
ARG CA  CB   sing N N 17  
ARG CA  HA   sing N N 18  
ARG C   O    doub N N 19  
ARG C   OXT  sing N N 20  
ARG CB  CG   sing N N 21  
ARG CB  HB2  sing N N 22  
ARG CB  HB3  sing N N 23  
ARG CG  CD   sing N N 24  
ARG CG  HG2  sing N N 25  
ARG CG  HG3  sing N N 26  
ARG CD  NE   sing N N 27  
ARG CD  HD2  sing N N 28  
ARG CD  HD3  sing N N 29  
ARG NE  CZ   sing N N 30  
ARG NE  HE   sing N N 31  
ARG CZ  NH1  sing N N 32  
ARG CZ  NH2  doub N N 33  
ARG NH1 HH11 sing N N 34  
ARG NH1 HH12 sing N N 35  
ARG NH2 HH21 sing N N 36  
ARG NH2 HH22 sing N N 37  
ARG OXT HXT  sing N N 38  
ASN N   CA   sing N N 39  
ASN N   H    sing N N 40  
ASN N   H2   sing N N 41  
ASN CA  C    sing N N 42  
ASN CA  CB   sing N N 43  
ASN CA  HA   sing N N 44  
ASN C   O    doub N N 45  
ASN C   OXT  sing N N 46  
ASN CB  CG   sing N N 47  
ASN CB  HB2  sing N N 48  
ASN CB  HB3  sing N N 49  
ASN CG  OD1  doub N N 50  
ASN CG  ND2  sing N N 51  
ASN ND2 HD21 sing N N 52  
ASN ND2 HD22 sing N N 53  
ASN OXT HXT  sing N N 54  
ASP N   CA   sing N N 55  
ASP N   H    sing N N 56  
ASP N   H2   sing N N 57  
ASP CA  C    sing N N 58  
ASP CA  CB   sing N N 59  
ASP CA  HA   sing N N 60  
ASP C   O    doub N N 61  
ASP C   OXT  sing N N 62  
ASP CB  CG   sing N N 63  
ASP CB  HB2  sing N N 64  
ASP CB  HB3  sing N N 65  
ASP CG  OD1  doub N N 66  
ASP CG  OD2  sing N N 67  
ASP OD2 HD2  sing N N 68  
ASP OXT HXT  sing N N 69  
GLN N   CA   sing N N 70  
GLN N   H    sing N N 71  
GLN N   H2   sing N N 72  
GLN CA  C    sing N N 73  
GLN CA  CB   sing N N 74  
GLN CA  HA   sing N N 75  
GLN C   O    doub N N 76  
GLN C   OXT  sing N N 77  
GLN CB  CG   sing N N 78  
GLN CB  HB2  sing N N 79  
GLN CB  HB3  sing N N 80  
GLN CG  CD   sing N N 81  
GLN CG  HG2  sing N N 82  
GLN CG  HG3  sing N N 83  
GLN CD  OE1  doub N N 84  
GLN CD  NE2  sing N N 85  
GLN NE2 HE21 sing N N 86  
GLN NE2 HE22 sing N N 87  
GLN OXT HXT  sing N N 88  
GLU N   CA   sing N N 89  
GLU N   H    sing N N 90  
GLU N   H2   sing N N 91  
GLU CA  C    sing N N 92  
GLU CA  CB   sing N N 93  
GLU CA  HA   sing N N 94  
GLU C   O    doub N N 95  
GLU C   OXT  sing N N 96  
GLU CB  CG   sing N N 97  
GLU CB  HB2  sing N N 98  
GLU CB  HB3  sing N N 99  
GLU CG  CD   sing N N 100 
GLU CG  HG2  sing N N 101 
GLU CG  HG3  sing N N 102 
GLU CD  OE1  doub N N 103 
GLU CD  OE2  sing N N 104 
GLU OE2 HE2  sing N N 105 
GLU OXT HXT  sing N N 106 
GLY N   CA   sing N N 107 
GLY N   H    sing N N 108 
GLY N   H2   sing N N 109 
GLY CA  C    sing N N 110 
GLY CA  HA2  sing N N 111 
GLY CA  HA3  sing N N 112 
GLY C   O    doub N N 113 
GLY C   OXT  sing N N 114 
GLY OXT HXT  sing N N 115 
HIS N   CA   sing N N 116 
HIS N   H    sing N N 117 
HIS N   H2   sing N N 118 
HIS CA  C    sing N N 119 
HIS CA  CB   sing N N 120 
HIS CA  HA   sing N N 121 
HIS C   O    doub N N 122 
HIS C   OXT  sing N N 123 
HIS CB  CG   sing N N 124 
HIS CB  HB2  sing N N 125 
HIS CB  HB3  sing N N 126 
HIS CG  ND1  sing Y N 127 
HIS CG  CD2  doub Y N 128 
HIS ND1 CE1  doub Y N 129 
HIS ND1 HD1  sing N N 130 
HIS CD2 NE2  sing Y N 131 
HIS CD2 HD2  sing N N 132 
HIS CE1 NE2  sing Y N 133 
HIS CE1 HE1  sing N N 134 
HIS NE2 HE2  sing N N 135 
HIS OXT HXT  sing N N 136 
HOH O   H1   sing N N 137 
HOH O   H2   sing N N 138 
ILE N   CA   sing N N 139 
ILE N   H    sing N N 140 
ILE N   H2   sing N N 141 
ILE CA  C    sing N N 142 
ILE CA  CB   sing N N 143 
ILE CA  HA   sing N N 144 
ILE C   O    doub N N 145 
ILE C   OXT  sing N N 146 
ILE CB  CG1  sing N N 147 
ILE CB  CG2  sing N N 148 
ILE CB  HB   sing N N 149 
ILE CG1 CD1  sing N N 150 
ILE CG1 HG12 sing N N 151 
ILE CG1 HG13 sing N N 152 
ILE CG2 HG21 sing N N 153 
ILE CG2 HG22 sing N N 154 
ILE CG2 HG23 sing N N 155 
ILE CD1 HD11 sing N N 156 
ILE CD1 HD12 sing N N 157 
ILE CD1 HD13 sing N N 158 
ILE OXT HXT  sing N N 159 
LEU N   CA   sing N N 160 
LEU N   H    sing N N 161 
LEU N   H2   sing N N 162 
LEU CA  C    sing N N 163 
LEU CA  CB   sing N N 164 
LEU CA  HA   sing N N 165 
LEU C   O    doub N N 166 
LEU C   OXT  sing N N 167 
LEU CB  CG   sing N N 168 
LEU CB  HB2  sing N N 169 
LEU CB  HB3  sing N N 170 
LEU CG  CD1  sing N N 171 
LEU CG  CD2  sing N N 172 
LEU CG  HG   sing N N 173 
LEU CD1 HD11 sing N N 174 
LEU CD1 HD12 sing N N 175 
LEU CD1 HD13 sing N N 176 
LEU CD2 HD21 sing N N 177 
LEU CD2 HD22 sing N N 178 
LEU CD2 HD23 sing N N 179 
LEU OXT HXT  sing N N 180 
LYS N   CA   sing N N 181 
LYS N   H    sing N N 182 
LYS N   H2   sing N N 183 
LYS CA  C    sing N N 184 
LYS CA  CB   sing N N 185 
LYS CA  HA   sing N N 186 
LYS C   O    doub N N 187 
LYS C   OXT  sing N N 188 
LYS CB  CG   sing N N 189 
LYS CB  HB2  sing N N 190 
LYS CB  HB3  sing N N 191 
LYS CG  CD   sing N N 192 
LYS CG  HG2  sing N N 193 
LYS CG  HG3  sing N N 194 
LYS CD  CE   sing N N 195 
LYS CD  HD2  sing N N 196 
LYS CD  HD3  sing N N 197 
LYS CE  NZ   sing N N 198 
LYS CE  HE2  sing N N 199 
LYS CE  HE3  sing N N 200 
LYS NZ  HZ1  sing N N 201 
LYS NZ  HZ2  sing N N 202 
LYS NZ  HZ3  sing N N 203 
LYS OXT HXT  sing N N 204 
MET N   CA   sing N N 205 
MET N   H    sing N N 206 
MET N   H2   sing N N 207 
MET CA  C    sing N N 208 
MET CA  CB   sing N N 209 
MET CA  HA   sing N N 210 
MET C   O    doub N N 211 
MET C   OXT  sing N N 212 
MET CB  CG   sing N N 213 
MET CB  HB2  sing N N 214 
MET CB  HB3  sing N N 215 
MET CG  SD   sing N N 216 
MET CG  HG2  sing N N 217 
MET CG  HG3  sing N N 218 
MET SD  CE   sing N N 219 
MET CE  HE1  sing N N 220 
MET CE  HE2  sing N N 221 
MET CE  HE3  sing N N 222 
MET OXT HXT  sing N N 223 
PHE N   CA   sing N N 224 
PHE N   H    sing N N 225 
PHE N   H2   sing N N 226 
PHE CA  C    sing N N 227 
PHE CA  CB   sing N N 228 
PHE CA  HA   sing N N 229 
PHE C   O    doub N N 230 
PHE C   OXT  sing N N 231 
PHE CB  CG   sing N N 232 
PHE CB  HB2  sing N N 233 
PHE CB  HB3  sing N N 234 
PHE CG  CD1  doub Y N 235 
PHE CG  CD2  sing Y N 236 
PHE CD1 CE1  sing Y N 237 
PHE CD1 HD1  sing N N 238 
PHE CD2 CE2  doub Y N 239 
PHE CD2 HD2  sing N N 240 
PHE CE1 CZ   doub Y N 241 
PHE CE1 HE1  sing N N 242 
PHE CE2 CZ   sing Y N 243 
PHE CE2 HE2  sing N N 244 
PHE CZ  HZ   sing N N 245 
PHE OXT HXT  sing N N 246 
PRO N   CA   sing N N 247 
PRO N   CD   sing N N 248 
PRO N   H    sing N N 249 
PRO CA  C    sing N N 250 
PRO CA  CB   sing N N 251 
PRO CA  HA   sing N N 252 
PRO C   O    doub N N 253 
PRO C   OXT  sing N N 254 
PRO CB  CG   sing N N 255 
PRO CB  HB2  sing N N 256 
PRO CB  HB3  sing N N 257 
PRO CG  CD   sing N N 258 
PRO CG  HG2  sing N N 259 
PRO CG  HG3  sing N N 260 
PRO CD  HD2  sing N N 261 
PRO CD  HD3  sing N N 262 
PRO OXT HXT  sing N N 263 
SER N   CA   sing N N 264 
SER N   H    sing N N 265 
SER N   H2   sing N N 266 
SER CA  C    sing N N 267 
SER CA  CB   sing N N 268 
SER CA  HA   sing N N 269 
SER C   O    doub N N 270 
SER C   OXT  sing N N 271 
SER CB  OG   sing N N 272 
SER CB  HB2  sing N N 273 
SER CB  HB3  sing N N 274 
SER OG  HG   sing N N 275 
SER OXT HXT  sing N N 276 
THR N   CA   sing N N 277 
THR N   H    sing N N 278 
THR N   H2   sing N N 279 
THR CA  C    sing N N 280 
THR CA  CB   sing N N 281 
THR CA  HA   sing N N 282 
THR C   O    doub N N 283 
THR C   OXT  sing N N 284 
THR CB  OG1  sing N N 285 
THR CB  CG2  sing N N 286 
THR CB  HB   sing N N 287 
THR OG1 HG1  sing N N 288 
THR CG2 HG21 sing N N 289 
THR CG2 HG22 sing N N 290 
THR CG2 HG23 sing N N 291 
THR OXT HXT  sing N N 292 
TRP N   CA   sing N N 293 
TRP N   H    sing N N 294 
TRP N   H2   sing N N 295 
TRP CA  C    sing N N 296 
TRP CA  CB   sing N N 297 
TRP CA  HA   sing N N 298 
TRP C   O    doub N N 299 
TRP C   OXT  sing N N 300 
TRP CB  CG   sing N N 301 
TRP CB  HB2  sing N N 302 
TRP CB  HB3  sing N N 303 
TRP CG  CD1  doub Y N 304 
TRP CG  CD2  sing Y N 305 
TRP CD1 NE1  sing Y N 306 
TRP CD1 HD1  sing N N 307 
TRP CD2 CE2  doub Y N 308 
TRP CD2 CE3  sing Y N 309 
TRP NE1 CE2  sing Y N 310 
TRP NE1 HE1  sing N N 311 
TRP CE2 CZ2  sing Y N 312 
TRP CE3 CZ3  doub Y N 313 
TRP CE3 HE3  sing N N 314 
TRP CZ2 CH2  doub Y N 315 
TRP CZ2 HZ2  sing N N 316 
TRP CZ3 CH2  sing Y N 317 
TRP CZ3 HZ3  sing N N 318 
TRP CH2 HH2  sing N N 319 
TRP OXT HXT  sing N N 320 
TYR N   CA   sing N N 321 
TYR N   H    sing N N 322 
TYR N   H2   sing N N 323 
TYR CA  C    sing N N 324 
TYR CA  CB   sing N N 325 
TYR CA  HA   sing N N 326 
TYR C   O    doub N N 327 
TYR C   OXT  sing N N 328 
TYR CB  CG   sing N N 329 
TYR CB  HB2  sing N N 330 
TYR CB  HB3  sing N N 331 
TYR CG  CD1  doub Y N 332 
TYR CG  CD2  sing Y N 333 
TYR CD1 CE1  sing Y N 334 
TYR CD1 HD1  sing N N 335 
TYR CD2 CE2  doub Y N 336 
TYR CD2 HD2  sing N N 337 
TYR CE1 CZ   doub Y N 338 
TYR CE1 HE1  sing N N 339 
TYR CE2 CZ   sing Y N 340 
TYR CE2 HE2  sing N N 341 
TYR CZ  OH   sing N N 342 
TYR OH  HH   sing N N 343 
TYR OXT HXT  sing N N 344 
VAL N   CA   sing N N 345 
VAL N   H    sing N N 346 
VAL N   H2   sing N N 347 
VAL CA  C    sing N N 348 
VAL CA  CB   sing N N 349 
VAL CA  HA   sing N N 350 
VAL C   O    doub N N 351 
VAL C   OXT  sing N N 352 
VAL CB  CG1  sing N N 353 
VAL CB  CG2  sing N N 354 
VAL CB  HB   sing N N 355 
VAL CG1 HG11 sing N N 356 
VAL CG1 HG12 sing N N 357 
VAL CG1 HG13 sing N N 358 
VAL CG2 HG21 sing N N 359 
VAL CG2 HG22 sing N N 360 
VAL CG2 HG23 sing N N 361 
VAL OXT HXT  sing N N 362 
# 
_atom_sites.entry_id                    1UHN 
_atom_sites.fract_transf_matrix[1][1]   -0.00482937 
_atom_sites.fract_transf_matrix[1][2]   0.00995116 
_atom_sites.fract_transf_matrix[1][3]   -0.00444006 
_atom_sites.fract_transf_matrix[2][1]   -0.00230182 
_atom_sites.fract_transf_matrix[2][2]   -0.00422557 
_atom_sites.fract_transf_matrix[2][3]   -0.00696680 
_atom_sites.fract_transf_matrix[3][1]   -0.01777796 
_atom_sites.fract_transf_matrix[3][2]   -0.00472757 
_atom_sites.fract_transf_matrix[3][3]   0.00874122 
_atom_sites.fract_transf_vector[1]      0.251598 
_atom_sites.fract_transf_vector[2]      0.346639 
_atom_sites.fract_transf_vector[3]      0.713419 
# 
loop_
_atom_type.symbol 
C  
CA 
N  
O  
S  
# 
loop_
_atom_site.group_PDB 
_atom_site.id 
_atom_site.type_symbol 
_atom_site.label_atom_id 
_atom_site.label_alt_id 
_atom_site.label_comp_id 
_atom_site.label_asym_id 
_atom_site.label_entity_id 
_atom_site.label_seq_id 
_atom_site.pdbx_PDB_ins_code 
_atom_site.Cartn_x 
_atom_site.Cartn_y 
_atom_site.Cartn_z 
_atom_site.occupancy 
_atom_site.B_iso_or_equiv 
_atom_site.pdbx_formal_charge 
_atom_site.auth_seq_id 
_atom_site.auth_comp_id 
_atom_site.auth_asym_id 
_atom_site.auth_atom_id 
_atom_site.pdbx_PDB_model_num 
ATOM   1    N  N   . ASP A 1 1   ? -1.362  18.651  17.123  1.00 57.94 ? 32  ASP A N   1 
ATOM   2    C  CA  . ASP A 1 1   ? -0.063  18.275  17.758  1.00 57.65 ? 32  ASP A CA  1 
ATOM   3    C  C   . ASP A 1 1   ? 0.538   17.028  17.076  1.00 57.06 ? 32  ASP A C   1 
ATOM   4    O  O   . ASP A 1 1   ? -0.193  16.089  16.697  1.00 57.63 ? 32  ASP A O   1 
ATOM   5    C  CB  . ASP A 1 1   ? -0.260  18.030  19.287  1.00 57.78 ? 32  ASP A CB  1 
ATOM   6    N  N   . PRO A 1 2   ? 1.860   16.990  16.929  1.00 55.94 ? 33  PRO A N   1 
ATOM   7    C  CA  . PRO A 1 2   ? 2.517   15.797  16.379  1.00 55.00 ? 33  PRO A CA  1 
ATOM   8    C  C   . PRO A 1 2   ? 2.445   14.650  17.371  1.00 53.37 ? 33  PRO A C   1 
ATOM   9    O  O   . PRO A 1 2   ? 2.700   13.509  17.015  1.00 53.41 ? 33  PRO A O   1 
ATOM   10   C  CB  . PRO A 1 2   ? 3.970   16.242  16.195  1.00 55.17 ? 33  PRO A CB  1 
ATOM   11   C  CG  . PRO A 1 2   ? 4.160   17.285  17.228  1.00 55.79 ? 33  PRO A CG  1 
ATOM   12   C  CD  . PRO A 1 2   ? 2.840   18.026  17.302  1.00 55.93 ? 33  PRO A CD  1 
ATOM   13   N  N   . GLU A 1 3   ? 2.096   14.970  18.608  1.00 51.99 ? 34  GLU A N   1 
ATOM   14   C  CA  . GLU A 1 3   ? 1.936   13.984  19.668  1.00 50.83 ? 34  GLU A CA  1 
ATOM   15   C  C   . GLU A 1 3   ? 0.735   13.055  19.421  1.00 49.33 ? 34  GLU A C   1 
ATOM   16   O  O   . GLU A 1 3   ? 0.811   11.872  19.682  1.00 49.01 ? 34  GLU A O   1 
ATOM   17   C  CB  . GLU A 1 3   ? 1.834   14.703  21.034  1.00 50.99 ? 34  GLU A CB  1 
ATOM   18   C  CG  . GLU A 1 3   ? 3.113   15.172  21.718  0.00 47.79 ? 34  GLU A CG  1 
ATOM   19   C  CD  . GLU A 1 3   ? 3.572   16.460  21.063  0.00 47.83 ? 34  GLU A CD  1 
ATOM   20   O  OE1 . GLU A 1 3   ? 4.702   16.489  20.536  0.00 47.81 ? 34  GLU A OE1 1 
ATOM   21   O  OE2 . GLU A 1 3   ? 2.808   17.448  21.088  0.00 47.81 ? 34  GLU A OE2 1 
ATOM   22   N  N   . LEU A 1 4   ? -0.355  13.589  18.892  1.00 48.45 ? 35  LEU A N   1 
ATOM   23   C  CA  . LEU A 1 4   ? -1.534  12.775  18.567  1.00 47.85 ? 35  LEU A CA  1 
ATOM   24   C  C   . LEU A 1 4   ? -1.292  11.810  17.381  1.00 46.76 ? 35  LEU A C   1 
ATOM   25   O  O   . LEU A 1 4   ? -1.756  10.674  17.415  1.00 46.36 ? 35  LEU A O   1 
ATOM   26   C  CB  . LEU A 1 4   ? -2.759  13.661  18.274  1.00 48.06 ? 35  LEU A CB  1 
ATOM   27   C  CG  . LEU A 1 4   ? -3.028  14.866  19.185  1.00 50.57 ? 35  LEU A CG  1 
ATOM   28   C  CD1 . LEU A 1 4   ? -4.174  15.722  18.637  1.00 52.44 ? 35  LEU A CD1 1 
ATOM   29   C  CD2 . LEU A 1 4   ? -3.332  14.421  20.609  1.00 52.05 ? 35  LEU A CD2 1 
ATOM   30   N  N   . LEU A 1 5   ? -0.564  12.253  16.350  1.00 45.32 ? 36  LEU A N   1 
ATOM   31   C  CA  . LEU A 1 5   ? -0.171  11.372  15.243  1.00 44.45 ? 36  LEU A CA  1 
ATOM   32   C  C   . LEU A 1 5   ? 0.779   10.264  15.681  1.00 44.54 ? 36  LEU A C   1 
ATOM   33   O  O   . LEU A 1 5   ? 0.622   9.096   15.287  1.00 43.46 ? 36  LEU A O   1 
ATOM   34   C  CB  . LEU A 1 5   ? 0.493   12.165  14.095  1.00 43.80 ? 36  LEU A CB  1 
ATOM   35   C  CG  . LEU A 1 5   ? -0.448  12.813  13.090  1.00 42.57 ? 36  LEU A CG  1 
ATOM   36   C  CD1 . LEU A 1 5   ? 0.352   13.612  12.093  1.00 41.33 ? 36  LEU A CD1 1 
ATOM   37   C  CD2 . LEU A 1 5   ? -1.324  11.776  12.373  1.00 43.08 ? 36  LEU A CD2 1 
ATOM   38   N  N   . ALA A 1 6   ? 1.780   10.632  16.471  1.00 45.28 ? 37  ALA A N   1 
ATOM   39   C  CA  . ALA A 1 6   ? 2.812   9.683   16.901  1.00 46.68 ? 37  ALA A CA  1 
ATOM   40   C  C   . ALA A 1 6   ? 2.188   8.528   17.716  1.00 47.94 ? 37  ALA A C   1 
ATOM   41   O  O   . ALA A 1 6   ? 2.592   7.363   17.607  1.00 47.63 ? 37  ALA A O   1 
ATOM   42   C  CB  . ALA A 1 6   ? 3.876   10.407  17.721  1.00 46.64 ? 37  ALA A CB  1 
ATOM   43   N  N   . ARG A 1 7   ? 1.184   8.883   18.507  1.00 49.34 ? 38  ARG A N   1 
ATOM   44   C  CA  . ARG A 1 7   ? 0.474   7.944   19.350  1.00 50.92 ? 38  ARG A CA  1 
ATOM   45   C  C   . ARG A 1 7   ? -0.335  6.978   18.496  1.00 50.85 ? 38  ARG A C   1 
ATOM   46   O  O   . ARG A 1 7   ? -0.222  5.756   18.647  1.00 51.32 ? 38  ARG A O   1 
ATOM   47   C  CB  . ARG A 1 7   ? -0.453  8.722   20.287  1.00 51.70 ? 38  ARG A CB  1 
ATOM   48   C  CG  . ARG A 1 7   ? -1.287  7.854   21.230  1.00 55.31 ? 38  ARG A CG  1 
ATOM   49   C  CD  . ARG A 1 7   ? -2.222  8.627   22.142  1.00 58.22 ? 38  ARG A CD  1 
ATOM   50   N  NE  . ARG A 1 7   ? -3.004  9.614   21.398  1.00 62.32 ? 38  ARG A NE  1 
ATOM   51   C  CZ  . ARG A 1 7   ? -4.299  9.871   21.574  1.00 66.00 ? 38  ARG A CZ  1 
ATOM   52   N  NH1 . ARG A 1 7   ? -5.019  9.215   22.486  1.00 67.50 ? 38  ARG A NH1 1 
ATOM   53   N  NH2 . ARG A 1 7   ? -4.886  10.810  20.824  1.00 67.56 ? 38  ARG A NH2 1 
ATOM   54   N  N   . ASP A 1 8   ? -1.115  7.522   17.563  1.00 50.55 ? 39  ASP A N   1 
ATOM   55   C  CA  . ASP A 1 8   ? -2.055  6.712   16.780  1.00 50.28 ? 39  ASP A CA  1 
ATOM   56   C  C   . ASP A 1 8   ? -1.407  5.952   15.614  1.00 50.02 ? 39  ASP A C   1 
ATOM   57   O  O   . ASP A 1 8   ? -2.084  5.207   14.924  1.00 50.78 ? 39  ASP A O   1 
ATOM   58   C  CB  . ASP A 1 8   ? -3.225  7.589   16.307  1.00 50.26 ? 39  ASP A CB  1 
ATOM   59   C  CG  . ASP A 1 8   ? -4.016  8.212   17.479  1.00 51.15 ? 39  ASP A CG  1 
ATOM   60   O  OD1 . ASP A 1 8   ? -4.062  7.591   18.569  1.00 50.66 ? 39  ASP A OD1 1 
ATOM   61   O  OD2 . ASP A 1 8   ? -4.630  9.316   17.404  1.00 51.12 ? 39  ASP A OD2 1 
ATOM   62   N  N   . THR A 1 9   ? -0.098  6.124   15.411  1.00 49.77 ? 40  THR A N   1 
ATOM   63   C  CA  . THR A 1 9   ? 0.641   5.475   14.321  1.00 49.11 ? 40  THR A CA  1 
ATOM   64   C  C   . THR A 1 9   ? 2.001   4.979   14.782  1.00 49.40 ? 40  THR A C   1 
ATOM   65   O  O   . THR A 1 9   ? 2.480   5.346   15.848  1.00 49.79 ? 40  THR A O   1 
ATOM   66   C  CB  . THR A 1 9   ? 0.854   6.452   13.140  1.00 48.69 ? 40  THR A CB  1 
ATOM   67   O  OG1 . THR A 1 9   ? 1.842   7.439   13.472  1.00 47.76 ? 40  THR A OG1 1 
ATOM   68   C  CG2 . THR A 1 9   ? -0.413  7.257   12.848  1.00 48.15 ? 40  THR A CG2 1 
ATOM   69   N  N   . VAL A 1 10  ? 2.640   4.178   13.941  1.00 49.64 ? 41  VAL A N   1 
ATOM   70   C  CA  . VAL A 1 10  ? 3.957   3.592   14.230  1.00 49.63 ? 41  VAL A CA  1 
ATOM   71   C  C   . VAL A 1 10  ? 5.106   4.618   14.323  1.00 48.63 ? 41  VAL A C   1 
ATOM   72   O  O   . VAL A 1 10  ? 6.185   4.331   14.865  1.00 48.93 ? 41  VAL A O   1 
ATOM   73   C  CB  . VAL A 1 10  ? 4.309   2.517   13.164  1.00 49.90 ? 41  VAL A CB  1 
ATOM   74   C  CG1 . VAL A 1 10  ? 4.882   3.170   11.916  1.00 50.68 ? 41  VAL A CG1 1 
ATOM   75   C  CG2 . VAL A 1 10  ? 5.292   1.473   13.731  1.00 51.25 ? 41  VAL A CG2 1 
ATOM   76   N  N   . PHE A 1 11  ? 4.877   5.815   13.802  1.00 47.73 ? 42  PHE A N   1 
ATOM   77   C  CA  . PHE A 1 11  ? 5.870   6.889   13.867  1.00 46.16 ? 42  PHE A CA  1 
ATOM   78   C  C   . PHE A 1 11  ? 6.032   7.445   15.297  1.00 46.17 ? 42  PHE A C   1 
ATOM   79   O  O   . PHE A 1 11  ? 5.069   7.463   16.079  1.00 45.24 ? 42  PHE A O   1 
ATOM   80   C  CB  . PHE A 1 11  ? 5.471   8.017   12.909  1.00 45.39 ? 42  PHE A CB  1 
ATOM   81   C  CG  . PHE A 1 11  ? 5.500   7.611   11.461  1.00 43.09 ? 42  PHE A CG  1 
ATOM   82   C  CD1 . PHE A 1 11  ? 4.332   7.600   10.697  1.00 41.07 ? 42  PHE A CD1 1 
ATOM   83   C  CD2 . PHE A 1 11  ? 6.696   7.198   10.868  1.00 41.63 ? 42  PHE A CD2 1 
ATOM   84   C  CE1 . PHE A 1 11  ? 4.366   7.210   9.349   1.00 40.33 ? 42  PHE A CE1 1 
ATOM   85   C  CE2 . PHE A 1 11  ? 6.745   6.788   9.528   1.00 40.36 ? 42  PHE A CE2 1 
ATOM   86   C  CZ  . PHE A 1 11  ? 5.576   6.809   8.765   1.00 40.76 ? 42  PHE A CZ  1 
ATOM   87   N  N   . SER A 1 12  ? 7.258   7.878   15.610  1.00 46.40 ? 43  SER A N   1 
ATOM   88   C  CA  . SER A 1 12  ? 7.568   8.654   16.821  1.00 47.10 ? 43  SER A CA  1 
ATOM   89   C  C   . SER A 1 12  ? 7.390   10.125  16.532  1.00 47.60 ? 43  SER A C   1 
ATOM   90   O  O   . SER A 1 12  ? 7.352   10.516  15.374  1.00 47.11 ? 43  SER A O   1 
ATOM   91   C  CB  . SER A 1 12  ? 9.020   8.453   17.228  1.00 47.15 ? 43  SER A CB  1 
ATOM   92   O  OG  . SER A 1 12  ? 9.900   9.011   16.262  1.00 45.87 ? 43  SER A OG  1 
ATOM   93   N  N   . VAL A 1 13  ? 7.329   10.941  17.577  1.00 48.22 ? 44  VAL A N   1 
ATOM   94   C  CA  . VAL A 1 13  ? 7.161   12.379  17.393  1.00 49.14 ? 44  VAL A CA  1 
ATOM   95   C  C   . VAL A 1 13  ? 8.218   12.941  16.431  1.00 49.06 ? 44  VAL A C   1 
ATOM   96   O  O   . VAL A 1 13  ? 7.900   13.803  15.612  1.00 49.77 ? 44  VAL A O   1 
ATOM   97   C  CB  . VAL A 1 13  ? 7.163   13.180  18.744  1.00 49.60 ? 44  VAL A CB  1 
ATOM   98   C  CG1 . VAL A 1 13  ? 7.231   14.686  18.483  1.00 50.01 ? 44  VAL A CG1 1 
ATOM   99   C  CG2 . VAL A 1 13  ? 5.911   12.875  19.559  1.00 50.21 ? 44  VAL A CG2 1 
ATOM   100  N  N   . SER A 1 14  ? 9.452   12.457  16.492  1.00 48.32 ? 45  SER A N   1 
ATOM   101  C  CA  . SER A 1 14  ? 10.497  13.007  15.612  1.00 48.00 ? 45  SER A CA  1 
ATOM   102  C  C   . SER A 1 14  ? 10.314  12.536  14.156  1.00 47.00 ? 45  SER A C   1 
ATOM   103  O  O   . SER A 1 14  ? 10.563  13.286  13.218  1.00 46.57 ? 45  SER A O   1 
ATOM   104  C  CB  . SER A 1 14  ? 11.891  12.652  16.118  1.00 47.69 ? 45  SER A CB  1 
ATOM   105  O  OG  . SER A 1 14  ? 12.032  11.255  16.216  1.00 49.16 ? 45  SER A OG  1 
ATOM   106  N  N   . GLU A 1 15  ? 9.872   11.297  13.983  1.00 46.10 ? 46  GLU A N   1 
ATOM   107  C  CA  . GLU A 1 15  ? 9.521   10.801  12.663  1.00 45.36 ? 46  GLU A CA  1 
ATOM   108  C  C   . GLU A 1 15  ? 8.383   11.620  12.010  1.00 44.48 ? 46  GLU A C   1 
ATOM   109  O  O   . GLU A 1 15  ? 8.505   12.018  10.860  1.00 43.29 ? 46  GLU A O   1 
ATOM   110  C  CB  . GLU A 1 15  ? 9.227   9.315   12.723  1.00 45.44 ? 46  GLU A CB  1 
ATOM   111  C  CG  . GLU A 1 15  ? 10.511  8.490   12.804  1.00 45.93 ? 46  GLU A CG  1 
ATOM   112  C  CD  . GLU A 1 15  ? 10.260  6.999   12.896  1.00 47.41 ? 46  GLU A CD  1 
ATOM   113  O  OE1 . GLU A 1 15  ? 9.338   6.614   13.638  1.00 48.03 ? 46  GLU A OE1 1 
ATOM   114  O  OE2 . GLU A 1 15  ? 10.979  6.211   12.230  1.00 48.65 ? 46  GLU A OE2 1 
ATOM   115  N  N   . ILE A 1 16  ? 7.333   11.923  12.770  1.00 43.71 ? 47  ILE A N   1 
ATOM   116  C  CA  . ILE A 1 16  ? 6.260   12.803  12.310  1.00 43.86 ? 47  ILE A CA  1 
ATOM   117  C  C   . ILE A 1 16  ? 6.774   14.167  11.833  1.00 43.69 ? 47  ILE A C   1 
ATOM   118  O  O   . ILE A 1 16  ? 6.348   14.662  10.789  1.00 43.06 ? 47  ILE A O   1 
ATOM   119  C  CB  . ILE A 1 16  ? 5.200   13.000  13.423  1.00 43.63 ? 47  ILE A CB  1 
ATOM   120  C  CG1 . ILE A 1 16  ? 4.473   11.682  13.715  1.00 44.46 ? 47  ILE A CG1 1 
ATOM   121  C  CG2 . ILE A 1 16  ? 4.204   14.100  13.048  1.00 44.09 ? 47  ILE A CG2 1 
ATOM   122  C  CD1 . ILE A 1 16  ? 3.894   10.975  12.471  1.00 44.23 ? 47  ILE A CD1 1 
ATOM   123  N  N   . GLU A 1 17  ? 7.688   14.766  12.592  1.00 43.95 ? 48  GLU A N   1 
ATOM   124  C  CA  . GLU A 1 17  ? 8.243   16.067  12.241  1.00 44.18 ? 48  GLU A CA  1 
ATOM   125  C  C   . GLU A 1 17  ? 9.004   16.005  10.901  1.00 43.09 ? 48  GLU A C   1 
ATOM   126  O  O   . GLU A 1 17  ? 8.884   16.894  10.069  1.00 42.67 ? 48  GLU A O   1 
ATOM   127  C  CB  . GLU A 1 17  ? 9.176   16.575  13.353  1.00 45.54 ? 48  GLU A CB  1 
ATOM   128  C  CG  . GLU A 1 17  ? 8.549   16.669  14.750  1.00 48.63 ? 48  GLU A CG  1 
ATOM   129  C  CD  . GLU A 1 17  ? 7.870   18.000  15.021  1.00 54.75 ? 48  GLU A CD  1 
ATOM   130  O  OE1 . GLU A 1 17  ? 6.959   18.362  14.244  1.00 59.10 ? 48  GLU A OE1 1 
ATOM   131  O  OE2 . GLU A 1 17  ? 8.230   18.677  16.025  1.00 58.85 ? 48  GLU A OE2 1 
ATOM   132  N  N   . ALA A 1 18  ? 9.795   14.951  10.721  1.00 42.03 ? 49  ALA A N   1 
ATOM   133  C  CA  . ALA A 1 18  ? 10.490  14.676  9.462   1.00 41.69 ? 49  ALA A CA  1 
ATOM   134  C  C   . ALA A 1 18  ? 9.512   14.364  8.309   1.00 41.11 ? 49  ALA A C   1 
ATOM   135  O  O   . ALA A 1 18  ? 9.759   14.711  7.155   1.00 39.75 ? 49  ALA A O   1 
ATOM   136  C  CB  . ALA A 1 18  ? 11.417  13.508  9.641   1.00 41.14 ? 49  ALA A CB  1 
ATOM   137  N  N   . LEU A 1 19  ? 8.426   13.677  8.644   1.00 41.04 ? 50  LEU A N   1 
ATOM   138  C  CA  . LEU A 1 19  ? 7.395   13.315  7.681   1.00 41.26 ? 50  LEU A CA  1 
ATOM   139  C  C   . LEU A 1 19  ? 6.725   14.578  7.153   1.00 41.52 ? 50  LEU A C   1 
ATOM   140  O  O   . LEU A 1 19  ? 6.206   14.587  6.049   1.00 41.35 ? 50  LEU A O   1 
ATOM   141  C  CB  . LEU A 1 19  ? 6.339   12.451  8.337   1.00 40.79 ? 50  LEU A CB  1 
ATOM   142  C  CG  . LEU A 1 19  ? 6.058   11.037  7.851   1.00 42.31 ? 50  LEU A CG  1 
ATOM   143  C  CD1 . LEU A 1 19  ? 4.554   10.884  7.694   1.00 42.07 ? 50  LEU A CD1 1 
ATOM   144  C  CD2 . LEU A 1 19  ? 6.755   10.626  6.570   1.00 42.29 ? 50  LEU A CD2 1 
ATOM   145  N  N   . TYR A 1 20  ? 6.738   15.643  7.944   1.00 41.64 ? 51  TYR A N   1 
ATOM   146  C  CA  . TYR A 1 20  ? 6.194   16.909  7.500   1.00 41.98 ? 51  TYR A CA  1 
ATOM   147  C  C   . TYR A 1 20  ? 7.025   17.540  6.389   1.00 41.10 ? 51  TYR A C   1 
ATOM   148  O  O   . TYR A 1 20  ? 6.474   18.193  5.493   1.00 39.96 ? 51  TYR A O   1 
ATOM   149  C  CB  . TYR A 1 20  ? 6.029   17.879  8.671   1.00 42.90 ? 51  TYR A CB  1 
ATOM   150  C  CG  . TYR A 1 20  ? 5.279   19.105  8.254   1.00 46.15 ? 51  TYR A CG  1 
ATOM   151  C  CD1 . TYR A 1 20  ? 3.929   19.034  7.928   1.00 50.26 ? 51  TYR A CD1 1 
ATOM   152  C  CD2 . TYR A 1 20  ? 5.919   20.327  8.137   1.00 50.09 ? 51  TYR A CD2 1 
ATOM   153  C  CE1 . TYR A 1 20  ? 3.227   20.155  7.514   1.00 51.88 ? 51  TYR A CE1 1 
ATOM   154  C  CE2 . TYR A 1 20  ? 5.224   21.460  7.742   1.00 52.47 ? 51  TYR A CE2 1 
ATOM   155  C  CZ  . TYR A 1 20  ? 3.879   21.366  7.422   1.00 53.49 ? 51  TYR A CZ  1 
ATOM   156  O  OH  . TYR A 1 20  ? 3.187   22.494  7.017   1.00 56.48 ? 51  TYR A OH  1 
ATOM   157  N  N   . GLU A 1 21  ? 8.341   17.333  6.439   1.00 40.56 ? 52  GLU A N   1 
ATOM   158  C  CA  . GLU A 1 21  ? 9.242   17.732  5.345   1.00 40.13 ? 52  GLU A CA  1 
ATOM   159  C  C   . GLU A 1 21  ? 8.992   16.944  4.070   1.00 38.52 ? 52  GLU A C   1 
ATOM   160  O  O   . GLU A 1 21  ? 9.003   17.498  2.971   1.00 37.63 ? 52  GLU A O   1 
ATOM   161  C  CB  . GLU A 1 21  ? 10.717  17.538  5.724   1.00 40.78 ? 52  GLU A CB  1 
ATOM   162  C  CG  . GLU A 1 21  ? 11.148  18.323  6.945   1.00 44.89 ? 52  GLU A CG  1 
ATOM   163  C  CD  . GLU A 1 21  ? 11.052  19.809  6.701   1.00 49.52 ? 52  GLU A CD  1 
ATOM   164  O  OE1 . GLU A 1 21  ? 11.786  20.289  5.792   1.00 53.58 ? 52  GLU A OE1 1 
ATOM   165  O  OE2 . GLU A 1 21  ? 10.226  20.467  7.396   1.00 53.06 ? 52  GLU A OE2 1 
ATOM   166  N  N   . LEU A 1 22  ? 8.847   15.633  4.217   1.00 36.71 ? 53  LEU A N   1 
ATOM   167  C  CA  . LEU A 1 22  ? 8.454   14.782  3.116   1.00 35.53 ? 53  LEU A CA  1 
ATOM   168  C  C   . LEU A 1 22  ? 7.120   15.274  2.521   1.00 34.52 ? 53  LEU A C   1 
ATOM   169  O  O   . LEU A 1 22  ? 6.977   15.307  1.323   1.00 33.38 ? 53  LEU A O   1 
ATOM   170  C  CB  . LEU A 1 22  ? 8.335   13.328  3.584   1.00 35.01 ? 53  LEU A CB  1 
ATOM   171  C  CG  . LEU A 1 22  ? 7.926   12.335  2.497   1.00 35.62 ? 53  LEU A CG  1 
ATOM   172  C  CD1 . LEU A 1 22  ? 9.032   12.142  1.450   1.00 36.17 ? 53  LEU A CD1 1 
ATOM   173  C  CD2 . LEU A 1 22  ? 7.496   11.012  3.084   1.00 36.10 ? 53  LEU A CD2 1 
ATOM   174  N  N   . PHE A 1 23  ? 6.184   15.672  3.374   1.00 33.71 ? 54  PHE A N   1 
ATOM   175  C  CA  . PHE A 1 23  ? 4.869   16.145  2.960   1.00 34.39 ? 54  PHE A CA  1 
ATOM   176  C  C   . PHE A 1 23  ? 4.957   17.389  2.101   1.00 35.29 ? 54  PHE A C   1 
ATOM   177  O  O   . PHE A 1 23  ? 4.209   17.514  1.138   1.00 34.81 ? 54  PHE A O   1 
ATOM   178  C  CB  . PHE A 1 23  ? 3.966   16.462  4.161   1.00 34.16 ? 54  PHE A CB  1 
ATOM   179  C  CG  . PHE A 1 23  ? 2.608   16.981  3.765   1.00 34.31 ? 54  PHE A CG  1 
ATOM   180  C  CD1 . PHE A 1 23  ? 1.613   16.103  3.364   1.00 32.01 ? 54  PHE A CD1 1 
ATOM   181  C  CD2 . PHE A 1 23  ? 2.342   18.352  3.738   1.00 35.57 ? 54  PHE A CD2 1 
ATOM   182  C  CE1 . PHE A 1 23  ? 0.383   16.554  2.974   1.00 31.68 ? 54  PHE A CE1 1 
ATOM   183  C  CE2 . PHE A 1 23  ? 1.071   18.824  3.356   1.00 33.51 ? 54  PHE A CE2 1 
ATOM   184  C  CZ  . PHE A 1 23  ? 0.098   17.913  2.977   1.00 32.14 ? 54  PHE A CZ  1 
ATOM   185  N  N   . LYS A 1 24  ? 5.861   18.303  2.452   1.00 36.26 ? 55  LYS A N   1 
ATOM   186  C  CA  . LYS A 1 24  ? 6.044   19.536  1.695   1.00 37.47 ? 55  LYS A CA  1 
ATOM   187  C  C   . LYS A 1 24  ? 6.588   19.219  0.308   1.00 36.97 ? 55  LYS A C   1 
ATOM   188  O  O   . LYS A 1 24  ? 6.169   19.820  -0.670  1.00 37.76 ? 55  LYS A O   1 
ATOM   189  C  CB  . LYS A 1 24  ? 7.027   20.482  2.396   1.00 39.01 ? 55  LYS A CB  1 
ATOM   190  C  CG  . LYS A 1 24  ? 6.520   21.213  3.665   1.00 42.01 ? 55  LYS A CG  1 
ATOM   191  C  CD  . LYS A 1 24  ? 7.751   21.896  4.361   1.00 46.28 ? 55  LYS A CD  1 
ATOM   192  C  CE  . LYS A 1 24  ? 7.374   22.965  5.412   1.00 49.42 ? 55  LYS A CE  1 
ATOM   193  N  NZ  . LYS A 1 24  ? 8.553   23.418  6.283   1.00 52.22 ? 55  LYS A NZ  1 
ATOM   194  N  N   . LYS A 1 25  ? 7.508   18.265  0.221   1.00 36.31 ? 56  LYS A N   1 
ATOM   195  C  CA  . LYS A 1 25  ? 8.048   17.827  -1.066  1.00 35.83 ? 56  LYS A CA  1 
ATOM   196  C  C   . LYS A 1 25  ? 6.968   17.163  -1.924  1.00 34.76 ? 56  LYS A C   1 
ATOM   197  O  O   . LYS A 1 25  ? 6.838   17.438  -3.122  1.00 34.96 ? 56  LYS A O   1 
ATOM   198  C  CB  . LYS A 1 25  ? 9.160   16.791  -0.880  1.00 36.23 ? 56  LYS A CB  1 
ATOM   199  C  CG  . LYS A 1 25  ? 10.493  17.318  -0.377  1.00 39.02 ? 56  LYS A CG  1 
ATOM   200  C  CD  . LYS A 1 25  ? 11.453  16.139  -0.107  1.00 41.09 ? 56  LYS A CD  1 
ATOM   201  C  CE  . LYS A 1 25  ? 12.811  16.600  0.453   1.00 42.35 ? 56  LYS A CE  1 
ATOM   202  N  NZ  . LYS A 1 25  ? 13.638  17.342  -0.528  1.00 41.13 ? 56  LYS A NZ  1 
ATOM   203  N  N   . ILE A 1 26  ? 6.242   16.233  -1.324  1.00 32.56 ? 57  ILE A N   1 
ATOM   204  C  CA  . ILE A 1 26  ? 5.303   15.423  -2.076  1.00 31.29 ? 57  ILE A CA  1 
ATOM   205  C  C   . ILE A 1 26  ? 4.085   16.284  -2.510  1.00 30.41 ? 57  ILE A C   1 
ATOM   206  O  O   . ILE A 1 26  ? 3.680   16.232  -3.664  1.00 30.38 ? 57  ILE A O   1 
ATOM   207  C  CB  . ILE A 1 26  ? 4.874   14.202  -1.272  1.00 30.38 ? 57  ILE A CB  1 
ATOM   208  C  CG1 . ILE A 1 26  ? 6.070   13.274  -1.007  1.00 30.24 ? 57  ILE A CG1 1 
ATOM   209  C  CG2 . ILE A 1 26  ? 3.773   13.455  -2.005  1.00 30.58 ? 57  ILE A CG2 1 
ATOM   210  C  CD1 . ILE A 1 26  ? 6.759   12.668  -2.244  1.00 29.47 ? 57  ILE A CD1 1 
ATOM   211  N  N   . SER A 1 27  ? 3.545   17.073  -1.593  1.00 30.06 ? 58  SER A N   1 
ATOM   212  C  CA  . SER A 1 27  ? 2.398   17.918  -1.867  1.00 30.84 ? 58  SER A CA  1 
ATOM   213  C  C   . SER A 1 27  ? 2.668   19.010  -2.889  1.00 31.95 ? 58  SER A C   1 
ATOM   214  O  O   . SER A 1 27  ? 1.712   19.506  -3.482  1.00 30.90 ? 58  SER A O   1 
ATOM   215  C  CB  . SER A 1 27  ? 1.814   18.506  -0.576  1.00 30.06 ? 58  SER A CB  1 
ATOM   216  O  OG  . SER A 1 27  ? 2.706   19.400  0.027   1.00 31.71 ? 58  SER A OG  1 
ATOM   217  N  N   . SER A 1 28  ? 3.955   19.356  -3.093  1.00 33.60 ? 59  SER A N   1 
ATOM   218  C  CA  . SER A 1 28  ? 4.418   20.354  -4.081  1.00 35.15 ? 59  SER A CA  1 
ATOM   219  C  C   . SER A 1 28  ? 4.836   19.793  -5.437  1.00 35.56 ? 59  SER A C   1 
ATOM   220  O  O   . SER A 1 28  ? 5.148   20.572  -6.338  1.00 35.14 ? 59  SER A O   1 
ATOM   221  C  CB  . SER A 1 28  ? 5.652   21.096  -3.557  1.00 35.28 ? 59  SER A CB  1 
ATOM   222  O  OG  . SER A 1 28  ? 5.337   21.774  -2.374  1.00 39.72 ? 59  SER A OG  1 
ATOM   223  N  N   . ALA A 1 29  ? 4.839   18.471  -5.592  1.00 35.59 ? 60  ALA A N   1 
ATOM   224  C  CA  . ALA A 1 29  ? 5.495   17.831  -6.753  1.00 36.38 ? 60  ALA A CA  1 
ATOM   225  C  C   . ALA A 1 29  ? 4.811   17.956  -8.121  1.00 36.63 ? 60  ALA A C   1 
ATOM   226  O  O   . ALA A 1 29  ? 5.492   17.909  -9.169  1.00 36.85 ? 60  ALA A O   1 
ATOM   227  C  CB  . ALA A 1 29  ? 5.787   16.342  -6.455  1.00 36.36 ? 60  ALA A CB  1 
ATOM   228  N  N   . VAL A 1 30  ? 3.484   18.066  -8.138  1.00 36.25 ? 61  VAL A N   1 
ATOM   229  C  CA  . VAL A 1 30  ? 2.759   18.186  -9.397  1.00 36.07 ? 61  VAL A CA  1 
ATOM   230  C  C   . VAL A 1 30  ? 2.002   19.528  -9.454  1.00 36.23 ? 61  VAL A C   1 
ATOM   231  O  O   . VAL A 1 30  ? 2.197   20.304  -10.385 1.00 36.37 ? 61  VAL A O   1 
ATOM   232  C  CB  . VAL A 1 30  ? 1.848   16.960  -9.608  1.00 36.02 ? 61  VAL A CB  1 
ATOM   233  C  CG1 . VAL A 1 30  ? 1.034   17.071  -10.872 1.00 35.82 ? 61  VAL A CG1 1 
ATOM   234  C  CG2 . VAL A 1 30  ? 2.695   15.671  -9.636  1.00 36.91 ? 61  VAL A CG2 1 
ATOM   235  N  N   . ILE A 1 31  ? 1.141   19.769  -8.465  1.00 36.14 ? 62  ILE A N   1 
ATOM   236  C  CA  . ILE A 1 31  ? 0.507   21.058  -8.235  1.00 36.29 ? 62  ILE A CA  1 
ATOM   237  C  C   . ILE A 1 31  ? 0.851   21.537  -6.846  1.00 35.90 ? 62  ILE A C   1 
ATOM   238  O  O   . ILE A 1 31  ? 0.545   20.873  -5.892  1.00 36.19 ? 62  ILE A O   1 
ATOM   239  C  CB  . ILE A 1 31  ? -1.031  20.963  -8.357  1.00 36.23 ? 62  ILE A CB  1 
ATOM   240  C  CG1 . ILE A 1 31  ? -1.428  20.600  -9.775  1.00 37.65 ? 62  ILE A CG1 1 
ATOM   241  C  CG2 . ILE A 1 31  ? -1.659  22.301  -7.988  1.00 36.65 ? 62  ILE A CG2 1 
ATOM   242  C  CD1 . ILE A 1 31  ? -2.859  20.152  -9.915  1.00 39.85 ? 62  ILE A CD1 1 
ATOM   243  N  N   . ASP A 1 32  ? 1.473   22.705  -6.746  1.00 36.24 ? 63  ASP A N   1 
ATOM   244  C  CA  . ASP A 1 32  ? 1.926   23.277  -5.492  1.00 37.21 ? 63  ASP A CA  1 
ATOM   245  C  C   . ASP A 1 32  ? 0.794   24.004  -4.735  1.00 37.00 ? 63  ASP A C   1 
ATOM   246  O  O   . ASP A 1 32  ? 0.647   25.232  -4.835  1.00 37.94 ? 63  ASP A O   1 
ATOM   247  C  CB  . ASP A 1 32  ? 3.078   24.227  -5.816  1.00 38.49 ? 63  ASP A CB  1 
ATOM   248  C  CG  . ASP A 1 32  ? 3.752   24.789  -4.603  1.00 41.62 ? 63  ASP A CG  1 
ATOM   249  O  OD1 . ASP A 1 32  ? 3.097   25.183  -3.626  1.00 48.56 ? 63  ASP A OD1 1 
ATOM   250  O  OD2 . ASP A 1 32  ? 4.982   24.908  -4.567  1.00 51.82 ? 63  ASP A OD2 1 
ATOM   251  N  N   . ASP A 1 33  ? 0.040   23.233  -3.938  1.00 36.01 ? 64  ASP A N   1 
ATOM   252  C  CA  . ASP A 1 33  ? -1.229  23.675  -3.339  1.00 34.91 ? 64  ASP A CA  1 
ATOM   253  C  C   . ASP A 1 33  ? -1.388  23.281  -1.872  1.00 34.39 ? 64  ASP A C   1 
ATOM   254  O  O   . ASP A 1 33  ? -2.451  23.443  -1.314  1.00 34.27 ? 64  ASP A O   1 
ATOM   255  C  CB  . ASP A 1 33  ? -2.419  23.091  -4.137  1.00 34.27 ? 64  ASP A CB  1 
ATOM   256  C  CG  . ASP A 1 33  ? -2.388  21.566  -4.237  1.00 33.13 ? 64  ASP A CG  1 
ATOM   257  O  OD1 . ASP A 1 33  ? -3.319  20.987  -4.836  1.00 32.04 ? 64  ASP A OD1 1 
ATOM   258  O  OD2 . ASP A 1 33  ? -1.469  20.844  -3.786  1.00 30.77 ? 64  ASP A OD2 1 
ATOM   259  N  N   . GLY A 1 34  ? -0.356  22.691  -1.278  1.00 34.06 ? 65  GLY A N   1 
ATOM   260  C  CA  . GLY A 1 34  ? -0.401  22.270  0.115   1.00 33.26 ? 65  GLY A CA  1 
ATOM   261  C  C   . GLY A 1 34  ? -1.184  20.985  0.348   1.00 32.69 ? 65  GLY A C   1 
ATOM   262  O  O   . GLY A 1 34  ? -1.473  20.625  1.475   1.00 32.79 ? 65  GLY A O   1 
ATOM   263  N  N   . LEU A 1 35  ? -1.517  20.289  -0.729  1.00 32.14 ? 66  LEU A N   1 
ATOM   264  C  CA  . LEU A 1 35  ? -2.342  19.102  -0.671  1.00 30.67 ? 66  LEU A CA  1 
ATOM   265  C  C   . LEU A 1 35  ? -1.690  17.995  -1.500  1.00 30.09 ? 66  LEU A C   1 
ATOM   266  O  O   . LEU A 1 35  ? -0.938  18.255  -2.421  1.00 29.57 ? 66  LEU A O   1 
ATOM   267  C  CB  . LEU A 1 35  ? -3.701  19.434  -1.251  1.00 31.13 ? 66  LEU A CB  1 
ATOM   268  C  CG  . LEU A 1 35  ? -4.527  20.506  -0.531  1.00 32.89 ? 66  LEU A CG  1 
ATOM   269  C  CD1 . LEU A 1 35  ? -5.700  20.905  -1.366  1.00 35.38 ? 66  LEU A CD1 1 
ATOM   270  C  CD2 . LEU A 1 35  ? -4.987  20.026  0.827   1.00 34.74 ? 66  LEU A CD2 1 
ATOM   271  N  N   . ILE A 1 36  ? -2.005  16.750  -1.185  1.00 29.19 ? 67  ILE A N   1 
ATOM   272  C  CA  . ILE A 1 36  ? -1.506  15.621  -1.914  1.00 28.35 ? 67  ILE A CA  1 
ATOM   273  C  C   . ILE A 1 36  ? -2.640  15.020  -2.730  1.00 27.97 ? 67  ILE A C   1 
ATOM   274  O  O   . ILE A 1 36  ? -3.683  14.658  -2.187  1.00 27.64 ? 67  ILE A O   1 
ATOM   275  C  CB  . ILE A 1 36  ? -0.884  14.608  -0.937  1.00 28.25 ? 67  ILE A CB  1 
ATOM   276  C  CG1 . ILE A 1 36  ? 0.418   15.179  -0.369  1.00 29.04 ? 67  ILE A CG1 1 
ATOM   277  C  CG2 . ILE A 1 36  ? -0.617  13.269  -1.607  1.00 29.41 ? 67  ILE A CG2 1 
ATOM   278  C  CD1 . ILE A 1 36  ? 1.184   14.173  0.546   1.00 30.81 ? 67  ILE A CD1 1 
ATOM   279  N  N   . ASN A 1 37  ? -2.393  14.902  -4.036  1.00 27.85 ? 68  ASN A N   1 
ATOM   280  C  CA  . ASN A 1 37  ? -3.253  14.206  -4.979  1.00 27.53 ? 68  ASN A CA  1 
ATOM   281  C  C   . ASN A 1 37  ? -2.665  12.839  -5.380  1.00 27.54 ? 68  ASN A C   1 
ATOM   282  O  O   . ASN A 1 37  ? -1.583  12.464  -4.923  1.00 26.61 ? 68  ASN A O   1 
ATOM   283  C  CB  . ASN A 1 37  ? -3.571  15.112  -6.190  1.00 28.19 ? 68  ASN A CB  1 
ATOM   284  C  CG  . ASN A 1 37  ? -2.371  15.321  -7.188  1.00 29.07 ? 68  ASN A CG  1 
ATOM   285  O  OD1 . ASN A 1 37  ? -1.342  14.638  -7.150  1.00 27.89 ? 68  ASN A OD1 1 
ATOM   286  N  ND2 . ASN A 1 37  ? -2.544  16.295  -8.093  1.00 26.74 ? 68  ASN A ND2 1 
ATOM   287  N  N   . LYS A 1 38  ? -3.393  12.086  -6.195  1.00 27.23 ? 69  LYS A N   1 
ATOM   288  C  CA  . LYS A 1 38  ? -3.017  10.720  -6.497  1.00 27.86 ? 69  LYS A CA  1 
ATOM   289  C  C   . LYS A 1 38  ? -1.672  10.619  -7.207  1.00 28.50 ? 69  LYS A C   1 
ATOM   290  O  O   . LYS A 1 38  ? -0.891  9.714   -6.901  1.00 27.15 ? 69  LYS A O   1 
ATOM   291  C  CB  . LYS A 1 38  ? -4.124  9.970   -7.261  1.00 27.63 ? 69  LYS A CB  1 
ATOM   292  C  CG  . LYS A 1 38  ? -5.242  9.487   -6.318  1.00 28.10 ? 69  LYS A CG  1 
ATOM   293  C  CD  . LYS A 1 38  ? -6.402  8.805   -7.047  1.00 28.33 ? 69  LYS A CD  1 
ATOM   294  C  CE  . LYS A 1 38  ? -7.305  8.130   -6.084  1.00 26.71 ? 69  LYS A CE  1 
ATOM   295  N  NZ  . LYS A 1 38  ? -8.499  7.533   -6.694  1.00 28.49 ? 69  LYS A NZ  1 
ATOM   296  N  N   . GLU A 1 39  ? -1.404  11.538  -8.135  1.00 29.25 ? 70  GLU A N   1 
ATOM   297  C  CA  . GLU A 1 39  ? -0.130  11.554  -8.848  1.00 30.53 ? 70  GLU A CA  1 
ATOM   298  C  C   . GLU A 1 39  ? 1.043   11.836  -7.956  1.00 29.38 ? 70  GLU A C   1 
ATOM   299  O  O   . GLU A 1 39  ? 2.133   11.290  -8.154  1.00 29.73 ? 70  GLU A O   1 
ATOM   300  C  CB  . GLU A 1 39  ? -0.126  12.603  -9.937  1.00 31.67 ? 70  GLU A CB  1 
ATOM   301  C  CG  . GLU A 1 39  ? -1.023  12.288  -11.095 1.00 37.73 ? 70  GLU A CG  1 
ATOM   302  C  CD  . GLU A 1 39  ? -1.267  13.527  -11.917 1.00 43.45 ? 70  GLU A CD  1 
ATOM   303  O  OE1 . GLU A 1 39  ? -0.516  13.678  -12.903 1.00 46.93 ? 70  GLU A OE1 1 
ATOM   304  O  OE2 . GLU A 1 39  ? -2.168  14.341  -11.537 1.00 45.90 ? 70  GLU A OE2 1 
ATOM   305  N  N   . GLU A 1 40  ? 0.825   12.709  -6.983  1.00 29.26 ? 71  GLU A N   1 
ATOM   306  C  CA  . GLU A 1 40  ? 1.851   13.019  -5.995  1.00 29.11 ? 71  GLU A CA  1 
ATOM   307  C  C   . GLU A 1 40  ? 2.126   11.848  -5.053  1.00 29.10 ? 71  GLU A C   1 
ATOM   308  O  O   . GLU A 1 40  ? 3.280   11.577  -4.732  1.00 28.49 ? 71  GLU A O   1 
ATOM   309  C  CB  . GLU A 1 40  ? 1.490   14.266  -5.230  1.00 29.22 ? 71  GLU A CB  1 
ATOM   310  C  CG  . GLU A 1 40  ? 1.558   15.464  -6.159  1.00 29.42 ? 71  GLU A CG  1 
ATOM   311  C  CD  . GLU A 1 40  ? 0.925   16.691  -5.626  1.00 29.59 ? 71  GLU A CD  1 
ATOM   312  O  OE1 . GLU A 1 40  ? 0.065   16.599  -4.706  1.00 27.34 ? 71  GLU A OE1 1 
ATOM   313  O  OE2 . GLU A 1 40  ? 1.322   17.783  -6.111  1.00 29.60 ? 71  GLU A OE2 1 
ATOM   314  N  N   . PHE A 1 41  ? 1.073   11.140  -4.674  1.00 28.42 ? 72  PHE A N   1 
ATOM   315  C  CA  . PHE A 1 41  ? 1.177   10.018  -3.755  1.00 28.20 ? 72  PHE A CA  1 
ATOM   316  C  C   . PHE A 1 41  ? 1.850   8.850   -4.467  1.00 28.40 ? 72  PHE A C   1 
ATOM   317  O  O   . PHE A 1 41  ? 2.599   8.115   -3.851  1.00 27.69 ? 72  PHE A O   1 
ATOM   318  C  CB  . PHE A 1 41  ? -0.203  9.607   -3.250  1.00 27.01 ? 72  PHE A CB  1 
ATOM   319  C  CG  . PHE A 1 41  ? -0.186  8.601   -2.133  1.00 27.42 ? 72  PHE A CG  1 
ATOM   320  C  CD1 . PHE A 1 41  ? 0.292   8.942   -0.873  1.00 27.16 ? 72  PHE A CD1 1 
ATOM   321  C  CD2 . PHE A 1 41  ? -0.669  7.301   -2.342  1.00 26.88 ? 72  PHE A CD2 1 
ATOM   322  C  CE1 . PHE A 1 41  ? 0.263   8.008   0.169   1.00 27.00 ? 72  PHE A CE1 1 
ATOM   323  C  CE2 . PHE A 1 41  ? -0.713  6.378   -1.324  1.00 25.75 ? 72  PHE A CE2 1 
ATOM   324  C  CZ  . PHE A 1 41  ? -0.245  6.731   -0.052  1.00 24.42 ? 72  PHE A CZ  1 
ATOM   325  N  N   . GLN A 1 42  ? 1.557   8.675   -5.752  1.00 28.90 ? 73  GLN A N   1 
ATOM   326  C  CA  . GLN A 1 42  ? 2.256   7.679   -6.567  1.00 30.32 ? 73  GLN A CA  1 
ATOM   327  C  C   . GLN A 1 42  ? 3.770   7.890   -6.461  1.00 30.51 ? 73  GLN A C   1 
ATOM   328  O  O   . GLN A 1 42  ? 4.529   6.967   -6.325  1.00 31.12 ? 73  GLN A O   1 
ATOM   329  C  CB  . GLN A 1 42  ? 1.828   7.775   -8.026  1.00 30.32 ? 73  GLN A CB  1 
ATOM   330  C  CG  . GLN A 1 42  ? 0.447   7.228   -8.336  1.00 30.76 ? 73  GLN A CG  1 
ATOM   331  C  CD  . GLN A 1 42  ? -0.112  7.726   -9.672  1.00 31.61 ? 73  GLN A CD  1 
ATOM   332  O  OE1 . GLN A 1 42  ? 0.636   8.199   -10.526 1.00 36.12 ? 73  GLN A OE1 1 
ATOM   333  N  NE2 . GLN A 1 42  ? -1.411  7.608   -9.852  1.00 30.43 ? 73  GLN A NE2 1 
ATOM   334  N  N   . LEU A 1 43  ? 4.178   9.133   -6.503  1.00 31.43 ? 74  LEU A N   1 
ATOM   335  C  CA  . LEU A 1 43  ? 5.585   9.513   -6.373  1.00 32.66 ? 74  LEU A CA  1 
ATOM   336  C  C   . LEU A 1 43  ? 6.165   9.103   -5.005  1.00 32.45 ? 74  LEU A C   1 
ATOM   337  O  O   . LEU A 1 43  ? 7.253   8.562   -4.918  1.00 32.80 ? 74  LEU A O   1 
ATOM   338  C  CB  . LEU A 1 43  ? 5.667   11.017  -6.553  1.00 32.82 ? 74  LEU A CB  1 
ATOM   339  C  CG  . LEU A 1 43  ? 6.653   11.754  -7.430  1.00 36.94 ? 74  LEU A CG  1 
ATOM   340  C  CD1 . LEU A 1 43  ? 6.819   11.164  -8.819  1.00 40.06 ? 74  LEU A CD1 1 
ATOM   341  C  CD2 . LEU A 1 43  ? 6.149   13.207  -7.509  1.00 38.88 ? 74  LEU A CD2 1 
ATOM   342  N  N   . ALA A 1 44  ? 5.424   9.347   -3.935  1.00 32.61 ? 75  ALA A N   1 
ATOM   343  C  CA  . ALA A 1 44  ? 5.840   8.931   -2.597  1.00 32.31 ? 75  ALA A CA  1 
ATOM   344  C  C   . ALA A 1 44  ? 6.043   7.422   -2.477  1.00 32.84 ? 75  ALA A C   1 
ATOM   345  O  O   . ALA A 1 44  ? 6.870   6.991   -1.675  1.00 32.74 ? 75  ALA A O   1 
ATOM   346  C  CB  . ALA A 1 44  ? 4.803   9.401   -1.544  1.00 31.52 ? 75  ALA A CB  1 
ATOM   347  N  N   . LEU A 1 45  ? 5.286   6.615   -3.233  1.00 33.32 ? 76  LEU A N   1 
ATOM   348  C  CA  . LEU A 1 45  ? 5.423   5.173   -3.134  1.00 34.28 ? 76  LEU A CA  1 
ATOM   349  C  C   . LEU A 1 45  ? 6.289   4.573   -4.255  1.00 35.41 ? 76  LEU A C   1 
ATOM   350  O  O   . LEU A 1 45  ? 6.408   3.344   -4.357  1.00 35.79 ? 76  LEU A O   1 
ATOM   351  C  CB  . LEU A 1 45  ? 4.061   4.467   -3.138  1.00 33.94 ? 76  LEU A CB  1 
ATOM   352  C  CG  . LEU A 1 45  ? 2.901   4.860   -2.235  1.00 34.05 ? 76  LEU A CG  1 
ATOM   353  C  CD1 . LEU A 1 45  ? 1.880   3.699   -2.103  1.00 31.67 ? 76  LEU A CD1 1 
ATOM   354  C  CD2 . LEU A 1 45  ? 3.272   5.368   -0.897  1.00 32.54 ? 76  LEU A CD2 1 
ATOM   355  N  N   . PHE A 1 46  ? 6.879   5.417   -5.088  1.00 36.53 ? 77  PHE A N   1 
ATOM   356  C  CA  . PHE A 1 46  ? 7.582   4.946   -6.286  1.00 38.06 ? 77  PHE A CA  1 
ATOM   357  C  C   . PHE A 1 46  ? 6.712   4.026   -7.149  1.00 38.72 ? 77  PHE A C   1 
ATOM   358  O  O   . PHE A 1 46  ? 7.153   2.971   -7.574  1.00 37.80 ? 77  PHE A O   1 
ATOM   359  C  CB  . PHE A 1 46  ? 8.877   4.224   -5.912  1.00 38.44 ? 77  PHE A CB  1 
ATOM   360  C  CG  . PHE A 1 46  ? 9.783   5.049   -5.073  1.00 40.09 ? 77  PHE A CG  1 
ATOM   361  C  CD1 . PHE A 1 46  ? 9.885   4.822   -3.716  1.00 43.87 ? 77  PHE A CD1 1 
ATOM   362  C  CD2 . PHE A 1 46  ? 10.517  6.070   -5.630  1.00 41.32 ? 77  PHE A CD2 1 
ATOM   363  C  CE1 . PHE A 1 46  ? 10.711  5.613   -2.941  1.00 44.42 ? 77  PHE A CE1 1 
ATOM   364  C  CE2 . PHE A 1 46  ? 11.337  6.858   -4.848  1.00 42.25 ? 77  PHE A CE2 1 
ATOM   365  C  CZ  . PHE A 1 46  ? 11.429  6.630   -3.510  1.00 42.28 ? 77  PHE A CZ  1 
ATOM   366  N  N   . LYS A 1 47  ? 5.477   4.450   -7.389  1.00 40.00 ? 78  LYS A N   1 
ATOM   367  C  CA  . LYS A 1 47  ? 4.503   3.676   -8.151  1.00 41.73 ? 78  LYS A CA  1 
ATOM   368  C  C   . LYS A 1 47  ? 3.877   4.595   -9.202  1.00 43.02 ? 78  LYS A C   1 
ATOM   369  O  O   . LYS A 1 47  ? 2.667   4.725   -9.253  1.00 43.12 ? 78  LYS A O   1 
ATOM   370  C  CB  . LYS A 1 47  ? 3.407   3.138   -7.233  1.00 41.46 ? 78  LYS A CB  1 
ATOM   371  C  CG  . LYS A 1 47  ? 3.845   2.082   -6.221  1.00 43.31 ? 78  LYS A CG  1 
ATOM   372  C  CD  . LYS A 1 47  ? 3.946   0.728   -6.827  1.00 44.74 ? 78  LYS A CD  1 
ATOM   373  C  CE  . LYS A 1 47  ? 4.173   -0.366  -5.787  1.00 46.98 ? 78  LYS A CE  1 
ATOM   374  N  NZ  . LYS A 1 47  ? 5.419   -0.132  -4.981  1.00 50.20 ? 78  LYS A NZ  1 
ATOM   375  N  N   . THR A 1 48  ? 4.717   5.255   -9.995  1.00 45.03 ? 79  THR A N   1 
ATOM   376  C  CA  . THR A 1 48  ? 4.278   6.234   -10.997 1.00 47.02 ? 79  THR A CA  1 
ATOM   377  C  C   . THR A 1 48  ? 3.912   5.600   -12.348 1.00 48.43 ? 79  THR A C   1 
ATOM   378  O  O   . THR A 1 48  ? 3.139   6.159   -13.135 1.00 48.24 ? 79  THR A O   1 
ATOM   379  C  CB  . THR A 1 48  ? 5.386   7.266   -11.229 1.00 47.60 ? 79  THR A CB  1 
ATOM   380  O  OG1 . THR A 1 48  ? 6.623   6.594   -11.477 1.00 47.19 ? 79  THR A OG1 1 
ATOM   381  C  CG2 . THR A 1 48  ? 5.660   8.107   -9.961  1.00 48.78 ? 79  THR A CG2 1 
ATOM   382  N  N   . ASN A 1 49  ? 4.485   4.436   -12.609 1.00 50.54 ? 80  ASN A N   1 
ATOM   383  C  CA  . ASN A 1 49  ? 4.214   3.675   -13.819 1.00 52.30 ? 80  ASN A CA  1 
ATOM   384  C  C   . ASN A 1 49  ? 2.743   3.324   -13.877 1.00 52.98 ? 80  ASN A C   1 
ATOM   385  O  O   . ASN A 1 49  ? 2.124   3.082   -12.842 1.00 52.95 ? 80  ASN A O   1 
ATOM   386  C  CB  . ASN A 1 49  ? 5.091   2.424   -13.836 1.00 53.08 ? 80  ASN A CB  1 
ATOM   387  C  CG  . ASN A 1 49  ? 4.465   1.284   -14.573 1.00 55.29 ? 80  ASN A CG  1 
ATOM   388  O  OD1 . ASN A 1 49  ? 4.090   0.275   -13.971 1.00 59.52 ? 80  ASN A OD1 1 
ATOM   389  N  ND2 . ASN A 1 49  ? 4.352   1.420   -15.893 1.00 59.38 ? 80  ASN A ND2 1 
ATOM   390  N  N   . LYS A 1 50  ? 2.185   3.316   -15.086 1.00 53.82 ? 81  LYS A N   1 
ATOM   391  C  CA  . LYS A 1 50  ? 0.737   3.200   -15.292 1.00 54.38 ? 81  LYS A CA  1 
ATOM   392  C  C   . LYS A 1 50  ? 0.112   1.901   -14.749 1.00 54.55 ? 81  LYS A C   1 
ATOM   393  O  O   . LYS A 1 50  ? -1.036  1.910   -14.314 1.00 55.58 ? 81  LYS A O   1 
ATOM   394  C  CB  . LYS A 1 50  ? 0.394   3.401   -16.782 1.00 54.90 ? 81  LYS A CB  1 
ATOM   395  C  CG  . LYS A 1 50  ? 0.789   4.745   -17.534 0.00 54.89 ? 81  LYS A CG  1 
ATOM   396  C  CD  . LYS A 1 50  ? 0.545   4.769   -19.037 0.00 54.81 ? 81  LYS A CD  1 
ATOM   397  C  CE  . LYS A 1 50  ? -0.907  4.465   -19.373 0.00 54.71 ? 81  LYS A CE  1 
ATOM   398  N  NZ  . LYS A 1 50  ? -1.153  4.492   -20.841 0.00 54.66 ? 81  LYS A NZ  1 
ATOM   399  N  N   . LYS A 1 51  ? 0.871   0.808   -14.742 1.00 54.18 ? 82  LYS A N   1 
ATOM   400  C  CA  . LYS A 1 51  ? 0.439   -0.458  -14.113 1.00 53.62 ? 82  LYS A CA  1 
ATOM   401  C  C   . LYS A 1 51  ? 0.603   -0.510  -12.562 1.00 52.89 ? 82  LYS A C   1 
ATOM   402  O  O   . LYS A 1 51  ? -0.200  -1.120  -11.841 1.00 52.81 ? 82  LYS A O   1 
ATOM   403  C  CB  . LYS A 1 51  ? 1.221   -1.615  -14.748 1.00 53.95 ? 82  LYS A CB  1 
ATOM   404  C  CG  . LYS A 1 51  ? 1.024   -1.621  -16.376 0.00 53.60 ? 82  LYS A CG  1 
ATOM   405  C  CD  . LYS A 1 51  ? -0.438  -1.815  -16.748 0.00 53.54 ? 82  LYS A CD  1 
ATOM   406  C  CE  . LYS A 1 51  ? -0.621  -1.871  -18.255 0.00 53.46 ? 82  LYS A CE  1 
ATOM   407  N  NZ  . LYS A 1 51  ? -2.050  -2.047  -18.631 0.00 53.41 ? 82  LYS A NZ  1 
ATOM   408  N  N   . GLU A 1 52  ? 1.654   0.124   -12.057 1.00 51.30 ? 83  GLU A N   1 
ATOM   409  C  CA  . GLU A 1 52  ? 1.930   0.157   -10.627 1.00 50.00 ? 83  GLU A CA  1 
ATOM   410  C  C   . GLU A 1 52  ? 1.048   1.152   -9.872  1.00 47.99 ? 83  GLU A C   1 
ATOM   411  O  O   . GLU A 1 52  ? 0.820   1.002   -8.669  1.00 47.17 ? 83  GLU A O   1 
ATOM   412  C  CB  . GLU A 1 52  ? 3.380   0.545   -10.408 1.00 50.51 ? 83  GLU A CB  1 
ATOM   413  C  CG  . GLU A 1 52  ? 4.340   -0.619  -10.405 1.00 52.66 ? 83  GLU A CG  1 
ATOM   414  C  CD  . GLU A 1 52  ? 5.752   -0.145  -10.128 1.00 55.95 ? 83  GLU A CD  1 
ATOM   415  O  OE1 . GLU A 1 52  ? 6.320   -0.561  -9.088  1.00 56.34 ? 83  GLU A OE1 1 
ATOM   416  O  OE2 . GLU A 1 52  ? 6.264   0.672   -10.939 1.00 57.21 ? 83  GLU A OE2 1 
ATOM   417  N  N   . SER A 1 53  ? 0.559   2.156   -10.595 1.00 45.55 ? 84  SER A N   1 
ATOM   418  C  CA  . SER A 1 53  ? -0.202  3.250   -10.023 1.00 44.00 ? 84  SER A CA  1 
ATOM   419  C  C   . SER A 1 53  ? -1.524  2.802   -9.441  1.00 42.03 ? 84  SER A C   1 
ATOM   420  O  O   . SER A 1 53  ? -2.031  3.447   -8.545  1.00 42.24 ? 84  SER A O   1 
ATOM   421  C  CB  . SER A 1 53  ? -0.439  4.335   -11.074 1.00 43.74 ? 84  SER A CB  1 
ATOM   422  O  OG  . SER A 1 53  ? -1.372  3.912   -12.053 1.00 46.23 ? 84  SER A OG  1 
ATOM   423  N  N   . LEU A 1 54  ? -2.082  1.702   -9.938  1.00 40.07 ? 85  LEU A N   1 
ATOM   424  C  CA  . LEU A 1 54  ? -3.341  1.170   -9.401  1.00 38.89 ? 85  LEU A CA  1 
ATOM   425  C  C   . LEU A 1 54  ? -3.266  0.856   -7.926  1.00 36.72 ? 85  LEU A C   1 
ATOM   426  O  O   . LEU A 1 54  ? -4.220  1.087   -7.202  1.00 36.41 ? 85  LEU A O   1 
ATOM   427  C  CB  . LEU A 1 54  ? -3.722  -0.134  -10.101 1.00 39.48 ? 85  LEU A CB  1 
ATOM   428  C  CG  . LEU A 1 54  ? -4.273  -0.032  -11.511 1.00 42.27 ? 85  LEU A CG  1 
ATOM   429  C  CD1 . LEU A 1 54  ? -4.356  -1.445  -12.099 1.00 44.83 ? 85  LEU A CD1 1 
ATOM   430  C  CD2 . LEU A 1 54  ? -5.643  0.638   -11.473 1.00 45.03 ? 85  LEU A CD2 1 
ATOM   431  N  N   . PHE A 1 55  ? -2.151  0.255   -7.515  1.00 34.24 ? 86  PHE A N   1 
ATOM   432  C  CA  . PHE A 1 55  ? -1.919  -0.097  -6.121  1.00 32.44 ? 86  PHE A CA  1 
ATOM   433  C  C   . PHE A 1 55  ? -1.876  1.186   -5.283  1.00 30.07 ? 86  PHE A C   1 
ATOM   434  O  O   . PHE A 1 55  ? -2.566  1.290   -4.274  1.00 28.90 ? 86  PHE A O   1 
ATOM   435  C  CB  . PHE A 1 55  ? -0.634  -0.944  -5.964  1.00 31.78 ? 86  PHE A CB  1 
ATOM   436  C  CG  . PHE A 1 55  ? -0.203  -1.158  -4.516  1.00 33.22 ? 86  PHE A CG  1 
ATOM   437  C  CD1 . PHE A 1 55  ? -0.735  -2.196  -3.760  1.00 35.04 ? 86  PHE A CD1 1 
ATOM   438  C  CD2 . PHE A 1 55  ? 0.736   -0.325  -3.924  1.00 33.62 ? 86  PHE A CD2 1 
ATOM   439  C  CE1 . PHE A 1 55  ? -0.326  -2.391  -2.420  1.00 36.74 ? 86  PHE A CE1 1 
ATOM   440  C  CE2 . PHE A 1 55  ? 1.147   -0.508  -2.612  1.00 36.06 ? 86  PHE A CE2 1 
ATOM   441  C  CZ  . PHE A 1 55  ? 0.611   -1.549  -1.849  1.00 35.32 ? 86  PHE A CZ  1 
ATOM   442  N  N   . ALA A 1 56  ? -1.053  2.144   -5.687  1.00 29.10 ? 87  ALA A N   1 
ATOM   443  C  CA  . ALA A 1 56  ? -0.934  3.419   -4.964  1.00 28.92 ? 87  ALA A CA  1 
ATOM   444  C  C   . ALA A 1 56  ? -2.276  4.170   -4.819  1.00 29.30 ? 87  ALA A C   1 
ATOM   445  O  O   . ALA A 1 56  ? -2.547  4.761   -3.790  1.00 28.79 ? 87  ALA A O   1 
ATOM   446  C  CB  . ALA A 1 56  ? 0.064   4.313   -5.651  1.00 28.92 ? 87  ALA A CB  1 
ATOM   447  N  N   . ASP A 1 57  ? -3.099  4.128   -5.866  1.00 29.13 ? 88  ASP A N   1 
ATOM   448  C  CA  . ASP A 1 57  ? -4.394  4.807   -5.894  1.00 28.95 ? 88  ASP A CA  1 
ATOM   449  C  C   . ASP A 1 57  ? -5.417  4.117   -4.993  1.00 28.78 ? 88  ASP A C   1 
ATOM   450  O  O   . ASP A 1 57  ? -6.276  4.760   -4.415  1.00 27.93 ? 88  ASP A O   1 
ATOM   451  C  CB  . ASP A 1 57  ? -4.938  4.859   -7.323  1.00 29.05 ? 88  ASP A CB  1 
ATOM   452  C  CG  . ASP A 1 57  ? -4.240  5.867   -8.174  1.00 30.04 ? 88  ASP A CG  1 
ATOM   453  O  OD1 . ASP A 1 57  ? -3.248  6.527   -7.746  1.00 30.36 ? 88  ASP A OD1 1 
ATOM   454  O  OD2 . ASP A 1 57  ? -4.645  6.085   -9.312  1.00 36.50 ? 88  ASP A OD2 1 
ATOM   455  N  N   . ARG A 1 58  ? -5.327  2.799   -4.900  1.00 28.38 ? 89  ARG A N   1 
ATOM   456  C  CA  . ARG A 1 58  ? -6.162  2.042   -3.955  1.00 28.90 ? 89  ARG A CA  1 
ATOM   457  C  C   . ARG A 1 58  ? -5.774  2.342   -2.490  1.00 27.51 ? 89  ARG A C   1 
ATOM   458  O  O   . ARG A 1 58  ? -6.618  2.530   -1.634  1.00 27.97 ? 89  ARG A O   1 
ATOM   459  C  CB  . ARG A 1 58  ? -6.020  0.566   -4.263  1.00 29.05 ? 89  ARG A CB  1 
ATOM   460  C  CG  . ARG A 1 58  ? -6.772  -0.338  -3.362  1.00 31.12 ? 89  ARG A CG  1 
ATOM   461  C  CD  . ARG A 1 58  ? -8.236  0.014   -3.122  1.00 33.76 ? 89  ARG A CD  1 
ATOM   462  N  NE  . ARG A 1 58  ? -8.814  -0.866  -2.097  1.00 34.61 ? 89  ARG A NE  1 
ATOM   463  C  CZ  . ARG A 1 58  ? -9.897  -0.588  -1.387  1.00 35.99 ? 89  ARG A CZ  1 
ATOM   464  N  NH1 . ARG A 1 58  ? -10.529 0.562   -1.558  1.00 36.22 ? 89  ARG A NH1 1 
ATOM   465  N  NH2 . ARG A 1 58  ? -10.323 -1.461  -0.487  1.00 36.54 ? 89  ARG A NH2 1 
ATOM   466  N  N   . VAL A 1 59  ? -4.483  2.388   -2.219  1.00 26.84 ? 90  VAL A N   1 
ATOM   467  C  CA  . VAL A 1 59  ? -3.985  2.835   -0.935  1.00 26.25 ? 90  VAL A CA  1 
ATOM   468  C  C   . VAL A 1 59  ? -4.503  4.254   -0.638  1.00 26.01 ? 90  VAL A C   1 
ATOM   469  O  O   . VAL A 1 59  ? -5.051  4.525   0.431   1.00 25.87 ? 90  VAL A O   1 
ATOM   470  C  CB  . VAL A 1 59  ? -2.448  2.765   -0.880  1.00 26.36 ? 90  VAL A CB  1 
ATOM   471  C  CG1 . VAL A 1 59  ? -1.937  3.379   0.410   1.00 26.98 ? 90  VAL A CG1 1 
ATOM   472  C  CG2 . VAL A 1 59  ? -1.940  1.310   -0.973  1.00 26.55 ? 90  VAL A CG2 1 
ATOM   473  N  N   . PHE A 1 60  ? -4.335  5.153   -1.601  1.00 25.23 ? 91  PHE A N   1 
ATOM   474  C  CA  . PHE A 1 60  ? -4.806  6.519   -1.488  1.00 24.55 ? 91  PHE A CA  1 
ATOM   475  C  C   . PHE A 1 60  ? -6.275  6.529   -1.067  1.00 24.40 ? 91  PHE A C   1 
ATOM   476  O  O   . PHE A 1 60  ? -6.660  7.215   -0.118  1.00 22.31 ? 91  PHE A O   1 
ATOM   477  C  CB  . PHE A 1 60  ? -4.603  7.240   -2.838  1.00 24.93 ? 91  PHE A CB  1 
ATOM   478  C  CG  . PHE A 1 60  ? -4.893  8.730   -2.800  1.00 24.41 ? 91  PHE A CG  1 
ATOM   479  C  CD1 . PHE A 1 60  ? -3.862  9.647   -2.783  1.00 25.23 ? 91  PHE A CD1 1 
ATOM   480  C  CD2 . PHE A 1 60  ? -6.192  9.205   -2.825  1.00 24.51 ? 91  PHE A CD2 1 
ATOM   481  C  CE1 . PHE A 1 60  ? -4.108  11.016  -2.757  1.00 24.81 ? 91  PHE A CE1 1 
ATOM   482  C  CE2 . PHE A 1 60  ? -6.459  10.582  -2.806  1.00 26.20 ? 91  PHE A CE2 1 
ATOM   483  C  CZ  . PHE A 1 60  ? -5.429  11.486  -2.770  1.00 24.70 ? 91  PHE A CZ  1 
ATOM   484  N  N   . ASP A 1 61  ? -7.096  5.755   -1.776  1.00 25.11 ? 92  ASP A N   1 
ATOM   485  C  CA  . ASP A 1 61  ? -8.538  5.713   -1.529  1.00 25.76 ? 92  ASP A CA  1 
ATOM   486  C  C   . ASP A 1 61  ? -8.877  5.319   -0.089  1.00 25.90 ? 92  ASP A C   1 
ATOM   487  O  O   . ASP A 1 61  ? -9.785  5.855   0.505   1.00 25.85 ? 92  ASP A O   1 
ATOM   488  C  CB  . ASP A 1 61  ? -9.202  4.737   -2.503  1.00 26.13 ? 92  ASP A CB  1 
ATOM   489  C  CG  . ASP A 1 61  ? -9.355  5.308   -3.911  1.00 28.07 ? 92  ASP A CG  1 
ATOM   490  O  OD1 . ASP A 1 61  ? -9.580  4.508   -4.851  1.00 28.31 ? 92  ASP A OD1 1 
ATOM   491  O  OD2 . ASP A 1 61  ? -9.247  6.532   -4.168  1.00 32.16 ? 92  ASP A OD2 1 
ATOM   492  N  N   . LEU A 1 62  ? -8.143  4.362   0.472   1.00 26.73 ? 93  LEU A N   1 
ATOM   493  C  CA  . LEU A 1 62  ? -8.386  3.935   1.850   1.00 26.62 ? 93  LEU A CA  1 
ATOM   494  C  C   . LEU A 1 62  ? -8.068  4.993   2.888   1.00 26.23 ? 93  LEU A C   1 
ATOM   495  O  O   . LEU A 1 62  ? -8.643  4.979   3.952   1.00 26.40 ? 93  LEU A O   1 
ATOM   496  C  CB  . LEU A 1 62  ? -7.590  2.657   2.154   1.00 27.01 ? 93  LEU A CB  1 
ATOM   497  C  CG  . LEU A 1 62  ? -8.224  1.417   1.544   1.00 26.02 ? 93  LEU A CG  1 
ATOM   498  C  CD1 . LEU A 1 62  ? -7.268  0.292   1.644   1.00 28.74 ? 93  LEU A CD1 1 
ATOM   499  C  CD2 . LEU A 1 62  ? -9.529  1.075   2.240   1.00 26.92 ? 93  LEU A CD2 1 
ATOM   500  N  N   . PHE A 1 63  ? -7.160  5.906   2.585   1.00 25.90 ? 94  PHE A N   1 
ATOM   501  C  CA  . PHE A 1 63  ? -6.826  6.996   3.498   1.00 26.91 ? 94  PHE A CA  1 
ATOM   502  C  C   . PHE A 1 63  ? -7.444  8.342   3.174   1.00 27.48 ? 94  PHE A C   1 
ATOM   503  O  O   . PHE A 1 63  ? -7.250  9.290   3.900   1.00 27.53 ? 94  PHE A O   1 
ATOM   504  C  CB  . PHE A 1 63  ? -5.315  7.101   3.640   1.00 26.91 ? 94  PHE A CB  1 
ATOM   505  C  CG  . PHE A 1 63  ? -4.744  5.908   4.299   1.00 27.28 ? 94  PHE A CG  1 
ATOM   506  C  CD1 . PHE A 1 63  ? -4.150  4.897   3.542   1.00 28.36 ? 94  PHE A CD1 1 
ATOM   507  C  CD2 . PHE A 1 63  ? -4.878  5.751   5.667   1.00 27.97 ? 94  PHE A CD2 1 
ATOM   508  C  CE1 . PHE A 1 63  ? -3.650  3.738   4.148   1.00 29.28 ? 94  PHE A CE1 1 
ATOM   509  C  CE2 . PHE A 1 63  ? -4.392  4.591   6.310   1.00 30.23 ? 94  PHE A CE2 1 
ATOM   510  C  CZ  . PHE A 1 63  ? -3.781  3.578   5.550   1.00 29.49 ? 94  PHE A CZ  1 
ATOM   511  N  N   . ASP A 1 64  ? -8.218  8.413   2.104   1.00 28.60 ? 95  ASP A N   1 
ATOM   512  C  CA  . ASP A 1 64  ? -8.786  9.675   1.668   1.00 28.81 ? 95  ASP A CA  1 
ATOM   513  C  C   . ASP A 1 64  ? -10.091 9.772   2.442   1.00 29.84 ? 95  ASP A C   1 
ATOM   514  O  O   . ASP A 1 64  ? -11.121 9.299   2.001   1.00 30.09 ? 95  ASP A O   1 
ATOM   515  C  CB  . ASP A 1 64  ? -8.987  9.622   0.147   1.00 28.69 ? 95  ASP A CB  1 
ATOM   516  C  CG  . ASP A 1 64  ? -9.643  10.880  -0.423  1.00 26.29 ? 95  ASP A CG  1 
ATOM   517  O  OD1 . ASP A 1 64  ? -9.979  10.846  -1.612  1.00 23.08 ? 95  ASP A OD1 1 
ATOM   518  O  OD2 . ASP A 1 64  ? -9.783  11.936  0.201   1.00 25.70 ? 95  ASP A OD2 1 
ATOM   519  N  N   . THR A 1 65  ? -10.027 10.360  3.610   1.00 31.52 ? 96  THR A N   1 
ATOM   520  C  CA  . THR A 1 65  ? -11.164 10.380  4.539   1.00 33.39 ? 96  THR A CA  1 
ATOM   521  C  C   . THR A 1 65  ? -12.461 10.947  3.901   1.00 33.93 ? 96  THR A C   1 
ATOM   522  O  O   . THR A 1 65  ? -13.521 10.406  4.110   1.00 33.44 ? 96  THR A O   1 
ATOM   523  C  CB  . THR A 1 65  ? -10.799 11.196  5.788   1.00 33.01 ? 96  THR A CB  1 
ATOM   524  O  OG1 . THR A 1 65  ? -9.737  10.547  6.506   1.00 37.87 ? 96  THR A OG1 1 
ATOM   525  C  CG2 . THR A 1 65  ? -11.934 11.171  6.788   1.00 37.27 ? 96  THR A CG2 1 
ATOM   526  N  N   . LYS A 1 66  ? -12.365 12.031  3.127   1.00 33.82 ? 97  LYS A N   1 
ATOM   527  C  CA  . LYS A 1 66  ? -13.566 12.657  2.563   1.00 34.35 ? 97  LYS A CA  1 
ATOM   528  C  C   . LYS A 1 66  ? -13.884 12.222  1.152   1.00 33.67 ? 97  LYS A C   1 
ATOM   529  O  O   . LYS A 1 66  ? -14.849 12.690  0.572   1.00 32.70 ? 97  LYS A O   1 
ATOM   530  C  CB  . LYS A 1 66  ? -13.456 14.184  2.617   1.00 34.44 ? 97  LYS A CB  1 
ATOM   531  C  CG  . LYS A 1 66  ? -13.111 14.720  4.000   1.00 37.73 ? 97  LYS A CG  1 
ATOM   532  C  CD  . LYS A 1 66  ? -14.311 14.653  4.951   1.00 41.77 ? 97  LYS A CD  1 
ATOM   533  C  CE  . LYS A 1 66  ? -13.963 15.149  6.357   1.00 43.67 ? 97  LYS A CE  1 
ATOM   534  N  NZ  . LYS A 1 66  ? -15.216 15.337  7.176   1.00 47.03 ? 97  LYS A NZ  1 
ATOM   535  N  N   . HIS A 1 67  ? -13.057 11.342  0.586   1.00 33.26 ? 98  HIS A N   1 
ATOM   536  C  CA  . HIS A 1 67  ? -13.270 10.853  -0.762  1.00 32.79 ? 98  HIS A CA  1 
ATOM   537  C  C   . HIS A 1 67  ? -13.231 11.997  -1.808  1.00 32.16 ? 98  HIS A C   1 
ATOM   538  O  O   . HIS A 1 67  ? -13.912 11.962  -2.816  1.00 32.46 ? 98  HIS A O   1 
ATOM   539  C  CB  . HIS A 1 67  ? -14.574 10.052  -0.802  1.00 33.39 ? 98  HIS A CB  1 
ATOM   540  C  CG  . HIS A 1 67  ? -14.734 9.104   0.353   1.00 34.71 ? 98  HIS A CG  1 
ATOM   541  N  ND1 . HIS A 1 67  ? -13.990 7.947   0.467   1.00 35.04 ? 98  HIS A ND1 1 
ATOM   542  C  CD2 . HIS A 1 67  ? -15.541 9.143   1.444   1.00 37.28 ? 98  HIS A CD2 1 
ATOM   543  C  CE1 . HIS A 1 67  ? -14.338 7.311   1.575   1.00 36.48 ? 98  HIS A CE1 1 
ATOM   544  N  NE2 . HIS A 1 67  ? -15.265 8.023   2.195   1.00 35.15 ? 98  HIS A NE2 1 
ATOM   545  N  N   . ASN A 1 68  ? -12.396 12.991  -1.554  1.00 31.31 ? 99  ASN A N   1 
ATOM   546  C  CA  . ASN A 1 68  ? -12.283 14.179  -2.398  1.00 30.56 ? 99  ASN A CA  1 
ATOM   547  C  C   . ASN A 1 68  ? -11.004 14.191  -3.258  1.00 30.05 ? 99  ASN A C   1 
ATOM   548  O  O   . ASN A 1 68  ? -10.653 15.223  -3.838  1.00 29.72 ? 99  ASN A O   1 
ATOM   549  C  CB  . ASN A 1 68  ? -12.390 15.460  -1.546  1.00 29.82 ? 99  ASN A CB  1 
ATOM   550  C  CG  . ASN A 1 68  ? -11.355 15.542  -0.416  1.00 31.03 ? 99  ASN A CG  1 
ATOM   551  O  OD1 . ASN A 1 68  ? -11.345 16.511  0.359   1.00 34.20 ? 99  ASN A OD1 1 
ATOM   552  N  ND2 . ASN A 1 68  ? -10.490 14.562  -0.322  1.00 28.11 ? 99  ASN A ND2 1 
ATOM   553  N  N   . GLY A 1 69  ? -10.300 13.059  -3.323  1.00 28.18 ? 100 GLY A N   1 
ATOM   554  C  CA  . GLY A 1 69  ? -9.118  12.957  -4.158  1.00 27.45 ? 100 GLY A CA  1 
ATOM   555  C  C   . GLY A 1 69  ? -7.919  13.727  -3.653  1.00 27.59 ? 100 GLY A C   1 
ATOM   556  O  O   . GLY A 1 69  ? -6.946  13.921  -4.394  1.00 27.63 ? 100 GLY A O   1 
ATOM   557  N  N   . ILE A 1 70  ? -7.977  14.121  -2.387  1.00 26.99 ? 101 ILE A N   1 
ATOM   558  C  CA  . ILE A 1 70  ? -6.956  14.887  -1.746  1.00 28.47 ? 101 ILE A CA  1 
ATOM   559  C  C   . ILE A 1 70  ? -6.645  14.335  -0.357  1.00 28.04 ? 101 ILE A C   1 
ATOM   560  O  O   . ILE A 1 70  ? -7.542  13.850  0.345   1.00 28.34 ? 101 ILE A O   1 
ATOM   561  C  CB  . ILE A 1 70  ? -7.414  16.364  -1.716  1.00 29.88 ? 101 ILE A CB  1 
ATOM   562  C  CG1 . ILE A 1 70  ? -6.691  17.112  -2.828  1.00 34.09 ? 101 ILE A CG1 1 
ATOM   563  C  CG2 . ILE A 1 70  ? -7.192  17.041  -0.372  1.00 32.23 ? 101 ILE A CG2 1 
ATOM   564  C  CD1 . ILE A 1 70  ? -7.496  18.237  -3.328  1.00 40.25 ? 101 ILE A CD1 1 
ATOM   565  N  N   . LEU A 1 71  ? -5.363  14.389  0.017   1.00 27.84 ? 102 LEU A N   1 
ATOM   566  C  CA  . LEU A 1 71  ? -4.911  14.045  1.362   1.00 28.05 ? 102 LEU A CA  1 
ATOM   567  C  C   . LEU A 1 71  ? -4.180  15.217  1.952   1.00 28.04 ? 102 LEU A C   1 
ATOM   568  O  O   . LEU A 1 71  ? -3.345  15.831  1.283   1.00 28.37 ? 102 LEU A O   1 
ATOM   569  C  CB  . LEU A 1 71  ? -3.929  12.872  1.369   1.00 27.73 ? 102 LEU A CB  1 
ATOM   570  C  CG  . LEU A 1 71  ? -4.263  11.533  0.720   1.00 28.06 ? 102 LEU A CG  1 
ATOM   571  C  CD1 . LEU A 1 71  ? -3.099  10.588  0.946   1.00 28.33 ? 102 LEU A CD1 1 
ATOM   572  C  CD2 . LEU A 1 71  ? -5.513  10.947  1.297   1.00 27.51 ? 102 LEU A CD2 1 
ATOM   573  N  N   . GLY A 1 72  ? -4.443  15.495  3.221   1.00 27.68 ? 103 GLY A N   1 
ATOM   574  C  CA  . GLY A 1 72  ? -3.602  16.406  3.967   1.00 28.46 ? 103 GLY A CA  1 
ATOM   575  C  C   . GLY A 1 72  ? -2.573  15.647  4.781   1.00 29.76 ? 103 GLY A C   1 
ATOM   576  O  O   . GLY A 1 72  ? -2.438  14.420  4.655   1.00 29.13 ? 103 GLY A O   1 
ATOM   577  N  N   . PHE A 1 73  ? -1.863  16.367  5.642   1.00 30.99 ? 104 PHE A N   1 
ATOM   578  C  CA  . PHE A 1 73  ? -0.739  15.792  6.390   1.00 32.18 ? 104 PHE A CA  1 
ATOM   579  C  C   . PHE A 1 73  ? -1.108  14.589  7.261   1.00 32.57 ? 104 PHE A C   1 
ATOM   580  O  O   . PHE A 1 73  ? -0.448  13.551  7.233   1.00 31.76 ? 104 PHE A O   1 
ATOM   581  C  CB  . PHE A 1 73  ? -0.037  16.847  7.270   1.00 32.54 ? 104 PHE A CB  1 
ATOM   582  C  CG  . PHE A 1 73  ? 1.120   16.277  8.030   1.00 34.34 ? 104 PHE A CG  1 
ATOM   583  C  CD1 . PHE A 1 73  ? 2.147   15.642  7.351   1.00 36.08 ? 104 PHE A CD1 1 
ATOM   584  C  CD2 . PHE A 1 73  ? 1.133   16.274  9.413   1.00 35.96 ? 104 PHE A CD2 1 
ATOM   585  C  CE1 . PHE A 1 73  ? 3.213   15.065  8.037   1.00 36.57 ? 104 PHE A CE1 1 
ATOM   586  C  CE2 . PHE A 1 73  ? 2.181   15.695  10.098  1.00 36.24 ? 104 PHE A CE2 1 
ATOM   587  C  CZ  . PHE A 1 73  ? 3.234   15.090  9.394   1.00 35.56 ? 104 PHE A CZ  1 
ATOM   588  N  N   . GLU A 1 74  ? -2.190  14.719  8.008   1.00 33.52 ? 105 GLU A N   1 
ATOM   589  C  CA  . GLU A 1 74  ? -2.606  13.689  8.942   1.00 33.94 ? 105 GLU A CA  1 
ATOM   590  C  C   . GLU A 1 74  ? -2.925  12.407  8.188   1.00 32.31 ? 105 GLU A C   1 
ATOM   591  O  O   . GLU A 1 74  ? -2.535  11.327  8.610   1.00 32.79 ? 105 GLU A O   1 
ATOM   592  C  CB  . GLU A 1 74  ? -3.814  14.182  9.745   1.00 35.19 ? 105 GLU A CB  1 
ATOM   593  C  CG  . GLU A 1 74  ? -4.121  13.435  11.031  1.00 41.72 ? 105 GLU A CG  1 
ATOM   594  C  CD  . GLU A 1 74  ? -5.502  13.779  11.593  1.00 48.90 ? 105 GLU A CD  1 
ATOM   595  O  OE1 . GLU A 1 74  ? -6.302  12.837  11.902  1.00 53.02 ? 105 GLU A OE1 1 
ATOM   596  O  OE2 . GLU A 1 74  ? -5.791  15.007  11.705  1.00 53.12 ? 105 GLU A OE2 1 
ATOM   597  N  N   . GLU A 1 75  ? -3.607  12.533  7.057   1.00 30.84 ? 106 GLU A N   1 
ATOM   598  C  CA  . GLU A 1 75  ? -3.980  11.384  6.236   1.00 29.62 ? 106 GLU A CA  1 
ATOM   599  C  C   . GLU A 1 75  ? -2.762  10.717  5.619   1.00 28.64 ? 106 GLU A C   1 
ATOM   600  O  O   . GLU A 1 75  ? -2.676  9.502   5.567   1.00 28.02 ? 106 GLU A O   1 
ATOM   601  C  CB  . GLU A 1 75  ? -4.966  11.806  5.148   1.00 29.74 ? 106 GLU A CB  1 
ATOM   602  C  CG  . GLU A 1 75  ? -6.347  12.140  5.708   1.00 30.28 ? 106 GLU A CG  1 
ATOM   603  C  CD  . GLU A 1 75  ? -7.132  13.073  4.812   1.00 31.38 ? 106 GLU A CD  1 
ATOM   604  O  OE1 . GLU A 1 75  ? -6.610  14.161  4.540   1.00 32.95 ? 106 GLU A OE1 1 
ATOM   605  O  OE2 . GLU A 1 75  ? -8.264  12.715  4.375   1.00 28.12 ? 106 GLU A OE2 1 
ATOM   606  N  N   . PHE A 1 76  ? -1.826  11.541  5.179   1.00 27.86 ? 107 PHE A N   1 
ATOM   607  C  CA  . PHE A 1 76  ? -0.584  11.100  4.587   1.00 28.07 ? 107 PHE A CA  1 
ATOM   608  C  C   . PHE A 1 76  ? 0.262   10.308  5.583   1.00 27.93 ? 107 PHE A C   1 
ATOM   609  O  O   . PHE A 1 76  ? 0.795   9.267   5.251   1.00 26.22 ? 107 PHE A O   1 
ATOM   610  C  CB  . PHE A 1 76  ? 0.177   12.327  4.089   1.00 27.84 ? 107 PHE A CB  1 
ATOM   611  C  CG  . PHE A 1 76  ? 1.482   12.027  3.398   1.00 26.73 ? 107 PHE A CG  1 
ATOM   612  C  CD1 . PHE A 1 76  ? 1.526   11.232  2.286   1.00 28.25 ? 107 PHE A CD1 1 
ATOM   613  C  CD2 . PHE A 1 76  ? 2.655   12.609  3.851   1.00 28.75 ? 107 PHE A CD2 1 
ATOM   614  C  CE1 . PHE A 1 76  ? 2.719   11.002  1.630   1.00 28.05 ? 107 PHE A CE1 1 
ATOM   615  C  CE2 . PHE A 1 76  ? 3.853   12.413  3.214   1.00 29.90 ? 107 PHE A CE2 1 
ATOM   616  C  CZ  . PHE A 1 76  ? 3.903   11.615  2.102   1.00 30.56 ? 107 PHE A CZ  1 
ATOM   617  N  N   . ALA A 1 77  ? 0.346   10.820  6.798   1.00 29.11 ? 108 ALA A N   1 
ATOM   618  C  CA  . ALA A 1 77  ? 1.079   10.203  7.880   1.00 30.36 ? 108 ALA A CA  1 
ATOM   619  C  C   . ALA A 1 77  ? 0.505   8.846   8.203   1.00 30.80 ? 108 ALA A C   1 
ATOM   620  O  O   . ALA A 1 77  ? 1.239   7.880   8.312   1.00 30.69 ? 108 ALA A O   1 
ATOM   621  C  CB  . ALA A 1 77  ? 1.045   11.113  9.140   1.00 31.21 ? 108 ALA A CB  1 
ATOM   622  N  N   . ARG A 1 78  ? -0.814  8.782   8.355   1.00 31.71 ? 109 ARG A N   1 
ATOM   623  C  CA  . ARG A 1 78  ? -1.495  7.514   8.561   1.00 32.32 ? 109 ARG A CA  1 
ATOM   624  C  C   . ARG A 1 78  ? -1.265  6.546   7.400   1.00 31.19 ? 109 ARG A C   1 
ATOM   625  O  O   . ARG A 1 78  ? -1.045  5.370   7.607   1.00 30.43 ? 109 ARG A O   1 
ATOM   626  C  CB  . ARG A 1 78  ? -2.981  7.734   8.766   1.00 33.30 ? 109 ARG A CB  1 
ATOM   627  C  CG  . ARG A 1 78  ? -3.376  8.185   10.166  1.00 38.23 ? 109 ARG A CG  1 
ATOM   628  C  CD  . ARG A 1 78  ? -4.898  8.261   10.399  1.00 44.34 ? 109 ARG A CD  1 
ATOM   629  N  NE  . ARG A 1 78  ? -5.411  9.611   10.049  1.00 50.53 ? 109 ARG A NE  1 
ATOM   630  C  CZ  . ARG A 1 78  ? -6.568  9.883   9.407   1.00 52.38 ? 109 ARG A CZ  1 
ATOM   631  N  NH1 . ARG A 1 78  ? -7.402  8.924   9.022   1.00 54.53 ? 109 ARG A NH1 1 
ATOM   632  N  NH2 . ARG A 1 78  ? -6.897  11.141  9.138   1.00 53.84 ? 109 ARG A NH2 1 
ATOM   633  N  N   . ALA A 1 79  ? -1.332  7.051   6.177   1.00 30.40 ? 110 ALA A N   1 
ATOM   634  C  CA  . ALA A 1 79  ? -1.177  6.211   4.995   1.00 29.93 ? 110 ALA A CA  1 
ATOM   635  C  C   . ALA A 1 79  ? 0.176   5.534   4.982   1.00 29.65 ? 110 ALA A C   1 
ATOM   636  O  O   . ALA A 1 79  ? 0.283   4.367   4.712   1.00 29.18 ? 110 ALA A O   1 
ATOM   637  C  CB  . ALA A 1 79  ? -1.354  7.046   3.683   1.00 29.67 ? 110 ALA A CB  1 
ATOM   638  N  N   . LEU A 1 80  ? 1.215   6.300   5.273   1.00 30.80 ? 111 LEU A N   1 
ATOM   639  C  CA  . LEU A 1 80  ? 2.568   5.806   5.207   1.00 31.23 ? 111 LEU A CA  1 
ATOM   640  C  C   . LEU A 1 80  ? 2.977   4.933   6.385   1.00 31.84 ? 111 LEU A C   1 
ATOM   641  O  O   . LEU A 1 80  ? 3.920   4.155   6.244   1.00 32.41 ? 111 LEU A O   1 
ATOM   642  C  CB  . LEU A 1 80  ? 3.534   6.970   5.105   1.00 31.82 ? 111 LEU A CB  1 
ATOM   643  C  CG  . LEU A 1 80  ? 3.463   7.776   3.812   1.00 31.77 ? 111 LEU A CG  1 
ATOM   644  C  CD1 . LEU A 1 80  ? 4.689   8.631   3.716   1.00 33.00 ? 111 LEU A CD1 1 
ATOM   645  C  CD2 . LEU A 1 80  ? 3.335   6.897   2.620   1.00 33.07 ? 111 LEU A CD2 1 
ATOM   646  N  N   . SER A 1 81  ? 2.306   5.068   7.525   1.00 32.40 ? 112 SER A N   1 
ATOM   647  C  CA  . SER A 1 81  ? 2.725   4.374   8.733   1.00 34.06 ? 112 SER A CA  1 
ATOM   648  C  C   . SER A 1 81  ? 2.815   2.848   8.599   1.00 33.96 ? 112 SER A C   1 
ATOM   649  O  O   . SER A 1 81  ? 3.757   2.269   9.109   1.00 34.01 ? 112 SER A O   1 
ATOM   650  C  CB  . SER A 1 81  ? 1.853   4.751   9.937   1.00 34.53 ? 112 SER A CB  1 
ATOM   651  O  OG  . SER A 1 81  ? 0.563   4.217   9.803   1.00 38.53 ? 112 SER A OG  1 
ATOM   652  N  N   . VAL A 1 82  ? 1.864   2.197   7.926   1.00 34.17 ? 113 VAL A N   1 
ATOM   653  C  CA  . VAL A 1 82  ? 1.946   0.738   7.709   1.00 34.27 ? 113 VAL A CA  1 
ATOM   654  C  C   . VAL A 1 82  ? 3.055   0.306   6.768   1.00 33.67 ? 113 VAL A C   1 
ATOM   655  O  O   . VAL A 1 82  ? 3.427   -0.856  6.781   1.00 33.97 ? 113 VAL A O   1 
ATOM   656  C  CB  . VAL A 1 82  ? 0.634   0.070   7.157   1.00 34.74 ? 113 VAL A CB  1 
ATOM   657  C  CG1 . VAL A 1 82  ? -0.435  0.137   8.155   1.00 37.46 ? 113 VAL A CG1 1 
ATOM   658  C  CG2 . VAL A 1 82  ? 0.206   0.650   5.825   1.00 35.50 ? 113 VAL A CG2 1 
ATOM   659  N  N   . PHE A 1 83  ? 3.545   1.218   5.930   1.00 33.73 ? 114 PHE A N   1 
ATOM   660  C  CA  . PHE A 1 83  ? 4.643   0.938   5.033   1.00 34.33 ? 114 PHE A CA  1 
ATOM   661  C  C   . PHE A 1 83  ? 6.014   1.072   5.744   1.00 35.37 ? 114 PHE A C   1 
ATOM   662  O  O   . PHE A 1 83  ? 7.038   0.775   5.155   1.00 33.91 ? 114 PHE A O   1 
ATOM   663  C  CB  . PHE A 1 83  ? 4.602   1.851   3.808   1.00 34.64 ? 114 PHE A CB  1 
ATOM   664  C  CG  . PHE A 1 83  ? 3.395   1.644   2.954   1.00 34.73 ? 114 PHE A CG  1 
ATOM   665  C  CD1 . PHE A 1 83  ? 2.224   2.334   3.217   1.00 32.54 ? 114 PHE A CD1 1 
ATOM   666  C  CD2 . PHE A 1 83  ? 3.404   0.706   1.938   1.00 35.94 ? 114 PHE A CD2 1 
ATOM   667  C  CE1 . PHE A 1 83  ? 1.113   2.116   2.468   1.00 32.88 ? 114 PHE A CE1 1 
ATOM   668  C  CE2 . PHE A 1 83  ? 2.275   0.498   1.178   1.00 35.61 ? 114 PHE A CE2 1 
ATOM   669  C  CZ  . PHE A 1 83  ? 1.131   1.199   1.463   1.00 33.42 ? 114 PHE A CZ  1 
ATOM   670  N  N   . HIS A 1 84  ? 6.024   1.523   6.994   1.00 36.91 ? 115 HIS A N   1 
ATOM   671  C  CA  . HIS A 1 84  ? 7.281   1.630   7.737   1.00 38.88 ? 115 HIS A CA  1 
ATOM   672  C  C   . HIS A 1 84  ? 7.883   0.211   7.876   1.00 38.92 ? 115 HIS A C   1 
ATOM   673  O  O   . HIS A 1 84  ? 7.180   -0.736  8.216   1.00 38.92 ? 115 HIS A O   1 
ATOM   674  C  CB  . HIS A 1 84  ? 7.066   2.318   9.096   1.00 39.01 ? 115 HIS A CB  1 
ATOM   675  C  CG  . HIS A 1 84  ? 8.343   2.715   9.774   1.00 42.81 ? 115 HIS A CG  1 
ATOM   676  N  ND1 . HIS A 1 84  ? 9.380   1.831   9.978   1.00 45.00 ? 115 HIS A ND1 1 
ATOM   677  C  CD2 . HIS A 1 84  ? 8.748   3.892   10.305  1.00 45.70 ? 115 HIS A CD2 1 
ATOM   678  C  CE1 . HIS A 1 84  ? 10.377  2.451   10.587  1.00 45.79 ? 115 HIS A CE1 1 
ATOM   679  N  NE2 . HIS A 1 84  ? 10.019  3.702   10.798  1.00 46.28 ? 115 HIS A NE2 1 
ATOM   680  N  N   . PRO A 1 85  ? 9.155   0.042   7.549   1.00 39.78 ? 116 PRO A N   1 
ATOM   681  C  CA  . PRO A 1 85  ? 9.841   -1.249  7.759   1.00 40.56 ? 116 PRO A CA  1 
ATOM   682  C  C   . PRO A 1 85  ? 9.698   -1.882  9.170   1.00 40.51 ? 116 PRO A C   1 
ATOM   683  O  O   . PRO A 1 85  ? 9.749   -3.114  9.253   1.00 40.79 ? 116 PRO A O   1 
ATOM   684  C  CB  . PRO A 1 85  ? 11.306  -0.910  7.462   1.00 40.96 ? 116 PRO A CB  1 
ATOM   685  C  CG  . PRO A 1 85  ? 11.213  0.233   6.477   1.00 40.89 ? 116 PRO A CG  1 
ATOM   686  C  CD  . PRO A 1 85  ? 10.041  1.044   6.941   1.00 39.93 ? 116 PRO A CD  1 
ATOM   687  N  N   . ASN A 1 86  ? 9.499   -1.077  10.210  1.00 40.39 ? 117 ASN A N   1 
ATOM   688  C  CA  . ASN A 1 86  ? 9.251   -1.559  11.580  1.00 41.07 ? 117 ASN A CA  1 
ATOM   689  C  C   . ASN A 1 86  ? 7.788   -1.727  11.987  1.00 40.68 ? 117 ASN A C   1 
ATOM   690  O  O   . ASN A 1 86  ? 7.500   -2.121  13.125  1.00 40.84 ? 117 ASN A O   1 
ATOM   691  C  CB  . ASN A 1 86  ? 9.916   -0.616  12.598  1.00 41.41 ? 117 ASN A CB  1 
ATOM   692  C  CG  . ASN A 1 86  ? 11.434  -0.556  12.429  1.00 43.68 ? 117 ASN A CG  1 
ATOM   693  O  OD1 . ASN A 1 86  ? 12.037  -1.471  11.851  1.00 46.42 ? 117 ASN A OD1 1 
ATOM   694  N  ND2 . ASN A 1 86  ? 12.058  0.518   12.936  1.00 44.93 ? 117 ASN A ND2 1 
ATOM   695  N  N   . ALA A 1 87  ? 6.855   -1.422  11.087  1.00 39.99 ? 118 ALA A N   1 
ATOM   696  C  CA  . ALA A 1 87  ? 5.449   -1.727  11.358  1.00 39.58 ? 118 ALA A CA  1 
ATOM   697  C  C   . ALA A 1 87  ? 5.302   -3.227  11.506  1.00 38.50 ? 118 ALA A C   1 
ATOM   698  O  O   . ALA A 1 87  ? 5.881   -3.984  10.719  1.00 37.75 ? 118 ALA A O   1 
ATOM   699  C  CB  . ALA A 1 87  ? 4.534   -1.216  10.235  1.00 39.68 ? 118 ALA A CB  1 
ATOM   700  N  N   . PRO A 1 88  ? 4.556   -3.668  12.513  1.00 38.44 ? 119 PRO A N   1 
ATOM   701  C  CA  . PRO A 1 88  ? 4.347   -5.098  12.729  1.00 38.68 ? 119 PRO A CA  1 
ATOM   702  C  C   . PRO A 1 88  ? 3.826   -5.769  11.462  1.00 39.56 ? 119 PRO A C   1 
ATOM   703  O  O   . PRO A 1 88  ? 3.023   -5.167  10.740  1.00 37.99 ? 119 PRO A O   1 
ATOM   704  C  CB  . PRO A 1 88  ? 3.296   -5.136  13.834  1.00 38.80 ? 119 PRO A CB  1 
ATOM   705  C  CG  . PRO A 1 88  ? 3.447   -3.888  14.546  1.00 38.27 ? 119 PRO A CG  1 
ATOM   706  C  CD  . PRO A 1 88  ? 3.856   -2.869  13.532  1.00 38.63 ? 119 PRO A CD  1 
ATOM   707  N  N   . ILE A 1 89  ? 4.313   -6.989  11.199  1.00 40.48 ? 120 ILE A N   1 
ATOM   708  C  CA  . ILE A 1 89  ? 3.926   -7.772  10.030  1.00 41.00 ? 120 ILE A CA  1 
ATOM   709  C  C   . ILE A 1 89  ? 2.411   -7.943  10.031  1.00 40.04 ? 120 ILE A C   1 
ATOM   710  O  O   . ILE A 1 89  ? 1.796   -7.946  8.987   1.00 39.25 ? 120 ILE A O   1 
ATOM   711  C  CB  . ILE A 1 89  ? 4.645   -9.140  10.016  1.00 41.52 ? 120 ILE A CB  1 
ATOM   712  C  CG1 . ILE A 1 89  ? 6.163   -8.961  9.927   1.00 45.41 ? 120 ILE A CG1 1 
ATOM   713  C  CG2 . ILE A 1 89  ? 4.243   -9.980  8.820   1.00 43.09 ? 120 ILE A CG2 1 
ATOM   714  C  CD1 . ILE A 1 89  ? 6.674   -8.164  8.708   1.00 47.58 ? 120 ILE A CD1 1 
ATOM   715  N  N   . ASP A 1 90  ? 1.828   -8.063  11.215  1.00 39.39 ? 121 ASP A N   1 
ATOM   716  C  CA  . ASP A 1 90  ? 0.414   -8.283  11.357  1.00 39.28 ? 121 ASP A CA  1 
ATOM   717  C  C   . ASP A 1 90  ? -0.412  -7.080  10.884  1.00 37.70 ? 121 ASP A C   1 
ATOM   718  O  O   . ASP A 1 90  ? -1.515  -7.260  10.409  1.00 36.49 ? 121 ASP A O   1 
ATOM   719  C  CB  . ASP A 1 90  ? 0.061   -8.580  12.819  1.00 39.95 ? 121 ASP A CB  1 
ATOM   720  C  CG  . ASP A 1 90  ? 0.395   -10.011 13.239  1.00 43.19 ? 121 ASP A CG  1 
ATOM   721  O  OD1 . ASP A 1 90  ? 0.612   -10.897 12.381  1.00 46.43 ? 121 ASP A OD1 1 
ATOM   722  O  OD2 . ASP A 1 90  ? 0.455   -10.327 14.451  1.00 48.92 ? 121 ASP A OD2 1 
ATOM   723  N  N   . ASP A 1 91  ? 0.103   -5.867  11.083  1.00 36.22 ? 122 ASP A N   1 
ATOM   724  C  CA  . ASP A 1 91  ? -0.502  -4.664  10.509  1.00 35.28 ? 122 ASP A CA  1 
ATOM   725  C  C   . ASP A 1 91  ? -0.431  -4.660  8.974   1.00 34.39 ? 122 ASP A C   1 
ATOM   726  O  O   . ASP A 1 91  ? -1.389  -4.277  8.297   1.00 32.76 ? 122 ASP A O   1 
ATOM   727  C  CB  . ASP A 1 91  ? 0.130   -3.395  11.095  1.00 35.15 ? 122 ASP A CB  1 
ATOM   728  C  CG  . ASP A 1 91  ? -0.181  -3.229  12.602  1.00 36.52 ? 122 ASP A CG  1 
ATOM   729  O  OD1 . ASP A 1 91  ? -0.690  -4.183  13.240  1.00 37.78 ? 122 ASP A OD1 1 
ATOM   730  O  OD2 . ASP A 1 91  ? 0.053   -2.192  13.231  1.00 38.49 ? 122 ASP A OD2 1 
ATOM   731  N  N   . LYS A 1 92  ? 0.705   -5.091  8.438   1.00 33.54 ? 123 LYS A N   1 
ATOM   732  C  CA  . LYS A 1 92  ? 0.889   -5.177  6.996   1.00 33.15 ? 123 LYS A CA  1 
ATOM   733  C  C   . LYS A 1 92  ? -0.046  -6.218  6.361   1.00 33.30 ? 123 LYS A C   1 
ATOM   734  O  O   . LYS A 1 92  ? -0.596  -5.998  5.295   1.00 32.66 ? 123 LYS A O   1 
ATOM   735  C  CB  . LYS A 1 92  ? 2.331   -5.514  6.671   1.00 32.84 ? 123 LYS A CB  1 
ATOM   736  C  CG  . LYS A 1 92  ? 3.325   -4.405  7.077   1.00 32.04 ? 123 LYS A CG  1 
ATOM   737  C  CD  . LYS A 1 92  ? 4.684   -4.736  6.555   1.00 29.70 ? 123 LYS A CD  1 
ATOM   738  C  CE  . LYS A 1 92  ? 5.756   -3.796  7.136   1.00 30.01 ? 123 LYS A CE  1 
ATOM   739  N  NZ  . LYS A 1 92  ? 5.650   -2.368  6.637   1.00 27.23 ? 123 LYS A NZ  1 
ATOM   740  N  N   . ILE A 1 93  ? -0.222  -7.341  7.037   1.00 33.49 ? 124 ILE A N   1 
ATOM   741  C  CA  . ILE A 1 93  ? -1.080  -8.411  6.566   1.00 34.09 ? 124 ILE A CA  1 
ATOM   742  C  C   . ILE A 1 93  ? -2.509  -7.959  6.624   1.00 34.45 ? 124 ILE A C   1 
ATOM   743  O  O   . ILE A 1 93  ? -3.264  -8.211  5.712   1.00 35.14 ? 124 ILE A O   1 
ATOM   744  C  CB  . ILE A 1 93  ? -0.913  -9.703  7.412   1.00 34.35 ? 124 ILE A CB  1 
ATOM   745  C  CG1 . ILE A 1 93  ? 0.486   -10.284 7.212   1.00 34.49 ? 124 ILE A CG1 1 
ATOM   746  C  CG2 . ILE A 1 93  ? -1.982  -10.747 7.025   1.00 34.11 ? 124 ILE A CG2 1 
ATOM   747  C  CD1 . ILE A 1 93  ? 0.858   -11.447 8.161   1.00 34.81 ? 124 ILE A CD1 1 
ATOM   748  N  N   . HIS A 1 94  ? -2.873  -7.301  7.710   1.00 34.43 ? 125 HIS A N   1 
ATOM   749  C  CA  . HIS A 1 94  ? -4.228  -6.860  7.907   1.00 34.95 ? 125 HIS A CA  1 
ATOM   750  C  C   . HIS A 1 94  ? -4.593  -5.787  6.879   1.00 33.94 ? 125 HIS A C   1 
ATOM   751  O  O   . HIS A 1 94  ? -5.628  -5.881  6.231   1.00 33.89 ? 125 HIS A O   1 
ATOM   752  C  CB  . HIS A 1 94  ? -4.401  -6.321  9.318   1.00 35.25 ? 125 HIS A CB  1 
ATOM   753  C  CG  . HIS A 1 94  ? -5.759  -5.765  9.576   1.00 39.41 ? 125 HIS A CG  1 
ATOM   754  N  ND1 . HIS A 1 94  ? -5.990  -4.412  9.719   1.00 43.80 ? 125 HIS A ND1 1 
ATOM   755  C  CD2 . HIS A 1 94  ? -6.968  -6.369  9.663   1.00 40.81 ? 125 HIS A CD2 1 
ATOM   756  C  CE1 . HIS A 1 94  ? -7.284  -4.214  9.911   1.00 43.82 ? 125 HIS A CE1 1 
ATOM   757  N  NE2 . HIS A 1 94  ? -7.897  -5.384  9.875   1.00 41.39 ? 125 HIS A NE2 1 
ATOM   758  N  N   . PHE A 1 95  ? -3.745  -4.770  6.742   1.00 32.64 ? 126 PHE A N   1 
ATOM   759  C  CA  . PHE A 1 95  ? -3.987  -3.701  5.798   1.00 31.77 ? 126 PHE A CA  1 
ATOM   760  C  C   . PHE A 1 95  ? -4.042  -4.209  4.340   1.00 31.31 ? 126 PHE A C   1 
ATOM   761  O  O   . PHE A 1 95  ? -4.909  -3.797  3.578   1.00 30.89 ? 126 PHE A O   1 
ATOM   762  C  CB  . PHE A 1 95  ? -2.938  -2.591  5.880   1.00 31.45 ? 126 PHE A CB  1 
ATOM   763  C  CG  . PHE A 1 95  ? -3.160  -1.518  4.853   1.00 30.98 ? 126 PHE A CG  1 
ATOM   764  C  CD1 . PHE A 1 95  ? -4.107  -0.539  5.066   1.00 31.21 ? 126 PHE A CD1 1 
ATOM   765  C  CD2 . PHE A 1 95  ? -2.521  -1.570  3.633   1.00 30.86 ? 126 PHE A CD2 1 
ATOM   766  C  CE1 . PHE A 1 95  ? -4.372  0.420   4.102   1.00 33.02 ? 126 PHE A CE1 1 
ATOM   767  C  CE2 . PHE A 1 95  ? -2.746  -0.607  2.678   1.00 31.40 ? 126 PHE A CE2 1 
ATOM   768  C  CZ  . PHE A 1 95  ? -3.696  0.391   2.908   1.00 32.03 ? 126 PHE A CZ  1 
ATOM   769  N  N   . SER A 1 96  ? -3.102  -5.069  3.955   1.00 31.22 ? 127 SER A N   1 
ATOM   770  C  CA  . SER A 1 96  ? -3.073  -5.582  2.589   1.00 31.15 ? 127 SER A CA  1 
ATOM   771  C  C   . SER A 1 96  ? -4.348  -6.352  2.239   1.00 31.27 ? 127 SER A C   1 
ATOM   772  O  O   . SER A 1 96  ? -4.814  -6.281  1.122   1.00 30.69 ? 127 SER A O   1 
ATOM   773  C  CB  . SER A 1 96  ? -1.846  -6.454  2.310   1.00 31.61 ? 127 SER A CB  1 
ATOM   774  O  OG  . SER A 1 96  ? -1.632  -7.480  3.285   1.00 29.58 ? 127 SER A OG  1 
ATOM   775  N  N   . PHE A 1 97  ? -4.902  -7.076  3.194   1.00 32.07 ? 128 PHE A N   1 
ATOM   776  C  CA  . PHE A 1 97  ? -6.184  -7.729  2.996   1.00 33.29 ? 128 PHE A CA  1 
ATOM   777  C  C   . PHE A 1 97  ? -7.298  -6.738  2.675   1.00 33.76 ? 128 PHE A C   1 
ATOM   778  O  O   . PHE A 1 97  ? -8.012  -6.946  1.713   1.00 32.88 ? 128 PHE A O   1 
ATOM   779  C  CB  . PHE A 1 97  ? -6.597  -8.543  4.206   1.00 33.62 ? 128 PHE A CB  1 
ATOM   780  C  CG  . PHE A 1 97  ? -7.799  -9.419  3.946   1.00 35.90 ? 128 PHE A CG  1 
ATOM   781  C  CD1 . PHE A 1 97  ? -7.681  -10.549 3.163   1.00 35.97 ? 128 PHE A CD1 1 
ATOM   782  C  CD2 . PHE A 1 97  ? -9.042  -9.079  4.443   1.00 39.75 ? 128 PHE A CD2 1 
ATOM   783  C  CE1 . PHE A 1 97  ? -8.747  -11.346 2.916   1.00 38.89 ? 128 PHE A CE1 1 
ATOM   784  C  CE2 . PHE A 1 97  ? -10.138 -9.881  4.198   1.00 40.93 ? 128 PHE A CE2 1 
ATOM   785  C  CZ  . PHE A 1 97  ? -9.987  -11.023 3.427   1.00 40.38 ? 128 PHE A CZ  1 
ATOM   786  N  N   . GLN A 1 98  ? -7.416  -5.664  3.470   1.00 35.33 ? 129 GLN A N   1 
ATOM   787  C  CA  . GLN A 1 98  ? -8.412  -4.588  3.250   1.00 36.48 ? 129 GLN A CA  1 
ATOM   788  C  C   . GLN A 1 98  ? -8.293  -4.006  1.865   1.00 36.05 ? 129 GLN A C   1 
ATOM   789  O  O   . GLN A 1 98  ? -9.281  -3.657  1.227   1.00 36.48 ? 129 GLN A O   1 
ATOM   790  C  CB  . GLN A 1 98  ? -8.243  -3.418  4.245   1.00 36.79 ? 129 GLN A CB  1 
ATOM   791  C  CG  . GLN A 1 98  ? -8.270  -3.777  5.708   1.00 41.31 ? 129 GLN A CG  1 
ATOM   792  C  CD  . GLN A 1 98  ? -9.475  -4.588  6.068   1.00 47.00 ? 129 GLN A CD  1 
ATOM   793  O  OE1 . GLN A 1 98  ? -10.602 -4.230  5.687   1.00 47.92 ? 129 GLN A OE1 1 
ATOM   794  N  NE2 . GLN A 1 98  ? -9.256  -5.703  6.775   1.00 49.85 ? 129 GLN A NE2 1 
ATOM   795  N  N   . LEU A 1 99  ? -7.055  -3.880  1.415   1.00 35.92 ? 130 LEU A N   1 
ATOM   796  C  CA  . LEU A 1 99  ? -6.738  -3.384  0.081   1.00 35.88 ? 130 LEU A CA  1 
ATOM   797  C  C   . LEU A 1 99  ? -7.373  -4.199  -1.045  1.00 35.44 ? 130 LEU A C   1 
ATOM   798  O  O   . LEU A 1 99  ? -7.927  -3.647  -2.020  1.00 35.27 ? 130 LEU A O   1 
ATOM   799  C  CB  . LEU A 1 99  ? -5.239  -3.438  -0.059  1.00 36.67 ? 130 LEU A CB  1 
ATOM   800  C  CG  . LEU A 1 99  ? -4.387  -2.649  -1.010  1.00 38.28 ? 130 LEU A CG  1 
ATOM   801  C  CD1 . LEU A 1 99  ? -4.545  -1.170  -0.810  1.00 42.42 ? 130 LEU A CD1 1 
ATOM   802  C  CD2 . LEU A 1 99  ? -2.983  -3.011  -0.632  1.00 39.27 ? 130 LEU A CD2 1 
ATOM   803  N  N   . TYR A 1 100 ? -7.263  -5.520  -0.946  1.00 34.19 ? 131 TYR A N   1 
ATOM   804  C  CA  . TYR A 1 100 ? -7.759  -6.365  -2.019  1.00 33.78 ? 131 TYR A CA  1 
ATOM   805  C  C   . TYR A 1 100 ? -9.203  -6.709  -1.803  1.00 34.11 ? 131 TYR A C   1 
ATOM   806  O  O   . TYR A 1 100 ? -9.882  -6.965  -2.776  1.00 34.48 ? 131 TYR A O   1 
ATOM   807  C  CB  . TYR A 1 100 ? -6.909  -7.605  -2.213  1.00 33.23 ? 131 TYR A CB  1 
ATOM   808  C  CG  . TYR A 1 100 ? -5.491  -7.265  -2.545  1.00 32.88 ? 131 TYR A CG  1 
ATOM   809  C  CD1 . TYR A 1 100 ? -4.496  -7.541  -1.659  1.00 33.57 ? 131 TYR A CD1 1 
ATOM   810  C  CD2 . TYR A 1 100 ? -5.146  -6.649  -3.748  1.00 34.79 ? 131 TYR A CD2 1 
ATOM   811  C  CE1 . TYR A 1 100 ? -3.178  -7.231  -1.922  1.00 37.15 ? 131 TYR A CE1 1 
ATOM   812  C  CE2 . TYR A 1 100 ? -3.795  -6.314  -4.026  1.00 36.45 ? 131 TYR A CE2 1 
ATOM   813  C  CZ  . TYR A 1 100 ? -2.819  -6.614  -3.100  1.00 37.21 ? 131 TYR A CZ  1 
ATOM   814  O  OH  . TYR A 1 100 ? -1.450  -6.352  -3.282  1.00 41.30 ? 131 TYR A OH  1 
ATOM   815  N  N   . ASP A 1 101 ? -9.687  -6.641  -0.550  1.00 34.54 ? 132 ASP A N   1 
ATOM   816  C  CA  . ASP A 1 101 ? -11.117 -6.817  -0.233  1.00 35.15 ? 132 ASP A CA  1 
ATOM   817  C  C   . ASP A 1 101 ? -11.881 -5.527  -0.531  1.00 36.31 ? 132 ASP A C   1 
ATOM   818  O  O   . ASP A 1 101 ? -12.390 -4.867  0.376   1.00 35.79 ? 132 ASP A O   1 
ATOM   819  C  CB  . ASP A 1 101 ? -11.318 -7.232  1.238   1.00 34.79 ? 132 ASP A CB  1 
ATOM   820  C  CG  . ASP A 1 101 ? -12.777 -7.553  1.576   1.00 34.66 ? 132 ASP A CG  1 
ATOM   821  O  OD1 . ASP A 1 101 ? -13.630 -7.716  0.678   1.00 34.57 ? 132 ASP A OD1 1 
ATOM   822  O  OD2 . ASP A 1 101 ? -13.168 -7.664  2.731   1.00 34.99 ? 132 ASP A OD2 1 
ATOM   823  N  N   . LEU A 1 102 ? -11.956 -5.182  -1.810  1.00 37.47 ? 133 LEU A N   1 
ATOM   824  C  CA  . LEU A 1 102 ? -12.599 -3.960  -2.277  1.00 39.12 ? 133 LEU A CA  1 
ATOM   825  C  C   . LEU A 1 102 ? -14.042 -3.814  -1.818  1.00 40.27 ? 133 LEU A C   1 
ATOM   826  O  O   . LEU A 1 102 ? -14.461 -2.736  -1.415  1.00 41.44 ? 133 LEU A O   1 
ATOM   827  C  CB  . LEU A 1 102 ? -12.560 -3.950  -3.808  1.00 39.52 ? 133 LEU A CB  1 
ATOM   828  C  CG  . LEU A 1 102 ? -12.635 -2.641  -4.537  1.00 41.07 ? 133 LEU A CG  1 
ATOM   829  C  CD1 . LEU A 1 102 ? -11.597 -1.666  -4.030  1.00 42.84 ? 133 LEU A CD1 1 
ATOM   830  C  CD2 . LEU A 1 102 ? -12.415 -2.922  -6.028  1.00 43.40 ? 133 LEU A CD2 1 
ATOM   831  N  N   . LYS A 1 103 ? -14.791 -4.914  -1.858  1.00 42.01 ? 134 LYS A N   1 
ATOM   832  C  CA  . LYS A 1 103 ? -16.195 -4.937  -1.440  1.00 42.54 ? 134 LYS A CA  1 
ATOM   833  C  C   . LYS A 1 103 ? -16.402 -5.033  0.067   1.00 42.82 ? 134 LYS A C   1 
ATOM   834  O  O   . LYS A 1 103 ? -17.538 -5.092  0.510   1.00 43.11 ? 134 LYS A O   1 
ATOM   835  C  CB  . LYS A 1 103 ? -16.911 -6.119  -2.085  1.00 43.40 ? 134 LYS A CB  1 
ATOM   836  C  CG  . LYS A 1 103 ? -16.945 -6.127  -3.615  1.00 44.79 ? 134 LYS A CG  1 
ATOM   837  C  CD  . LYS A 1 103 ? -17.556 -7.443  -4.081  1.00 48.56 ? 134 LYS A CD  1 
ATOM   838  C  CE  . LYS A 1 103 ? -17.511 -7.651  -5.582  1.00 50.56 ? 134 LYS A CE  1 
ATOM   839  N  NZ  . LYS A 1 103 ? -17.538 -9.126  -5.852  1.00 54.65 ? 134 LYS A NZ  1 
ATOM   840  N  N   . GLN A 1 104 ? -15.315 -5.082  0.843   1.00 42.51 ? 135 GLN A N   1 
ATOM   841  C  CA  . GLN A 1 104 ? -15.380 -5.099  2.301   1.00 42.05 ? 135 GLN A CA  1 
ATOM   842  C  C   . GLN A 1 104 ? -16.354 -6.162  2.827   1.00 41.43 ? 135 GLN A C   1 
ATOM   843  O  O   . GLN A 1 104 ? -17.129 -5.911  3.735   1.00 42.51 ? 135 GLN A O   1 
ATOM   844  C  CB  . GLN A 1 104 ? -15.742 -3.707  2.838   1.00 42.22 ? 135 GLN A CB  1 
ATOM   845  C  CG  . GLN A 1 104 ? -14.829 -2.540  2.515   0.00 39.92 ? 135 GLN A CG  1 
ATOM   846  C  CD  . GLN A 1 104 ? -13.491 -2.717  3.213   0.00 39.85 ? 135 GLN A CD  1 
ATOM   847  O  OE1 . GLN A 1 104 ? -13.199 -2.050  4.207   0.00 39.90 ? 135 GLN A OE1 1 
ATOM   848  N  NE2 . GLN A 1 104 ? -12.672 -3.624  2.697   0.00 39.90 ? 135 GLN A NE2 1 
ATOM   849  N  N   . GLN A 1 105 ? -16.257 -7.359  2.253   1.00 40.15 ? 136 GLN A N   1 
ATOM   850  C  CA  . GLN A 1 105 ? -17.116 -8.506  2.561   1.00 38.63 ? 136 GLN A CA  1 
ATOM   851  C  C   . GLN A 1 105 ? -16.410 -9.569  3.414   1.00 37.20 ? 136 GLN A C   1 
ATOM   852  O  O   . GLN A 1 105 ? -16.991 -10.596 3.775   1.00 36.22 ? 136 GLN A O   1 
ATOM   853  C  CB  . GLN A 1 105 ? -17.611 -9.116  1.248   1.00 39.16 ? 136 GLN A CB  1 
ATOM   854  C  CG  . GLN A 1 105 ? -16.560 -9.916  0.506   1.00 39.88 ? 136 GLN A CG  1 
ATOM   855  C  CD  . GLN A 1 105 ? -16.863 -10.096 -0.962  1.00 42.17 ? 136 GLN A CD  1 
ATOM   856  O  OE1 . GLN A 1 105 ? -17.998 -9.855  -1.397  1.00 43.22 ? 136 GLN A OE1 1 
ATOM   857  N  NE2 . GLN A 1 105 ? -15.850 -10.535 -1.737  1.00 40.93 ? 136 GLN A NE2 1 
ATOM   858  N  N   . GLY A 1 106 ? -15.154 -9.309  3.766   1.00 35.80 ? 137 GLY A N   1 
ATOM   859  C  CA  . GLY A 1 106 ? -14.409 -10.199 4.621   1.00 34.81 ? 137 GLY A CA  1 
ATOM   860  C  C   . GLY A 1 106 ? -13.777 -11.374 3.909   1.00 33.98 ? 137 GLY A C   1 
ATOM   861  O  O   . GLY A 1 106 ? -13.285 -12.292 4.543   1.00 33.90 ? 137 GLY A O   1 
ATOM   862  N  N   . PHE A 1 107 ? -13.778 -11.363 2.592   1.00 33.58 ? 138 PHE A N   1 
ATOM   863  C  CA  . PHE A 1 107 ? -13.073 -12.401 1.828   1.00 33.50 ? 138 PHE A CA  1 
ATOM   864  C  C   . PHE A 1 107 ? -12.785 -11.920 0.427   1.00 33.27 ? 138 PHE A C   1 
ATOM   865  O  O   . PHE A 1 107 ? -13.433 -10.987 -0.053  1.00 32.85 ? 138 PHE A O   1 
ATOM   866  C  CB  . PHE A 1 107 ? -13.887 -13.707 1.784   1.00 34.16 ? 138 PHE A CB  1 
ATOM   867  C  CG  . PHE A 1 107 ? -15.334 -13.544 1.297   1.00 34.02 ? 138 PHE A CG  1 
ATOM   868  C  CD1 . PHE A 1 107 ? -15.635 -13.670 -0.044  1.00 34.14 ? 138 PHE A CD1 1 
ATOM   869  C  CD2 . PHE A 1 107 ? -16.390 -13.360 2.205   1.00 37.20 ? 138 PHE A CD2 1 
ATOM   870  C  CE1 . PHE A 1 107 ? -16.934 -13.556 -0.507  1.00 35.52 ? 138 PHE A CE1 1 
ATOM   871  C  CE2 . PHE A 1 107 ? -17.711 -13.246 1.761   1.00 35.90 ? 138 PHE A CE2 1 
ATOM   872  C  CZ  . PHE A 1 107 ? -17.980 -13.348 0.397   1.00 37.13 ? 138 PHE A CZ  1 
ATOM   873  N  N   . ILE A 1 108 ? -11.813 -12.538 -0.230  1.00 33.38 ? 139 ILE A N   1 
ATOM   874  C  CA  . ILE A 1 108 ? -11.548 -12.211 -1.619  1.00 33.86 ? 139 ILE A CA  1 
ATOM   875  C  C   . ILE A 1 108 ? -11.834 -13.372 -2.579  1.00 33.75 ? 139 ILE A C   1 
ATOM   876  O  O   . ILE A 1 108 ? -11.534 -14.539 -2.316  1.00 34.08 ? 139 ILE A O   1 
ATOM   877  C  CB  . ILE A 1 108 ? -10.119 -11.646 -1.809  1.00 34.09 ? 139 ILE A CB  1 
ATOM   878  C  CG1 . ILE A 1 108 ? -9.051  -12.594 -1.285  1.00 35.33 ? 139 ILE A CG1 1 
ATOM   879  C  CG2 . ILE A 1 108 ? -9.999  -10.280 -1.143  1.00 34.58 ? 139 ILE A CG2 1 
ATOM   880  C  CD1 . ILE A 1 108 ? -7.669  -12.072 -1.513  1.00 36.00 ? 139 ILE A CD1 1 
ATOM   881  N  N   . GLU A 1 109 ? -12.442 -13.030 -3.695  1.00 33.55 ? 140 GLU A N   1 
ATOM   882  C  CA  . GLU A 1 109 ? -12.736 -13.977 -4.748  1.00 34.55 ? 140 GLU A CA  1 
ATOM   883  C  C   . GLU A 1 109 ? -11.722 -13.801 -5.892  1.00 34.29 ? 140 GLU A C   1 
ATOM   884  O  O   . GLU A 1 109 ? -10.760 -13.052 -5.738  1.00 34.45 ? 140 GLU A O   1 
ATOM   885  C  CB  . GLU A 1 109 ? -14.194 -13.789 -5.198  1.00 34.79 ? 140 GLU A CB  1 
ATOM   886  C  CG  . GLU A 1 109 ? -15.197 -14.151 -4.110  1.00 36.82 ? 140 GLU A CG  1 
ATOM   887  C  CD  . GLU A 1 109 ? -16.571 -13.563 -4.366  1.00 39.15 ? 140 GLU A CD  1 
ATOM   888  O  OE1 . GLU A 1 109 ? -17.458 -14.346 -4.706  1.00 40.06 ? 140 GLU A OE1 1 
ATOM   889  O  OE2 . GLU A 1 109 ? -16.765 -12.324 -4.250  1.00 40.45 ? 140 GLU A OE2 1 
ATOM   890  N  N   . ARG A 1 110 ? -11.913 -14.496 -7.010  1.00 34.17 ? 141 ARG A N   1 
ATOM   891  C  CA  . ARG A 1 110 ? -10.953 -14.457 -8.119  1.00 34.96 ? 141 ARG A CA  1 
ATOM   892  C  C   . ARG A 1 110 ? -10.672 -13.077 -8.675  1.00 35.46 ? 141 ARG A C   1 
ATOM   893  O  O   . ARG A 1 110 ? -9.568  -12.772 -9.096  1.00 35.24 ? 141 ARG A O   1 
ATOM   894  C  CB  . ARG A 1 110 ? -11.432 -15.354 -9.259  1.00 34.95 ? 141 ARG A CB  1 
ATOM   895  C  CG  . ARG A 1 110 ? -11.322 -16.840 -8.957  1.00 34.78 ? 141 ARG A CG  1 
ATOM   896  C  CD  . ARG A 1 110 ? -11.829 -17.727 -10.102 1.00 35.87 ? 141 ARG A CD  1 
ATOM   897  N  NE  . ARG A 1 110 ? -10.966 -17.666 -11.284 1.00 34.90 ? 141 ARG A NE  1 
ATOM   898  C  CZ  . ARG A 1 110 ? -9.840  -18.351 -11.417 1.00 34.86 ? 141 ARG A CZ  1 
ATOM   899  N  NH1 . ARG A 1 110 ? -9.423  -19.157 -10.458 1.00 36.41 ? 141 ARG A NH1 1 
ATOM   900  N  NH2 . ARG A 1 110 ? -9.109  -18.216 -12.514 1.00 36.74 ? 141 ARG A NH2 1 
ATOM   901  N  N   . GLN A 1 111 ? -11.691 -12.242 -8.731  1.00 36.08 ? 142 GLN A N   1 
ATOM   902  C  CA  . GLN A 1 111 ? -11.522 -10.949 -9.332  1.00 36.92 ? 142 GLN A CA  1 
ATOM   903  C  C   . GLN A 1 111 ? -10.596 -10.116 -8.462  1.00 36.65 ? 142 GLN A C   1 
ATOM   904  O  O   . GLN A 1 111 ? -9.806  -9.329  -8.963  1.00 36.64 ? 142 GLN A O   1 
ATOM   905  C  CB  . GLN A 1 111 ? -12.884 -10.290 -9.457  1.00 37.86 ? 142 GLN A CB  1 
ATOM   906  C  CG  . GLN A 1 111 ? -12.901 -8.846  -9.849  1.00 41.28 ? 142 GLN A CG  1 
ATOM   907  C  CD  . GLN A 1 111 ? -14.343 -8.407  -10.119 1.00 48.13 ? 142 GLN A CD  1 
ATOM   908  O  OE1 . GLN A 1 111 ? -15.125 -8.204  -9.168  1.00 50.04 ? 142 GLN A OE1 1 
ATOM   909  N  NE2 . GLN A 1 111 ? -14.710 -8.303  -11.410 1.00 50.80 ? 142 GLN A NE2 1 
ATOM   910  N  N   . GLU A 1 112 ? -10.712 -10.280 -7.148  1.00 36.20 ? 143 GLU A N   1 
ATOM   911  C  CA  . GLU A 1 112 ? -9.866  -9.556  -6.206  1.00 36.36 ? 143 GLU A CA  1 
ATOM   912  C  C   . GLU A 1 112 ? -8.482  -10.183 -6.150  1.00 35.42 ? 143 GLU A C   1 
ATOM   913  O  O   . GLU A 1 112 ? -7.473  -9.478  -6.138  1.00 34.61 ? 143 GLU A O   1 
ATOM   914  C  CB  . GLU A 1 112 ? -10.507 -9.503  -4.813  1.00 36.33 ? 143 GLU A CB  1 
ATOM   915  C  CG  . GLU A 1 112 ? -11.784 -8.676  -4.777  1.00 38.30 ? 143 GLU A CG  1 
ATOM   916  C  CD  . GLU A 1 112 ? -13.057 -9.470  -5.077  1.00 41.49 ? 143 GLU A CD  1 
ATOM   917  O  OE1 . GLU A 1 112 ? -14.117 -8.845  -5.258  1.00 47.31 ? 143 GLU A OE1 1 
ATOM   918  O  OE2 . GLU A 1 112 ? -13.026 -10.706 -5.136  1.00 43.10 ? 143 GLU A OE2 1 
ATOM   919  N  N   . VAL A 1 113 ? -8.432  -11.504 -6.111  1.00 35.23 ? 144 VAL A N   1 
ATOM   920  C  CA  . VAL A 1 113 ? -7.163  -12.220 -6.217  1.00 35.93 ? 144 VAL A CA  1 
ATOM   921  C  C   . VAL A 1 113 ? -6.426  -11.842 -7.509  1.00 36.69 ? 144 VAL A C   1 
ATOM   922  O  O   . VAL A 1 113 ? -5.203  -11.762 -7.506  1.00 37.13 ? 144 VAL A O   1 
ATOM   923  C  CB  . VAL A 1 113 ? -7.355  -13.745 -6.127  1.00 35.61 ? 144 VAL A CB  1 
ATOM   924  C  CG1 . VAL A 1 113 ? -6.083  -14.490 -6.503  1.00 36.97 ? 144 VAL A CG1 1 
ATOM   925  C  CG2 . VAL A 1 113 ? -7.787  -14.140 -4.724  1.00 36.09 ? 144 VAL A CG2 1 
ATOM   926  N  N   . LYS A 1 114 ? -7.151  -11.571 -8.589  1.00 37.48 ? 145 LYS A N   1 
ATOM   927  C  CA  . LYS A 1 114 ? -6.528  -11.149 -9.838  1.00 38.81 ? 145 LYS A CA  1 
ATOM   928  C  C   . LYS A 1 114 ? -5.765  -9.859  -9.611  1.00 38.94 ? 145 LYS A C   1 
ATOM   929  O  O   . LYS A 1 114 ? -4.644  -9.738  -10.080 1.00 39.00 ? 145 LYS A O   1 
ATOM   930  C  CB  . LYS A 1 114 ? -7.547  -10.945 -10.960 1.00 39.33 ? 145 LYS A CB  1 
ATOM   931  C  CG  . LYS A 1 114 ? -6.975  -10.299 -12.244 1.00 43.33 ? 145 LYS A CG  1 
ATOM   932  C  CD  . LYS A 1 114 ? -7.969  -10.471 -13.442 1.00 48.10 ? 145 LYS A CD  1 
ATOM   933  C  CE  . LYS A 1 114 ? -7.336  -10.353 -14.852 1.00 51.27 ? 145 LYS A CE  1 
ATOM   934  N  NZ  . LYS A 1 114 ? -8.080  -11.123 -15.947 1.00 52.70 ? 145 LYS A NZ  1 
ATOM   935  N  N   . GLN A 1 115 ? -6.372  -8.904  -8.899  1.00 38.18 ? 146 GLN A N   1 
ATOM   936  C  CA  . GLN A 1 115 ? -5.731  -7.625  -8.620  1.00 37.55 ? 146 GLN A CA  1 
ATOM   937  C  C   . GLN A 1 115 ? -4.488  -7.819  -7.783  1.00 36.43 ? 146 GLN A C   1 
ATOM   938  O  O   . GLN A 1 115 ? -3.474  -7.188  -8.034  1.00 35.95 ? 146 GLN A O   1 
ATOM   939  C  CB  . GLN A 1 115 ? -6.671  -6.648  -7.898  1.00 38.31 ? 146 GLN A CB  1 
ATOM   940  C  CG  . GLN A 1 115 ? -8.012  -6.387  -8.598  1.00 40.34 ? 146 GLN A CG  1 
ATOM   941  C  CD  . GLN A 1 115 ? -7.855  -5.992  -10.048 1.00 46.36 ? 146 GLN A CD  1 
ATOM   942  O  OE1 . GLN A 1 115 ? -7.038  -5.132  -10.380 1.00 49.22 ? 146 GLN A OE1 1 
ATOM   943  N  NE2 . GLN A 1 115 ? -8.623  -6.640  -10.931 1.00 52.56 ? 146 GLN A NE2 1 
ATOM   944  N  N   . MET A 1 116 ? -4.554  -8.693  -6.792  1.00 35.21 ? 147 MET A N   1 
ATOM   945  C  CA  . MET A 1 116 ? -3.383  -8.984  -5.967  1.00 35.05 ? 147 MET A CA  1 
ATOM   946  C  C   . MET A 1 116 ? -2.237  -9.568  -6.807  1.00 34.83 ? 147 MET A C   1 
ATOM   947  O  O   . MET A 1 116 ? -1.092  -9.172  -6.650  1.00 33.43 ? 147 MET A O   1 
ATOM   948  C  CB  . MET A 1 116 ? -3.773  -9.909  -4.826  1.00 35.26 ? 147 MET A CB  1 
ATOM   949  C  CG  . MET A 1 116 ? -2.679  -10.279 -3.876  1.00 37.66 ? 147 MET A CG  1 
ATOM   950  S  SD  . MET A 1 116 ? -1.650  -11.625 -4.424  1.00 41.79 ? 147 MET A SD  1 
ATOM   951  C  CE  . MET A 1 116 ? -2.772  -12.999 -4.358  1.00 41.91 ? 147 MET A CE  1 
ATOM   952  N  N   . VAL A 1 117 ? -2.559  -10.478 -7.714  1.00 35.56 ? 148 VAL A N   1 
ATOM   953  C  CA  . VAL A 1 117 ? -1.575  -11.097 -8.609  1.00 36.71 ? 148 VAL A CA  1 
ATOM   954  C  C   . VAL A 1 117 ? -0.933  -10.057 -9.528  1.00 37.10 ? 148 VAL A C   1 
ATOM   955  O  O   . VAL A 1 117 ? 0.281   -9.988  -9.645  1.00 37.04 ? 148 VAL A O   1 
ATOM   956  C  CB  . VAL A 1 117 ? -2.234  -12.203 -9.434  1.00 36.84 ? 148 VAL A CB  1 
ATOM   957  C  CG1 . VAL A 1 117 ? -1.390  -12.595 -10.686 1.00 38.25 ? 148 VAL A CG1 1 
ATOM   958  C  CG2 . VAL A 1 117 ? -2.505  -13.402 -8.535  1.00 37.24 ? 148 VAL A CG2 1 
ATOM   959  N  N   . VAL A 1 118 ? -1.759  -9.229  -10.140 1.00 37.61 ? 149 VAL A N   1 
ATOM   960  C  CA  . VAL A 1 118 ? -1.299  -8.152  -10.996 1.00 38.59 ? 149 VAL A CA  1 
ATOM   961  C  C   . VAL A 1 118 ? -0.356  -7.184  -10.240 1.00 39.42 ? 149 VAL A C   1 
ATOM   962  O  O   . VAL A 1 118 ? 0.698   -6.770  -10.747 1.00 38.31 ? 149 VAL A O   1 
ATOM   963  C  CB  . VAL A 1 118 ? -2.524  -7.394  -11.544 1.00 39.27 ? 149 VAL A CB  1 
ATOM   964  C  CG1 . VAL A 1 118 ? -2.145  -6.046  -12.131 1.00 41.03 ? 149 VAL A CG1 1 
ATOM   965  C  CG2 . VAL A 1 118 ? -3.246  -8.246  -12.600 1.00 39.43 ? 149 VAL A CG2 1 
ATOM   966  N  N   . ALA A 1 119 ? -0.743  -6.822  -9.021  1.00 39.49 ? 150 ALA A N   1 
ATOM   967  C  CA  . ALA A 1 119 ? 0.028   -5.888  -8.231  1.00 40.00 ? 150 ALA A CA  1 
ATOM   968  C  C   . ALA A 1 119 ? 1.341   -6.533  -7.822  1.00 40.53 ? 150 ALA A C   1 
ATOM   969  O  O   . ALA A 1 119 ? 2.354   -5.872  -7.756  1.00 40.94 ? 150 ALA A O   1 
ATOM   970  C  CB  . ALA A 1 119 ? -0.772  -5.451  -6.995  1.00 40.35 ? 150 ALA A CB  1 
ATOM   971  N  N   . THR A 1 120 ? 1.303   -7.830  -7.557  1.00 41.41 ? 151 THR A N   1 
ATOM   972  C  CA  . THR A 1 120 ? 2.453   -8.588  -7.091  1.00 42.93 ? 151 THR A CA  1 
ATOM   973  C  C   . THR A 1 120 ? 3.478   -8.760  -8.214  1.00 43.76 ? 151 THR A C   1 
ATOM   974  O  O   . THR A 1 120 ? 4.680   -8.661  -7.990  1.00 43.44 ? 151 THR A O   1 
ATOM   975  C  CB  . THR A 1 120 ? 1.979   -9.963  -6.582  1.00 42.45 ? 151 THR A CB  1 
ATOM   976  O  OG1 . THR A 1 120 ? 1.242   -9.786  -5.376  1.00 45.85 ? 151 THR A OG1 1 
ATOM   977  C  CG2 . THR A 1 120 ? 3.124   -10.792 -6.132  1.00 44.68 ? 151 THR A CG2 1 
ATOM   978  N  N   . LEU A 1 121 ? 2.988   -9.004  -9.426  1.00 44.68 ? 152 LEU A N   1 
ATOM   979  C  CA  . LEU A 1 121 ? 3.838   -9.090  -10.596 1.00 45.59 ? 152 LEU A CA  1 
ATOM   980  C  C   . LEU A 1 121 ? 4.421   -7.735  -10.935 1.00 46.65 ? 152 LEU A C   1 
ATOM   981  O  O   . LEU A 1 121 ? 5.602   -7.655  -11.251 1.00 47.20 ? 152 LEU A O   1 
ATOM   982  C  CB  . LEU A 1 121 ? 3.068   -9.650  -11.795 1.00 45.58 ? 152 LEU A CB  1 
ATOM   983  C  CG  . LEU A 1 121 ? 2.685   -11.122 -11.646 1.00 46.53 ? 152 LEU A CG  1 
ATOM   984  C  CD1 . LEU A 1 121 ? 1.761   -11.539 -12.763 1.00 47.90 ? 152 LEU A CD1 1 
ATOM   985  C  CD2 . LEU A 1 121 ? 3.908   -12.023 -11.587 1.00 47.20 ? 152 LEU A CD2 1 
ATOM   986  N  N   . ALA A 1 122 ? 3.615   -6.678  -10.853 1.00 47.52 ? 153 ALA A N   1 
ATOM   987  C  CA  . ALA A 1 122 ? 4.070   -5.324  -11.157 1.00 48.68 ? 153 ALA A CA  1 
ATOM   988  C  C   . ALA A 1 122 ? 5.283   -4.918  -10.315 1.00 49.81 ? 153 ALA A C   1 
ATOM   989  O  O   . ALA A 1 122 ? 6.186   -4.260  -10.828 1.00 49.70 ? 153 ALA A O   1 
ATOM   990  C  CB  . ALA A 1 122 ? 2.956   -4.329  -10.974 1.00 48.79 ? 153 ALA A CB  1 
ATOM   991  N  N   . GLU A 1 123 ? 5.292   -5.319  -9.037  1.00 51.07 ? 154 GLU A N   1 
ATOM   992  C  CA  . GLU A 1 123 ? 6.421   -5.083  -8.125  1.00 52.60 ? 154 GLU A CA  1 
ATOM   993  C  C   . GLU A 1 123 ? 7.730   -5.732  -8.580  1.00 52.80 ? 154 GLU A C   1 
ATOM   994  O  O   . GLU A 1 123 ? 8.792   -5.155  -8.402  1.00 52.90 ? 154 GLU A O   1 
ATOM   995  C  CB  . GLU A 1 123 ? 6.123   -5.603  -6.715  1.00 52.91 ? 154 GLU A CB  1 
ATOM   996  C  CG  . GLU A 1 123 ? 5.664   -4.531  -5.760  1.00 55.49 ? 154 GLU A CG  1 
ATOM   997  C  CD  . GLU A 1 123 ? 6.754   -3.559  -5.349  1.00 57.91 ? 154 GLU A CD  1 
ATOM   998  O  OE1 . GLU A 1 123 ? 7.815   -4.025  -4.876  1.00 59.72 ? 154 GLU A OE1 1 
ATOM   999  O  OE2 . GLU A 1 123 ? 6.538   -2.327  -5.495  1.00 59.47 ? 154 GLU A OE2 1 
ATOM   1000 N  N   . SER A 1 124 ? 7.629   -6.947  -9.104  1.00 53.31 ? 155 SER A N   1 
ATOM   1001 C  CA  . SER A 1 124 ? 8.743   -7.648  -9.747  1.00 53.79 ? 155 SER A CA  1 
ATOM   1002 C  C   . SER A 1 124 ? 9.040   -7.215  -11.194 1.00 53.81 ? 155 SER A C   1 
ATOM   1003 O  O   . SER A 1 124 ? 9.854   -7.840  -11.858 1.00 53.71 ? 155 SER A O   1 
ATOM   1004 C  CB  . SER A 1 124 ? 8.456   -9.152  -9.746  1.00 53.91 ? 155 SER A CB  1 
ATOM   1005 O  OG  . SER A 1 124 ? 8.432   -9.658  -8.431  1.00 55.22 ? 155 SER A OG  1 
ATOM   1006 N  N   . GLY A 1 125 ? 8.375   -6.173  -11.688 1.00 54.69 ? 156 GLY A N   1 
ATOM   1007 C  CA  . GLY A 1 125 ? 8.636   -5.631  -13.017 1.00 55.06 ? 156 GLY A CA  1 
ATOM   1008 C  C   . GLY A 1 125 ? 8.000   -6.403  -14.165 1.00 55.88 ? 156 GLY A C   1 
ATOM   1009 O  O   . GLY A 1 125 ? 8.463   -6.311  -15.300 1.00 55.37 ? 156 GLY A O   1 
ATOM   1010 N  N   . MET A 1 126 ? 6.897   -7.096  -13.879 1.00 56.31 ? 157 MET A N   1 
ATOM   1011 C  CA  . MET A 1 126 ? 6.310   -8.093  -14.774 1.00 57.05 ? 157 MET A CA  1 
ATOM   1012 C  C   . MET A 1 126 ? 4.834   -7.817  -15.065 1.00 57.04 ? 157 MET A C   1 
ATOM   1013 O  O   . MET A 1 126 ? 4.094   -7.465  -14.152 1.00 57.06 ? 157 MET A O   1 
ATOM   1014 C  CB  . MET A 1 126 ? 6.435   -9.447  -14.094 1.00 57.51 ? 157 MET A CB  1 
ATOM   1015 C  CG  . MET A 1 126 ? 6.698   -10.583 -15.012 1.00 59.46 ? 157 MET A CG  1 
ATOM   1016 S  SD  . MET A 1 126 ? 7.034   -12.123 -14.155 1.00 65.85 ? 157 MET A SD  1 
ATOM   1017 C  CE  . MET A 1 126 ? 8.177   -11.613 -12.849 1.00 63.32 ? 157 MET A CE  1 
ATOM   1018 N  N   . ASN A 1 127 ? 4.443   -7.961  -16.337 1.00 57.24 ? 158 ASN A N   1 
ATOM   1019 C  CA  . ASN A 1 127 ? 3.048   -7.840  -16.831 1.00 57.62 ? 158 ASN A CA  1 
ATOM   1020 C  C   . ASN A 1 127 ? 2.739   -9.040  -17.720 1.00 56.88 ? 158 ASN A C   1 
ATOM   1021 O  O   . ASN A 1 127 ? 3.429   -9.259  -18.706 1.00 56.94 ? 158 ASN A O   1 
ATOM   1022 C  CB  . ASN A 1 127 ? 2.834   -6.586  -17.700 1.00 58.06 ? 158 ASN A CB  1 
ATOM   1023 C  CG  . ASN A 1 127 ? 3.360   -5.313  -17.056 1.00 61.00 ? 158 ASN A CG  1 
ATOM   1024 O  OD1 . ASN A 1 127 ? 3.057   -5.006  -15.881 1.00 63.97 ? 158 ASN A OD1 1 
ATOM   1025 N  ND2 . ASN A 1 127 ? 4.156   -4.557  -17.820 1.00 63.12 ? 158 ASN A ND2 1 
ATOM   1026 N  N   . LEU A 1 128 ? 1.730   -9.825  -17.383 1.00 56.28 ? 159 LEU A N   1 
ATOM   1027 C  CA  . LEU A 1 128 ? 1.435   -11.035 -18.156 1.00 56.00 ? 159 LEU A CA  1 
ATOM   1028 C  C   . LEU A 1 128 ? 0.076   -10.933 -18.838 1.00 55.70 ? 159 LEU A C   1 
ATOM   1029 O  O   . LEU A 1 128 ? -0.750  -10.080 -18.483 1.00 55.43 ? 159 LEU A O   1 
ATOM   1030 C  CB  . LEU A 1 128 ? 1.554   -12.295 -17.293 1.00 55.64 ? 159 LEU A CB  1 
ATOM   1031 C  CG  . LEU A 1 128 ? 2.788   -12.322 -16.368 1.00 56.43 ? 159 LEU A CG  1 
ATOM   1032 C  CD1 . LEU A 1 128 ? 2.954   -13.651 -15.615 1.00 55.45 ? 159 LEU A CD1 1 
ATOM   1033 C  CD2 . LEU A 1 128 ? 4.054   -12.011 -17.134 1.00 57.13 ? 159 LEU A CD2 1 
ATOM   1034 N  N   . LYS A 1 129 ? -0.120  -11.782 -19.851 1.00 55.47 ? 160 LYS A N   1 
ATOM   1035 C  CA  . LYS A 1 129 ? -1.359  -11.810 -20.630 1.00 55.46 ? 160 LYS A CA  1 
ATOM   1036 C  C   . LYS A 1 129 ? -2.429  -12.397 -19.740 1.00 54.95 ? 160 LYS A C   1 
ATOM   1037 O  O   . LYS A 1 129 ? -2.128  -13.202 -18.858 1.00 54.45 ? 160 LYS A O   1 
ATOM   1038 C  CB  . LYS A 1 129 ? -1.223  -12.661 -21.904 1.00 55.42 ? 160 LYS A CB  1 
ATOM   1039 C  CG  . LYS A 1 129 ? -2.461  -12.844 -22.665 0.00 54.73 ? 160 LYS A CG  1 
ATOM   1040 C  CD  . LYS A 1 129 ? -2.783  -11.494 -23.289 0.00 54.46 ? 160 LYS A CD  1 
ATOM   1041 C  CE  . LYS A 1 129 ? -4.024  -11.573 -24.162 0.00 54.36 ? 160 LYS A CE  1 
ATOM   1042 N  NZ  . LYS A 1 129 ? -4.356  -10.256 -24.772 0.00 54.25 ? 160 LYS A NZ  1 
ATOM   1043 N  N   . ASP A 1 130 ? -3.675  -12.002 -19.993 1.00 54.87 ? 161 ASP A N   1 
ATOM   1044 C  CA  . ASP A 1 130 ? -4.814  -12.412 -19.168 1.00 54.39 ? 161 ASP A CA  1 
ATOM   1045 C  C   . ASP A 1 130 ? -4.838  -13.908 -18.856 1.00 53.50 ? 161 ASP A C   1 
ATOM   1046 O  O   . ASP A 1 130 ? -5.100  -14.284 -17.721 1.00 52.87 ? 161 ASP A O   1 
ATOM   1047 C  CB  . ASP A 1 130 ? -6.121  -11.991 -19.836 1.00 54.94 ? 161 ASP A CB  1 
ATOM   1048 C  CG  . ASP A 1 130 ? -6.364  -10.472 -19.777 1.00 57.04 ? 161 ASP A CG  1 
ATOM   1049 O  OD1 . ASP A 1 130 ? -5.753  -9.773  -18.923 1.00 57.90 ? 161 ASP A OD1 1 
ATOM   1050 O  OD2 . ASP A 1 130 ? -7.179  -9.896  -20.548 1.00 59.80 ? 161 ASP A OD2 1 
ATOM   1051 N  N   . THR A 1 131 ? -4.522  -14.749 -19.842 1.00 52.70 ? 162 THR A N   1 
ATOM   1052 C  CA  . THR A 1 131 ? -4.644  -16.212 -19.694 1.00 52.19 ? 162 THR A CA  1 
ATOM   1053 C  C   . THR A 1 131 ? -3.595  -16.817 -18.759 1.00 51.09 ? 162 THR A C   1 
ATOM   1054 O  O   . THR A 1 131 ? -3.867  -17.795 -18.046 1.00 51.13 ? 162 THR A O   1 
ATOM   1055 C  CB  . THR A 1 131 ? -4.612  -16.943 -21.092 1.00 52.70 ? 162 THR A CB  1 
ATOM   1056 O  OG1 . THR A 1 131 ? -3.284  -16.944 -21.641 1.00 53.98 ? 162 THR A OG1 1 
ATOM   1057 C  CG2 . THR A 1 131 ? -5.468  -16.198 -22.160 1.00 52.93 ? 162 THR A CG2 1 
ATOM   1058 N  N   . VAL A 1 132 ? -2.395  -16.249 -18.767 1.00 49.56 ? 163 VAL A N   1 
ATOM   1059 C  CA  . VAL A 1 132 ? -1.369  -16.607 -17.775 1.00 48.47 ? 163 VAL A CA  1 
ATOM   1060 C  C   . VAL A 1 132 ? -1.761  -16.145 -16.338 1.00 46.43 ? 163 VAL A C   1 
ATOM   1061 O  O   . VAL A 1 132 ? -1.521  -16.851 -15.369 1.00 46.50 ? 163 VAL A O   1 
ATOM   1062 C  CB  . VAL A 1 132 ? 0.028   -16.003 -18.116 1.00 48.82 ? 163 VAL A CB  1 
ATOM   1063 C  CG1 . VAL A 1 132 ? 1.127   -16.815 -17.420 1.00 49.75 ? 163 VAL A CG1 1 
ATOM   1064 C  CG2 . VAL A 1 132 ? 0.281   -15.913 -19.647 1.00 49.73 ? 163 VAL A CG2 1 
ATOM   1065 N  N   . ILE A 1 133 ? -2.345  -14.958 -16.215 1.00 44.83 ? 164 ILE A N   1 
ATOM   1066 C  CA  . ILE A 1 133 ? -2.851  -14.468 -14.937 1.00 43.98 ? 164 ILE A CA  1 
ATOM   1067 C  C   . ILE A 1 133 ? -3.849  -15.463 -14.367 1.00 43.05 ? 164 ILE A C   1 
ATOM   1068 O  O   . ILE A 1 133 ? -3.778  -15.790 -13.200 1.00 42.63 ? 164 ILE A O   1 
ATOM   1069 C  CB  . ILE A 1 133 ? -3.518  -13.076 -15.062 1.00 43.75 ? 164 ILE A CB  1 
ATOM   1070 C  CG1 . ILE A 1 133 ? -2.549  -12.030 -15.594 1.00 44.16 ? 164 ILE A CG1 1 
ATOM   1071 C  CG2 . ILE A 1 133 ? -4.081  -12.612 -13.688 1.00 43.34 ? 164 ILE A CG2 1 
ATOM   1072 C  CD1 . ILE A 1 133 ? -1.409  -11.727 -14.661 1.00 45.49 ? 164 ILE A CD1 1 
ATOM   1073 N  N   . GLU A 1 134 ? -4.738  -15.980 -15.210 1.00 43.14 ? 165 GLU A N   1 
ATOM   1074 C  CA  . GLU A 1 134 ? -5.769  -16.920 -14.770 1.00 43.57 ? 165 GLU A CA  1 
ATOM   1075 C  C   . GLU A 1 134 ? -5.167  -18.201 -14.208 1.00 43.60 ? 165 GLU A C   1 
ATOM   1076 O  O   . GLU A 1 134 ? -5.686  -18.743 -13.246 1.00 43.90 ? 165 GLU A O   1 
ATOM   1077 C  CB  . GLU A 1 134 ? -6.758  -17.260 -15.895 1.00 43.51 ? 165 GLU A CB  1 
ATOM   1078 C  CG  . GLU A 1 134 ? -7.599  -16.088 -16.384 1.00 44.53 ? 165 GLU A CG  1 
ATOM   1079 C  CD  . GLU A 1 134 ? -8.631  -15.608 -15.361 1.00 45.41 ? 165 GLU A CD  1 
ATOM   1080 O  OE1 . GLU A 1 134 ? -8.753  -14.372 -15.182 1.00 44.32 ? 165 GLU A OE1 1 
ATOM   1081 O  OE2 . GLU A 1 134 ? -9.314  -16.464 -14.768 1.00 41.42 ? 165 GLU A OE2 1 
ATOM   1082 N  N   . ASP A 1 135 ? -4.073  -18.681 -14.794 1.00 44.06 ? 166 ASP A N   1 
ATOM   1083 C  CA  . ASP A 1 135 ? -3.363  -19.841 -14.248 1.00 44.32 ? 166 ASP A CA  1 
ATOM   1084 C  C   . ASP A 1 135 ? -2.784  -19.552 -12.872 1.00 42.84 ? 166 ASP A C   1 
ATOM   1085 O  O   . ASP A 1 135 ? -2.801  -20.425 -12.009 1.00 43.57 ? 166 ASP A O   1 
ATOM   1086 C  CB  . ASP A 1 135 ? -2.212  -20.288 -15.168 1.00 45.15 ? 166 ASP A CB  1 
ATOM   1087 C  CG  . ASP A 1 135 ? -2.701  -20.933 -16.457 1.00 49.57 ? 166 ASP A CG  1 
ATOM   1088 O  OD1 . ASP A 1 135 ? -3.022  -22.145 -16.439 1.00 56.23 ? 166 ASP A OD1 1 
ATOM   1089 O  OD2 . ASP A 1 135 ? -2.803  -20.315 -17.536 1.00 54.90 ? 166 ASP A OD2 1 
ATOM   1090 N  N   . ILE A 1 136 ? -2.240  -18.350 -12.670 1.00 41.55 ? 167 ILE A N   1 
ATOM   1091 C  CA  . ILE A 1 136 ? -1.670  -17.991 -11.355 1.00 40.32 ? 167 ILE A CA  1 
ATOM   1092 C  C   . ILE A 1 136 ? -2.782  -17.876 -10.303 1.00 39.04 ? 167 ILE A C   1 
ATOM   1093 O  O   . ILE A 1 136 ? -2.618  -18.339 -9.179  1.00 38.02 ? 167 ILE A O   1 
ATOM   1094 C  CB  . ILE A 1 136 ? -0.816  -16.702 -11.411 1.00 40.04 ? 167 ILE A CB  1 
ATOM   1095 C  CG1 . ILE A 1 136 ? 0.374   -16.855 -12.364 1.00 40.50 ? 167 ILE A CG1 1 
ATOM   1096 C  CG2 . ILE A 1 136 ? -0.246  -16.393 -10.046 1.00 41.35 ? 167 ILE A CG2 1 
ATOM   1097 C  CD1 . ILE A 1 136 ? 0.835   -15.534 -12.950 1.00 40.50 ? 167 ILE A CD1 1 
ATOM   1098 N  N   . ILE A 1 137 ? -3.918  -17.290 -10.683 1.00 38.55 ? 168 ILE A N   1 
ATOM   1099 C  CA  . ILE A 1 137 ? -5.084  -17.259 -9.811  1.00 38.24 ? 168 ILE A CA  1 
ATOM   1100 C  C   . ILE A 1 137 ? -5.449  -18.676 -9.393  1.00 38.75 ? 168 ILE A C   1 
ATOM   1101 O  O   . ILE A 1 137 ? -5.651  -18.934 -8.202  1.00 37.86 ? 168 ILE A O   1 
ATOM   1102 C  CB  . ILE A 1 137 ? -6.290  -16.572 -10.459 1.00 37.94 ? 168 ILE A CB  1 
ATOM   1103 C  CG1 . ILE A 1 137 ? -5.972  -15.121 -10.804 1.00 37.73 ? 168 ILE A CG1 1 
ATOM   1104 C  CG2 . ILE A 1 137 ? -7.466  -16.594 -9.485  1.00 38.83 ? 168 ILE A CG2 1 
ATOM   1105 C  CD1 . ILE A 1 137 ? -7.035  -14.412 -11.615 1.00 38.84 ? 168 ILE A CD1 1 
ATOM   1106 N  N   . ASP A 1 138 ? -5.507  -19.597 -10.357 1.00 40.49 ? 169 ASP A N   1 
ATOM   1107 C  CA  . ASP A 1 138 ? -5.794  -21.017 -10.050 1.00 41.84 ? 169 ASP A CA  1 
ATOM   1108 C  C   . ASP A 1 138 ? -4.858  -21.538 -8.936  1.00 42.62 ? 169 ASP A C   1 
ATOM   1109 O  O   . ASP A 1 138 ? -5.318  -22.125 -7.938  1.00 42.78 ? 169 ASP A O   1 
ATOM   1110 C  CB  . ASP A 1 138 ? -5.654  -21.919 -11.288 1.00 41.68 ? 169 ASP A CB  1 
ATOM   1111 C  CG  . ASP A 1 138 ? -6.650  -21.593 -12.395 1.00 43.81 ? 169 ASP A CG  1 
ATOM   1112 O  OD1 . ASP A 1 138 ? -7.759  -21.084 -12.126 1.00 44.64 ? 169 ASP A OD1 1 
ATOM   1113 O  OD2 . ASP A 1 138 ? -6.410  -21.828 -13.604 1.00 46.86 ? 169 ASP A OD2 1 
ATOM   1114 N  N   . LYS A 1 139 ? -3.552  -21.303 -9.097  1.00 43.66 ? 170 LYS A N   1 
ATOM   1115 C  CA  . LYS A 1 139 ? -2.554  -21.788 -8.137  1.00 44.71 ? 170 LYS A CA  1 
ATOM   1116 C  C   . LYS A 1 139 ? -2.705  -21.141 -6.778  1.00 44.55 ? 170 LYS A C   1 
ATOM   1117 O  O   . LYS A 1 139 ? -2.528  -21.798 -5.737  1.00 45.17 ? 170 LYS A O   1 
ATOM   1118 C  CB  . LYS A 1 139 ? -1.135  -21.536 -8.630  1.00 45.71 ? 170 LYS A CB  1 
ATOM   1119 C  CG  . LYS A 1 139 ? -0.732  -22.329 -9.863  1.00 49.41 ? 170 LYS A CG  1 
ATOM   1120 C  CD  . LYS A 1 139 ? 0.399   -21.600 -10.629 1.00 54.85 ? 170 LYS A CD  1 
ATOM   1121 C  CE  . LYS A 1 139 ? 1.367   -22.556 -11.369 1.00 57.82 ? 170 LYS A CE  1 
ATOM   1122 N  NZ  . LYS A 1 139 ? 2.637   -21.841 -11.788 1.00 60.11 ? 170 LYS A NZ  1 
ATOM   1123 N  N   . THR A 1 140 ? -3.032  -19.855 -6.770  1.00 44.11 ? 171 THR A N   1 
ATOM   1124 C  CA  . THR A 1 140 ? -3.235  -19.142 -5.506  1.00 43.80 ? 171 THR A CA  1 
ATOM   1125 C  C   . THR A 1 140 ? -4.331  -19.785 -4.668  1.00 43.88 ? 171 THR A C   1 
ATOM   1126 O  O   . THR A 1 140 ? -4.164  -19.931 -3.483  1.00 43.72 ? 171 THR A O   1 
ATOM   1127 C  CB  . THR A 1 140 ? -3.542  -17.639 -5.758  1.00 43.29 ? 171 THR A CB  1 
ATOM   1128 O  OG1 . THR A 1 140 ? -2.464  -17.054 -6.481  1.00 41.74 ? 171 THR A OG1 1 
ATOM   1129 C  CG2 . THR A 1 140 ? -3.555  -16.841 -4.477  1.00 42.68 ? 171 THR A CG2 1 
ATOM   1130 N  N   . PHE A 1 141 ? -5.459  -20.143 -5.283  1.00 44.94 ? 172 PHE A N   1 
ATOM   1131 C  CA  . PHE A 1 141 ? -6.551  -20.807 -4.548  1.00 45.41 ? 172 PHE A CA  1 
ATOM   1132 C  C   . PHE A 1 141 ? -6.094  -22.191 -4.092  1.00 46.22 ? 172 PHE A C   1 
ATOM   1133 O  O   . PHE A 1 141 ? -6.273  -22.556 -2.953  1.00 45.78 ? 172 PHE A O   1 
ATOM   1134 C  CB  . PHE A 1 141 ? -7.837  -20.919 -5.405  1.00 44.84 ? 172 PHE A CB  1 
ATOM   1135 C  CG  . PHE A 1 141 ? -8.728  -19.749 -5.263  1.00 42.69 ? 172 PHE A CG  1 
ATOM   1136 C  CD1 . PHE A 1 141 ? -8.524  -18.620 -6.027  1.00 42.18 ? 172 PHE A CD1 1 
ATOM   1137 C  CD2 . PHE A 1 141 ? -9.723  -19.738 -4.310  1.00 39.92 ? 172 PHE A CD2 1 
ATOM   1138 C  CE1 . PHE A 1 141 ? -9.329  -17.500 -5.858  1.00 40.98 ? 172 PHE A CE1 1 
ATOM   1139 C  CE2 . PHE A 1 141 ? -10.539 -18.631 -4.144  1.00 38.62 ? 172 PHE A CE2 1 
ATOM   1140 C  CZ  . PHE A 1 141 ? -10.336 -17.514 -4.908  1.00 39.46 ? 172 PHE A CZ  1 
ATOM   1141 N  N   . GLU A 1 142 ? -5.495  -22.942 -5.004  1.00 48.00 ? 173 GLU A N   1 
ATOM   1142 C  CA  . GLU A 1 142 ? -4.928  -24.259 -4.690  1.00 49.93 ? 173 GLU A CA  1 
ATOM   1143 C  C   . GLU A 1 142 ? -4.163  -24.168 -3.371  1.00 50.12 ? 173 GLU A C   1 
ATOM   1144 O  O   . GLU A 1 142 ? -4.365  -24.978 -2.478  1.00 50.15 ? 173 GLU A O   1 
ATOM   1145 C  CB  . GLU A 1 142 ? -4.020  -24.714 -5.842  1.00 50.52 ? 173 GLU A CB  1 
ATOM   1146 C  CG  . GLU A 1 142 ? -3.506  -26.143 -5.789  1.00 53.56 ? 173 GLU A CG  1 
ATOM   1147 C  CD  . GLU A 1 142 ? -2.867  -26.565 -7.118  1.00 58.52 ? 173 GLU A CD  1 
ATOM   1148 O  OE1 . GLU A 1 142 ? -2.202  -25.721 -7.784  1.00 60.51 ? 173 GLU A OE1 1 
ATOM   1149 O  OE2 . GLU A 1 142 ? -3.042  -27.742 -7.514  1.00 62.68 ? 173 GLU A OE2 1 
ATOM   1150 N  N   . GLU A 1 143 ? -3.357  -23.115 -3.242  1.00 50.75 ? 174 GLU A N   1 
ATOM   1151 C  CA  . GLU A 1 143 ? -2.465  -22.910 -2.101  1.00 51.30 ? 174 GLU A CA  1 
ATOM   1152 C  C   . GLU A 1 143 ? -3.188  -22.367 -0.877  1.00 50.50 ? 174 GLU A C   1 
ATOM   1153 O  O   . GLU A 1 143 ? -3.101  -22.935 0.207   1.00 50.71 ? 174 GLU A O   1 
ATOM   1154 C  CB  . GLU A 1 143 ? -1.372  -21.914 -2.485  1.00 52.08 ? 174 GLU A CB  1 
ATOM   1155 C  CG  . GLU A 1 143 ? -0.141  -22.547 -3.099  1.00 56.06 ? 174 GLU A CG  1 
ATOM   1156 C  CD  . GLU A 1 143 ? 0.805   -23.051 -2.025  1.00 61.41 ? 174 GLU A CD  1 
ATOM   1157 O  OE1 . GLU A 1 143 ? 0.953   -24.294 -1.872  1.00 64.19 ? 174 GLU A OE1 1 
ATOM   1158 O  OE2 . GLU A 1 143 ? 1.380   -22.193 -1.312  1.00 64.17 ? 174 GLU A OE2 1 
ATOM   1159 N  N   . ALA A 1 144 ? -3.897  -21.258 -1.064  1.00 49.18 ? 175 ALA A N   1 
ATOM   1160 C  CA  . ALA A 1 144 ? -4.477  -20.495 0.037   1.00 48.11 ? 175 ALA A CA  1 
ATOM   1161 C  C   . ALA A 1 144 ? -5.829  -20.992 0.502   1.00 47.22 ? 175 ALA A C   1 
ATOM   1162 O  O   . ALA A 1 144 ? -6.193  -20.808 1.660   1.00 46.37 ? 175 ALA A O   1 
ATOM   1163 C  CB  . ALA A 1 144 ? -4.603  -19.052 -0.372  1.00 48.52 ? 175 ALA A CB  1 
ATOM   1164 N  N   . ASP A 1 145 ? -6.594  -21.585 -0.399  1.00 46.74 ? 176 ASP A N   1 
ATOM   1165 C  CA  . ASP A 1 145 ? -7.957  -21.994 -0.072  1.00 47.08 ? 176 ASP A CA  1 
ATOM   1166 C  C   . ASP A 1 145 ? -8.002  -23.351 0.683   1.00 48.27 ? 176 ASP A C   1 
ATOM   1167 O  O   . ASP A 1 145 ? -8.462  -24.377 0.158   1.00 48.89 ? 176 ASP A O   1 
ATOM   1168 C  CB  . ASP A 1 145 ? -8.808  -22.007 -1.337  1.00 46.49 ? 176 ASP A CB  1 
ATOM   1169 C  CG  . ASP A 1 145 ? -10.265 -22.148 -1.051  1.00 43.96 ? 176 ASP A CG  1 
ATOM   1170 O  OD1 . ASP A 1 145 ? -10.946 -22.740 -1.888  1.00 44.41 ? 176 ASP A OD1 1 
ATOM   1171 O  OD2 . ASP A 1 145 ? -10.810 -21.713 -0.022  1.00 40.18 ? 176 ASP A OD2 1 
ATOM   1172 N  N   . THR A 1 146 ? -7.522  -23.309 1.926   1.00 49.41 ? 177 THR A N   1 
ATOM   1173 C  CA  . THR A 1 146 ? -7.431  -24.453 2.839   1.00 50.57 ? 177 THR A CA  1 
ATOM   1174 C  C   . THR A 1 146 ? -8.799  -24.894 3.346   1.00 50.87 ? 177 THR A C   1 
ATOM   1175 O  O   . THR A 1 146 ? -9.144  -26.075 3.273   1.00 52.38 ? 177 THR A O   1 
ATOM   1176 C  CB  . THR A 1 146 ? -6.554  -24.076 4.052   1.00 50.47 ? 177 THR A CB  1 
ATOM   1177 O  OG1 . THR A 1 146 ? -5.207  -23.849 3.627   1.00 50.87 ? 177 THR A OG1 1 
ATOM   1178 C  CG2 . THR A 1 146 ? -6.442  -25.250 5.014   1.00 52.35 ? 177 THR A CG2 1 
ATOM   1179 N  N   . LYS A 1 147 ? -9.557  -23.950 3.890   1.00 50.76 ? 178 LYS A N   1 
ATOM   1180 C  CA  . LYS A 1 147 ? -10.986 -24.138 4.118   1.00 50.93 ? 178 LYS A CA  1 
ATOM   1181 C  C   . LYS A 1 147 ? -11.728 -23.930 2.780   1.00 50.64 ? 178 LYS A C   1 
ATOM   1182 O  O   . LYS A 1 147 ? -12.048 -22.797 2.425   1.00 50.20 ? 178 LYS A O   1 
ATOM   1183 C  CB  . LYS A 1 147 ? -11.478 -23.180 5.213   1.00 50.99 ? 178 LYS A CB  1 
ATOM   1184 C  CG  . LYS A 1 147 ? -12.987 -23.178 5.453   1.00 53.40 ? 178 LYS A CG  1 
ATOM   1185 C  CD  . LYS A 1 147 ? -13.477 -21.866 6.088   1.00 56.49 ? 178 LYS A CD  1 
ATOM   1186 C  CE  . LYS A 1 147 ? -14.996 -21.899 6.373   1.00 58.89 ? 178 LYS A CE  1 
ATOM   1187 N  NZ  . LYS A 1 147 ? -15.860 -21.978 5.129   1.00 58.68 ? 178 LYS A NZ  1 
ATOM   1188 N  N   . HIS A 1 148 ? -11.964 -25.028 2.043   1.00 50.55 ? 179 HIS A N   1 
ATOM   1189 C  CA  . HIS A 1 148 ? -12.510 -24.983 0.675   1.00 50.42 ? 179 HIS A CA  1 
ATOM   1190 C  C   . HIS A 1 148 ? -13.870 -24.428 0.676   1.00 48.82 ? 179 HIS A C   1 
ATOM   1191 O  O   . HIS A 1 148 ? -14.795 -25.083 1.149   1.00 49.68 ? 179 HIS A O   1 
ATOM   1192 C  CB  . HIS A 1 148 ? -12.705 -26.358 0.050   1.00 51.50 ? 179 HIS A CB  1 
ATOM   1193 C  CG  . HIS A 1 148 ? -11.451 -27.123 -0.146  1.00 54.87 ? 179 HIS A CG  1 
ATOM   1194 N  ND1 . HIS A 1 148 ? -10.261 -26.778 0.465   1.00 58.24 ? 179 HIS A ND1 1 
ATOM   1195 C  CD2 . HIS A 1 148 ? -11.208 -28.250 -0.853  1.00 57.85 ? 179 HIS A CD2 1 
ATOM   1196 C  CE1 . HIS A 1 148 ? -9.333  -27.656 0.128   1.00 59.16 ? 179 HIS A CE1 1 
ATOM   1197 N  NE2 . HIS A 1 148 ? -9.886  -28.566 -0.656  1.00 59.11 ? 179 HIS A NE2 1 
ATOM   1198 N  N   . ASP A 1 149 ? -13.994 -23.242 0.111   1.00 46.52 ? 180 ASP A N   1 
ATOM   1199 C  CA  . ASP A 1 149 ? -15.289 -22.612 -0.064  1.00 44.33 ? 180 ASP A CA  1 
ATOM   1200 C  C   . ASP A 1 149 ? -15.267 -21.571 -1.190  1.00 42.46 ? 180 ASP A C   1 
ATOM   1201 O  O   . ASP A 1 149 ? -16.132 -20.727 -1.242  1.00 41.82 ? 180 ASP A O   1 
ATOM   1202 C  CB  . ASP A 1 149 ? -15.733 -21.996 1.277   1.00 43.93 ? 180 ASP A CB  1 
ATOM   1203 C  CG  . ASP A 1 149 ? -14.679 -21.051 1.860   1.00 44.30 ? 180 ASP A CG  1 
ATOM   1204 O  OD1 . ASP A 1 149 ? -14.848 -20.581 3.006   1.00 41.20 ? 180 ASP A OD1 1 
ATOM   1205 O  OD2 . ASP A 1 149 ? -13.647 -20.719 1.222   1.00 42.19 ? 180 ASP A OD2 1 
ATOM   1206 N  N   . GLY A 1 150 ? -14.282 -21.639 -2.086  1.00 41.63 ? 181 GLY A N   1 
ATOM   1207 C  CA  . GLY A 1 150 ? -14.195 -20.739 -3.224  1.00 40.92 ? 181 GLY A CA  1 
ATOM   1208 C  C   . GLY A 1 150 ? -13.890 -19.279 -2.909  1.00 40.63 ? 181 GLY A C   1 
ATOM   1209 O  O   . GLY A 1 150 ? -14.192 -18.402 -3.704  1.00 41.28 ? 181 GLY A O   1 
ATOM   1210 N  N   . LYS A 1 151 ? -13.289 -19.017 -1.757  1.00 39.89 ? 182 LYS A N   1 
ATOM   1211 C  CA  . LYS A 1 151 ? -12.894 -17.669 -1.359  1.00 39.56 ? 182 LYS A CA  1 
ATOM   1212 C  C   . LYS A 1 151 ? -11.690 -17.721 -0.404  1.00 40.05 ? 182 LYS A C   1 
ATOM   1213 O  O   . LYS A 1 151 ? -11.496 -18.727 0.277   1.00 39.34 ? 182 LYS A O   1 
ATOM   1214 C  CB  . LYS A 1 151 ? -14.068 -16.977 -0.651  1.00 39.62 ? 182 LYS A CB  1 
ATOM   1215 C  CG  . LYS A 1 151 ? -14.401 -17.560 0.717   1.00 37.44 ? 182 LYS A CG  1 
ATOM   1216 C  CD  . LYS A 1 151 ? -15.688 -17.049 1.235   1.00 36.48 ? 182 LYS A CD  1 
ATOM   1217 C  CE  . LYS A 1 151 ? -15.958 -17.552 2.638   1.00 37.78 ? 182 LYS A CE  1 
ATOM   1218 N  NZ  . LYS A 1 151 ? -17.399 -17.569 2.944   1.00 37.95 ? 182 LYS A NZ  1 
ATOM   1219 N  N   . ILE A 1 152 ? -10.906 -16.638 -0.345  1.00 40.52 ? 183 ILE A N   1 
ATOM   1220 C  CA  . ILE A 1 152 ? -9.768  -16.548 0.566   1.00 40.61 ? 183 ILE A CA  1 
ATOM   1221 C  C   . ILE A 1 152 ? -10.166 -15.698 1.766   1.00 41.45 ? 183 ILE A C   1 
ATOM   1222 O  O   . ILE A 1 152 ? -10.436 -14.511 1.617   1.00 41.22 ? 183 ILE A O   1 
ATOM   1223 C  CB  . ILE A 1 152 ? -8.515  -15.946 -0.109  1.00 40.68 ? 183 ILE A CB  1 
ATOM   1224 C  CG1 . ILE A 1 152 ? -8.229  -16.589 -1.476  1.00 40.88 ? 183 ILE A CG1 1 
ATOM   1225 C  CG2 . ILE A 1 152 ? -7.281  -16.032 0.824   1.00 40.03 ? 183 ILE A CG2 1 
ATOM   1226 C  CD1 . ILE A 1 152 ? -7.947  -18.003 -1.422  1.00 41.90 ? 183 ILE A CD1 1 
ATOM   1227 N  N   . ASP A 1 153 ? -10.233 -16.353 2.929   1.00 42.17 ? 184 ASP A N   1 
ATOM   1228 C  CA  . ASP A 1 153 ? -10.310 -15.760 4.274   1.00 44.04 ? 184 ASP A CA  1 
ATOM   1229 C  C   . ASP A 1 153 ? -9.172  -14.835 4.662   1.00 43.86 ? 184 ASP A C   1 
ATOM   1230 O  O   . ASP A 1 153 ? -8.112  -14.902 4.073   1.00 43.43 ? 184 ASP A O   1 
ATOM   1231 C  CB  . ASP A 1 153 ? -10.201 -16.888 5.342   1.00 44.64 ? 184 ASP A CB  1 
ATOM   1232 C  CG  . ASP A 1 153 ? -11.497 -17.359 5.753   1.00 47.18 ? 184 ASP A CG  1 
ATOM   1233 O  OD1 . ASP A 1 153 ? -11.645 -18.567 6.042   1.00 51.13 ? 184 ASP A OD1 1 
ATOM   1234 O  OD2 . ASP A 1 153 ? -12.450 -16.555 5.782   1.00 52.64 ? 184 ASP A OD2 1 
ATOM   1235 N  N   . LYS A 1 154 ? -9.407  -14.049 5.721   1.00 43.77 ? 185 LYS A N   1 
ATOM   1236 C  CA  . LYS A 1 154 ? -8.384  -13.231 6.342   1.00 43.89 ? 185 LYS A CA  1 
ATOM   1237 C  C   . LYS A 1 154 ? -7.332  -14.143 6.932   1.00 43.73 ? 185 LYS A C   1 
ATOM   1238 O  O   . LYS A 1 154 ? -6.150  -13.907 6.773   1.00 43.10 ? 185 LYS A O   1 
ATOM   1239 C  CB  . LYS A 1 154 ? -8.985  -12.320 7.427   1.00 44.22 ? 185 LYS A CB  1 
ATOM   1240 C  CG  . LYS A 1 154 ? -8.508  -11.623 8.443   0.00 43.59 ? 185 LYS A CG  1 
ATOM   1241 C  CD  . LYS A 1 154 ? -9.444  -11.066 9.500   0.00 43.62 ? 185 LYS A CD  1 
ATOM   1242 C  CE  . LYS A 1 154 ? -8.695  -10.589 10.719  0.00 43.60 ? 185 LYS A CE  1 
ATOM   1243 N  NZ  . LYS A 1 154 ? -9.614  -10.060 11.760  0.00 43.63 ? 185 LYS A NZ  1 
ATOM   1244 N  N   . GLU A 1 155 ? -7.783  -15.206 7.581   1.00 44.16 ? 186 GLU A N   1 
ATOM   1245 C  CA  . GLU A 1 155 ? -6.901  -16.246 8.130   1.00 44.25 ? 186 GLU A CA  1 
ATOM   1246 C  C   . GLU A 1 155 ? -6.143  -17.049 7.085   1.00 43.33 ? 186 GLU A C   1 
ATOM   1247 O  O   . GLU A 1 155 ? -4.968  -17.352 7.262   1.00 42.40 ? 186 GLU A O   1 
ATOM   1248 C  CB  . GLU A 1 155 ? -7.696  -17.186 9.043   1.00 45.13 ? 186 GLU A CB  1 
ATOM   1249 C  CG  . GLU A 1 155 ? -7.983  -16.561 10.396  1.00 48.62 ? 186 GLU A CG  1 
ATOM   1250 C  CD  . GLU A 1 155 ? -6.732  -15.902 10.989  1.00 54.44 ? 186 GLU A CD  1 
ATOM   1251 O  OE1 . GLU A 1 155 ? -6.694  -14.647 11.050  1.00 59.73 ? 186 GLU A OE1 1 
ATOM   1252 O  OE2 . GLU A 1 155 ? -5.760  -16.622 11.353  1.00 56.06 ? 186 GLU A OE2 1 
ATOM   1253 N  N   . GLU A 1 156 ? -6.798  -17.386 5.982   1.00 42.90 ? 187 GLU A N   1 
ATOM   1254 C  CA  . GLU A 1 156 ? -6.096  -18.017 4.860   1.00 42.52 ? 187 GLU A CA  1 
ATOM   1255 C  C   . GLU A 1 156 ? -5.152  -17.032 4.184   1.00 42.25 ? 187 GLU A C   1 
ATOM   1256 O  O   . GLU A 1 156 ? -4.110  -17.428 3.650   1.00 42.14 ? 187 GLU A O   1 
ATOM   1257 C  CB  . GLU A 1 156 ? -7.062  -18.574 3.822   1.00 42.61 ? 187 GLU A CB  1 
ATOM   1258 C  CG  . GLU A 1 156 ? -7.861  -19.796 4.269   1.00 41.57 ? 187 GLU A CG  1 
ATOM   1259 C  CD  . GLU A 1 156 ? -9.031  -20.032 3.337   1.00 41.95 ? 187 GLU A CD  1 
ATOM   1260 O  OE1 . GLU A 1 156 ? -9.660  -19.041 2.943   1.00 38.97 ? 187 GLU A OE1 1 
ATOM   1261 O  OE2 . GLU A 1 156 ? -9.301  -21.184 2.942   1.00 40.11 ? 187 GLU A OE2 1 
ATOM   1262 N  N   . TRP A 1 157 ? -5.509  -15.754 4.193   1.00 42.33 ? 188 TRP A N   1 
ATOM   1263 C  CA  . TRP A 1 157 ? -4.625  -14.771 3.604   1.00 42.78 ? 188 TRP A CA  1 
ATOM   1264 C  C   . TRP A 1 157 ? -3.337  -14.598 4.426   1.00 42.68 ? 188 TRP A C   1 
ATOM   1265 O  O   . TRP A 1 157 ? -2.257  -14.606 3.873   1.00 40.68 ? 188 TRP A O   1 
ATOM   1266 C  CB  . TRP A 1 157 ? -5.295  -13.418 3.374   1.00 42.53 ? 188 TRP A CB  1 
ATOM   1267 C  CG  . TRP A 1 157 ? -4.544  -12.792 2.272   1.00 45.10 ? 188 TRP A CG  1 
ATOM   1268 C  CD1 . TRP A 1 157 ? -4.438  -13.258 0.974   1.00 47.89 ? 188 TRP A CD1 1 
ATOM   1269 C  CD2 . TRP A 1 157 ? -3.690  -11.684 2.355   1.00 43.12 ? 188 TRP A CD2 1 
ATOM   1270 N  NE1 . TRP A 1 157 ? -3.595  -12.460 0.244   1.00 47.09 ? 188 TRP A NE1 1 
ATOM   1271 C  CE2 . TRP A 1 157 ? -3.130  -11.477 1.064   1.00 45.50 ? 188 TRP A CE2 1 
ATOM   1272 C  CE3 . TRP A 1 157 ? -3.381  -10.806 3.361   1.00 43.46 ? 188 TRP A CE3 1 
ATOM   1273 C  CZ2 . TRP A 1 157 ? -2.270  -10.472 0.787   1.00 44.18 ? 188 TRP A CZ2 1 
ATOM   1274 C  CZ3 . TRP A 1 157 ? -2.542  -9.828  3.093   1.00 45.97 ? 188 TRP A CZ3 1 
ATOM   1275 C  CH2 . TRP A 1 157 ? -1.980  -9.653  1.803   1.00 47.07 ? 188 TRP A CH2 1 
ATOM   1276 N  N   . ARG A 1 158 ? -3.481  -14.430 5.735   1.00 43.64 ? 189 ARG A N   1 
ATOM   1277 C  CA  . ARG A 1 158 ? -2.350  -14.325 6.665   1.00 45.48 ? 189 ARG A CA  1 
ATOM   1278 C  C   . ARG A 1 158 ? -1.411  -15.503 6.480   1.00 45.76 ? 189 ARG A C   1 
ATOM   1279 O  O   . ARG A 1 158 ? -0.195  -15.332 6.354   1.00 46.26 ? 189 ARG A O   1 
ATOM   1280 C  CB  . ARG A 1 158 ? -2.860  -14.289 8.108   1.00 46.51 ? 189 ARG A CB  1 
ATOM   1281 C  CG  . ARG A 1 158 ? -1.797  -14.560 9.197   1.00 50.54 ? 189 ARG A CG  1 
ATOM   1282 C  CD  . ARG A 1 158 ? -2.346  -14.612 10.623  1.00 55.15 ? 189 ARG A CD  1 
ATOM   1283 N  NE  . ARG A 1 158 ? -3.619  -13.895 10.805  1.00 60.65 ? 189 ARG A NE  1 
ATOM   1284 C  CZ  . ARG A 1 158 ? -3.766  -12.567 10.796  1.00 63.73 ? 189 ARG A CZ  1 
ATOM   1285 N  NH1 . ARG A 1 158 ? -2.719  -11.760 10.606  1.00 65.27 ? 189 ARG A NH1 1 
ATOM   1286 N  NH2 . ARG A 1 158 ? -4.979  -12.036 10.978  1.00 65.19 ? 189 ARG A NH2 1 
ATOM   1287 N  N   . SER A 1 159 ? -1.982  -16.700 6.434   1.00 45.69 ? 190 SER A N   1 
ATOM   1288 C  CA  . SER A 1 159 ? -1.199  -17.892 6.201   1.00 45.58 ? 190 SER A CA  1 
ATOM   1289 C  C   . SER A 1 159 ? -0.462  -17.838 4.891   1.00 45.53 ? 190 SER A C   1 
ATOM   1290 O  O   . SER A 1 159 ? 0.701   -18.179 4.851   1.00 45.70 ? 190 SER A O   1 
ATOM   1291 C  CB  . SER A 1 159 ? -2.076  -19.135 6.247   1.00 46.00 ? 190 SER A CB  1 
ATOM   1292 O  OG  . SER A 1 159 ? -1.362  -20.250 5.749   1.00 46.46 ? 190 SER A OG  1 
ATOM   1293 N  N   . LEU A 1 160 ? -1.133  -17.418 3.818   1.00 45.38 ? 191 LEU A N   1 
ATOM   1294 C  CA  . LEU A 1 160 ? -0.533  -17.353 2.481   1.00 45.01 ? 191 LEU A CA  1 
ATOM   1295 C  C   . LEU A 1 160 ? 0.687   -16.466 2.475   1.00 45.66 ? 191 LEU A C   1 
ATOM   1296 O  O   . LEU A 1 160 ? 1.702   -16.807 1.906   1.00 44.57 ? 191 LEU A O   1 
ATOM   1297 C  CB  . LEU A 1 160 ? -1.526  -16.803 1.474   1.00 44.59 ? 191 LEU A CB  1 
ATOM   1298 C  CG  . LEU A 1 160 ? -1.394  -17.112 -0.018  1.00 45.20 ? 191 LEU A CG  1 
ATOM   1299 C  CD1 . LEU A 1 160 ? -2.038  -16.004 -0.848  1.00 44.68 ? 191 LEU A CD1 1 
ATOM   1300 C  CD2 . LEU A 1 160 ? -0.020  -17.310 -0.515  1.00 46.71 ? 191 LEU A CD2 1 
ATOM   1301 N  N   . VAL A 1 161 ? 0.565   -15.304 3.098   1.00 47.12 ? 192 VAL A N   1 
ATOM   1302 C  CA  . VAL A 1 161 ? 1.629   -14.316 3.062   1.00 48.48 ? 192 VAL A CA  1 
ATOM   1303 C  C   . VAL A 1 161 ? 2.767   -14.676 4.031   1.00 50.07 ? 192 VAL A C   1 
ATOM   1304 O  O   . VAL A 1 161 ? 3.897   -14.284 3.799   1.00 50.84 ? 192 VAL A O   1 
ATOM   1305 C  CB  . VAL A 1 161 ? 1.100   -12.887 3.276   1.00 48.34 ? 192 VAL A CB  1 
ATOM   1306 C  CG1 . VAL A 1 161 ? 0.138   -12.518 2.139   1.00 47.41 ? 192 VAL A CG1 1 
ATOM   1307 C  CG2 . VAL A 1 161 ? 0.416   -12.743 4.588   1.00 48.12 ? 192 VAL A CG2 1 
ATOM   1308 N  N   . LEU A 1 162 ? 2.479   -15.455 5.071   1.00 51.43 ? 193 LEU A N   1 
ATOM   1309 C  CA  . LEU A 1 162 ? 3.531   -15.939 5.960   1.00 52.92 ? 193 LEU A CA  1 
ATOM   1310 C  C   . LEU A 1 162 ? 4.414   -16.982 5.256   1.00 53.89 ? 193 LEU A C   1 
ATOM   1311 O  O   . LEU A 1 162 ? 5.640   -16.970 5.412   1.00 54.31 ? 193 LEU A O   1 
ATOM   1312 C  CB  . LEU A 1 162 ? 2.957   -16.483 7.275   1.00 52.91 ? 193 LEU A CB  1 
ATOM   1313 C  CG  . LEU A 1 162 ? 2.463   -15.424 8.253   1.00 52.67 ? 193 LEU A CG  1 
ATOM   1314 C  CD1 . LEU A 1 162 ? 1.857   -16.059 9.492   1.00 53.14 ? 193 LEU A CD1 1 
ATOM   1315 C  CD2 . LEU A 1 162 ? 3.586   -14.473 8.654   1.00 54.58 ? 193 LEU A CD2 1 
ATOM   1316 N  N   . ARG A 1 163 ? 3.797   -17.843 4.457   1.00 54.93 ? 194 ARG A N   1 
ATOM   1317 C  CA  . ARG A 1 163 ? 4.518   -18.811 3.643   1.00 55.66 ? 194 ARG A CA  1 
ATOM   1318 C  C   . ARG A 1 163 ? 5.165   -18.175 2.431   1.00 56.05 ? 194 ARG A C   1 
ATOM   1319 O  O   . ARG A 1 163 ? 6.073   -18.768 1.826   1.00 57.29 ? 194 ARG A O   1 
ATOM   1320 C  CB  . ARG A 1 163 ? 3.555   -19.883 3.123   1.00 56.09 ? 194 ARG A CB  1 
ATOM   1321 C  CG  . ARG A 1 163 ? 2.840   -20.677 4.193   1.00 57.60 ? 194 ARG A CG  1 
ATOM   1322 C  CD  . ARG A 1 163 ? 2.308   -22.017 3.684   1.00 60.21 ? 194 ARG A CD  1 
ATOM   1323 N  NE  . ARG A 1 163 ? 1.478   -21.876 2.489   1.00 62.67 ? 194 ARG A NE  1 
ATOM   1324 C  CZ  . ARG A 1 163 ? 0.206   -21.473 2.485   1.00 64.57 ? 194 ARG A CZ  1 
ATOM   1325 N  NH1 . ARG A 1 163 ? -0.411  -21.157 3.616   1.00 65.39 ? 194 ARG A NH1 1 
ATOM   1326 N  NH2 . ARG A 1 163 ? -0.460  -21.385 1.341   1.00 65.66 ? 194 ARG A NH2 1 
ATOM   1327 N  N   . HIS A 1 164 ? 4.676   -17.004 2.033   1.00 55.80 ? 195 HIS A N   1 
ATOM   1328 C  CA  . HIS A 1 164 ? 5.209   -16.294 0.873   1.00 55.83 ? 195 HIS A CA  1 
ATOM   1329 C  C   . HIS A 1 164 ? 5.386   -14.804 1.185   1.00 55.24 ? 195 HIS A C   1 
ATOM   1330 O  O   . HIS A 1 164 ? 4.629   -13.979 0.654   1.00 54.65 ? 195 HIS A O   1 
ATOM   1331 C  CB  . HIS A 1 164 ? 4.271   -16.440 -0.337  1.00 56.09 ? 195 HIS A CB  1 
ATOM   1332 C  CG  . HIS A 1 164 ? 4.135   -17.840 -0.847  1.00 58.49 ? 195 HIS A CG  1 
ATOM   1333 N  ND1 . HIS A 1 164 ? 3.361   -18.789 -0.215  1.00 60.95 ? 195 HIS A ND1 1 
ATOM   1334 C  CD2 . HIS A 1 164 ? 4.647   -18.445 -1.946  1.00 60.09 ? 195 HIS A CD2 1 
ATOM   1335 C  CE1 . HIS A 1 164 ? 3.421   -19.924 -0.889  1.00 60.89 ? 195 HIS A CE1 1 
ATOM   1336 N  NE2 . HIS A 1 164 ? 4.191   -19.742 -1.945  1.00 59.92 ? 195 HIS A NE2 1 
ATOM   1337 N  N   . PRO A 1 165 ? 6.371   -14.460 2.024   1.00 54.44 ? 196 PRO A N   1 
ATOM   1338 C  CA  . PRO A 1 165 ? 6.653   -13.054 2.381   1.00 53.75 ? 196 PRO A CA  1 
ATOM   1339 C  C   . PRO A 1 165 ? 6.884   -12.084 1.219   1.00 52.26 ? 196 PRO A C   1 
ATOM   1340 O  O   . PRO A 1 165 ? 6.700   -10.897 1.421   1.00 51.56 ? 196 PRO A O   1 
ATOM   1341 C  CB  . PRO A 1 165 ? 7.921   -13.153 3.251   1.00 54.34 ? 196 PRO A CB  1 
ATOM   1342 C  CG  . PRO A 1 165 ? 7.855   -14.546 3.852   1.00 54.77 ? 196 PRO A CG  1 
ATOM   1343 C  CD  . PRO A 1 165 ? 7.275   -15.388 2.736   1.00 55.02 ? 196 PRO A CD  1 
ATOM   1344 N  N   . SER A 1 166 ? 7.272   -12.562 0.038   1.00 51.17 ? 197 SER A N   1 
ATOM   1345 C  CA  . SER A 1 166 ? 7.431   -11.671 -1.116  1.00 50.51 ? 197 SER A CA  1 
ATOM   1346 C  C   . SER A 1 166 ? 6.113   -11.015 -1.587  1.00 48.69 ? 197 SER A C   1 
ATOM   1347 O  O   . SER A 1 166 ? 6.134   -10.106 -2.417  1.00 48.40 ? 197 SER A O   1 
ATOM   1348 C  CB  . SER A 1 166 ? 8.065   -12.425 -2.283  1.00 51.02 ? 197 SER A CB  1 
ATOM   1349 O  OG  . SER A 1 166 ? 7.200   -13.466 -2.743  1.00 54.31 ? 197 SER A OG  1 
ATOM   1350 N  N   . LEU A 1 167 ? 4.973   -11.511 -1.093  1.00 46.93 ? 198 LEU A N   1 
ATOM   1351 C  CA  . LEU A 1 167 ? 3.661   -10.921 -1.375  1.00 45.11 ? 198 LEU A CA  1 
ATOM   1352 C  C   . LEU A 1 167 ? 3.445   -9.627  -0.584  1.00 43.41 ? 198 LEU A C   1 
ATOM   1353 O  O   . LEU A 1 167 ? 2.573   -8.862  -0.935  1.00 42.57 ? 198 LEU A O   1 
ATOM   1354 C  CB  . LEU A 1 167 ? 2.521   -11.915 -1.056  1.00 45.14 ? 198 LEU A CB  1 
ATOM   1355 C  CG  . LEU A 1 167 ? 2.462   -13.180 -1.915  1.00 46.15 ? 198 LEU A CG  1 
ATOM   1356 C  CD1 . LEU A 1 167 ? 1.526   -14.218 -1.341  1.00 47.12 ? 198 LEU A CD1 1 
ATOM   1357 C  CD2 . LEU A 1 167 ? 2.040   -12.822 -3.333  1.00 48.20 ? 198 LEU A CD2 1 
ATOM   1358 N  N   . LEU A 1 168 ? 4.207   -9.408  0.494   1.00 41.84 ? 199 LEU A N   1 
ATOM   1359 C  CA  . LEU A 1 168 ? 4.146   -8.152  1.246   1.00 40.95 ? 199 LEU A CA  1 
ATOM   1360 C  C   . LEU A 1 168 ? 5.275   -7.188  0.918   1.00 40.00 ? 199 LEU A C   1 
ATOM   1361 O  O   . LEU A 1 168 ? 5.508   -6.240  1.652   1.00 38.76 ? 199 LEU A O   1 
ATOM   1362 C  CB  . LEU A 1 168 ? 4.215   -8.410  2.745   1.00 41.15 ? 199 LEU A CB  1 
ATOM   1363 C  CG  . LEU A 1 168 ? 3.068   -9.109  3.448   1.00 42.14 ? 199 LEU A CG  1 
ATOM   1364 C  CD1 . LEU A 1 168 ? 3.346   -9.021  4.956   1.00 42.12 ? 199 LEU A CD1 1 
ATOM   1365 C  CD2 . LEU A 1 168 ? 1.716   -8.530  3.052   1.00 41.95 ? 199 LEU A CD2 1 
ATOM   1366 N  N   . LYS A 1 169 ? 5.995   -7.456  -0.154  1.00 39.66 ? 200 LYS A N   1 
ATOM   1367 C  CA  . LYS A 1 169 ? 7.049   -6.567  -0.623  1.00 40.17 ? 200 LYS A CA  1 
ATOM   1368 C  C   . LYS A 1 169 ? 6.530   -5.143  -0.907  1.00 38.93 ? 200 LYS A C   1 
ATOM   1369 O  O   . LYS A 1 169 ? 7.173   -4.148  -0.573  1.00 39.35 ? 200 LYS A O   1 
ATOM   1370 C  CB  . LYS A 1 169 ? 7.704   -7.162  -1.869  1.00 40.73 ? 200 LYS A CB  1 
ATOM   1371 C  CG  . LYS A 1 169 ? 9.109   -6.685  -2.142  1.00 45.40 ? 200 LYS A CG  1 
ATOM   1372 C  CD  . LYS A 1 169 ? 10.128  -7.470  -1.341  1.00 51.35 ? 200 LYS A CD  1 
ATOM   1373 C  CE  . LYS A 1 169 ? 11.489  -6.774  -1.349  1.00 54.26 ? 200 LYS A CE  1 
ATOM   1374 N  NZ  . LYS A 1 169 ? 11.439  -5.402  -0.751  1.00 57.49 ? 200 LYS A NZ  1 
ATOM   1375 N  N   . ASN A 1 170 ? 5.347   -5.028  -1.487  1.00 37.20 ? 201 ASN A N   1 
ATOM   1376 C  CA  . ASN A 1 170 ? 4.837   -3.703  -1.777  1.00 36.03 ? 201 ASN A CA  1 
ATOM   1377 C  C   . ASN A 1 170 ? 4.270   -3.000  -0.555  1.00 34.40 ? 201 ASN A C   1 
ATOM   1378 O  O   . ASN A 1 170 ? 3.845   -1.853  -0.681  1.00 34.53 ? 201 ASN A O   1 
ATOM   1379 C  CB  . ASN A 1 170 ? 3.822   -3.725  -2.957  1.00 36.49 ? 201 ASN A CB  1 
ATOM   1380 C  CG  . ASN A 1 170 ? 2.639   -4.645  -2.729  1.00 36.28 ? 201 ASN A CG  1 
ATOM   1381 O  OD1 . ASN A 1 170 ? 2.429   -5.179  -1.640  1.00 36.70 ? 201 ASN A OD1 1 
ATOM   1382 N  ND2 . ASN A 1 170 ? 1.850   -4.836  -3.778  1.00 38.55 ? 201 ASN A ND2 1 
ATOM   1383 N  N   . MET A 1 171 ? 4.280   -3.673  0.604   1.00 33.35 ? 202 MET A N   1 
ATOM   1384 C  CA  . MET A 1 171 ? 3.790   -3.117  1.867   1.00 33.41 ? 202 MET A CA  1 
ATOM   1385 C  C   . MET A 1 171 ? 4.861   -2.471  2.731   1.00 33.15 ? 202 MET A C   1 
ATOM   1386 O  O   . MET A 1 171 ? 4.610   -2.126  3.871   1.00 32.88 ? 202 MET A O   1 
ATOM   1387 C  CB  . MET A 1 171 ? 3.068   -4.192  2.677   1.00 33.64 ? 202 MET A CB  1 
ATOM   1388 C  CG  . MET A 1 171 ? 1.740   -4.605  2.076   1.00 34.63 ? 202 MET A CG  1 
ATOM   1389 S  SD  . MET A 1 171 ? 0.648   -3.154  1.846   1.00 34.59 ? 202 MET A SD  1 
ATOM   1390 C  CE  . MET A 1 171 ? 0.796   -2.279  3.483   1.00 36.46 ? 202 MET A CE  1 
ATOM   1391 N  N   . THR A 1 172 ? 6.050   -2.296  2.178   1.00 34.00 ? 203 THR A N   1 
ATOM   1392 C  CA  . THR A 1 172 ? 7.153   -1.655  2.892   1.00 34.25 ? 203 THR A CA  1 
ATOM   1393 C  C   . THR A 1 172 ? 7.844   -0.645  2.003   1.00 34.71 ? 203 THR A C   1 
ATOM   1394 O  O   . THR A 1 172 ? 8.207   -0.955  0.888   1.00 35.63 ? 203 THR A O   1 
ATOM   1395 C  CB  . THR A 1 172 ? 8.168   -2.699  3.373   1.00 34.00 ? 203 THR A CB  1 
ATOM   1396 O  OG1 . THR A 1 172 ? 7.632   -3.388  4.494   1.00 34.81 ? 203 THR A OG1 1 
ATOM   1397 C  CG2 . THR A 1 172 ? 9.425   -2.021  3.926   1.00 34.55 ? 203 THR A CG2 1 
ATOM   1398 N  N   . LEU A 1 173 ? 8.035   0.563   2.518   1.00 35.77 ? 204 LEU A N   1 
ATOM   1399 C  CA  . LEU A 1 173 ? 8.809   1.598   1.855   1.00 36.51 ? 204 LEU A CA  1 
ATOM   1400 C  C   . LEU A 1 173 ? 10.072  1.783   2.674   1.00 36.78 ? 204 LEU A C   1 
ATOM   1401 O  O   . LEU A 1 173 ? 10.028  2.330   3.788   1.00 35.90 ? 204 LEU A O   1 
ATOM   1402 C  CB  . LEU A 1 173 ? 8.033   2.920   1.839   1.00 36.67 ? 204 LEU A CB  1 
ATOM   1403 C  CG  . LEU A 1 173 ? 6.867   3.020   0.874   1.00 37.37 ? 204 LEU A CG  1 
ATOM   1404 C  CD1 . LEU A 1 173 ? 6.177   4.360   1.062   1.00 37.92 ? 204 LEU A CD1 1 
ATOM   1405 C  CD2 . LEU A 1 173 ? 7.359   2.833   -0.562  1.00 38.91 ? 204 LEU A CD2 1 
ATOM   1406 N  N   . GLN A 1 174 ? 11.184  1.308   2.119   1.00 38.02 ? 205 GLN A N   1 
ATOM   1407 C  CA  . GLN A 1 174 ? 12.432  1.143   2.889   1.00 38.85 ? 205 GLN A CA  1 
ATOM   1408 C  C   . GLN A 1 174 ? 12.941  2.489   3.377   1.00 38.10 ? 205 GLN A C   1 
ATOM   1409 O  O   . GLN A 1 174 ? 13.352  2.585   4.524   1.00 37.87 ? 205 GLN A O   1 
ATOM   1410 C  CB  . GLN A 1 174 ? 13.506  0.346   2.105   1.00 39.44 ? 205 GLN A CB  1 
ATOM   1411 C  CG  . GLN A 1 174 ? 13.324  -1.191  2.201   1.00 42.11 ? 205 GLN A CG  1 
ATOM   1412 C  CD  . GLN A 1 174 ? 13.451  -1.751  3.643   1.00 45.57 ? 205 GLN A CD  1 
ATOM   1413 O  OE1 . GLN A 1 174 ? 14.193  -1.218  4.478   1.00 48.90 ? 205 GLN A OE1 1 
ATOM   1414 N  NE2 . GLN A 1 174 ? 12.741  -2.835  3.913   1.00 49.28 ? 205 GLN A NE2 1 
ATOM   1415 N  N   . TYR A 1 175 ? 12.783  3.535   2.559   1.00 38.32 ? 206 TYR A N   1 
ATOM   1416 C  CA  . TYR A 1 175 ? 13.256  4.879   2.902   1.00 37.84 ? 206 TYR A CA  1 
ATOM   1417 C  C   . TYR A 1 175 ? 12.654  5.455   4.163   1.00 38.36 ? 206 TYR A C   1 
ATOM   1418 O  O   . TYR A 1 175 ? 13.258  6.340   4.771   1.00 38.55 ? 206 TYR A O   1 
ATOM   1419 C  CB  . TYR A 1 175 ? 13.112  5.859   1.723   1.00 37.67 ? 206 TYR A CB  1 
ATOM   1420 C  CG  . TYR A 1 175 ? 11.715  6.451   1.448   1.00 37.52 ? 206 TYR A CG  1 
ATOM   1421 C  CD1 . TYR A 1 175 ? 11.249  7.571   2.134   1.00 35.00 ? 206 TYR A CD1 1 
ATOM   1422 C  CD2 . TYR A 1 175 ? 10.895  5.894   0.466   1.00 36.39 ? 206 TYR A CD2 1 
ATOM   1423 C  CE1 . TYR A 1 175 ? 9.992   8.107   1.868   1.00 36.56 ? 206 TYR A CE1 1 
ATOM   1424 C  CE2 . TYR A 1 175 ? 9.642   6.414   0.182   1.00 37.31 ? 206 TYR A CE2 1 
ATOM   1425 C  CZ  . TYR A 1 175 ? 9.184   7.519   0.872   1.00 37.09 ? 206 TYR A CZ  1 
ATOM   1426 O  OH  . TYR A 1 175 ? 7.932   8.005   0.549   1.00 33.98 ? 206 TYR A OH  1 
ATOM   1427 N  N   . LEU A 1 176 ? 11.497  4.957   4.595   1.00 38.85 ? 207 LEU A N   1 
ATOM   1428 C  CA  . LEU A 1 176 ? 10.897  5.459   5.843   1.00 39.59 ? 207 LEU A CA  1 
ATOM   1429 C  C   . LEU A 1 176 ? 11.708  5.183   7.106   1.00 40.56 ? 207 LEU A C   1 
ATOM   1430 O  O   . LEU A 1 176 ? 11.506  5.863   8.101   1.00 40.21 ? 207 LEU A O   1 
ATOM   1431 C  CB  . LEU A 1 176 ? 9.459   4.940   6.049   1.00 39.08 ? 207 LEU A CB  1 
ATOM   1432 C  CG  . LEU A 1 176 ? 8.384   5.412   5.041   1.00 38.52 ? 207 LEU A CG  1 
ATOM   1433 C  CD1 . LEU A 1 176 ? 7.071   4.790   5.401   1.00 38.38 ? 207 LEU A CD1 1 
ATOM   1434 C  CD2 . LEU A 1 176 ? 8.247   6.946   4.968   1.00 37.73 ? 207 LEU A CD2 1 
ATOM   1435 N  N   . LYS A 1 177 ? 12.575  4.171   7.106   1.00 42.43 ? 208 LYS A N   1 
ATOM   1436 C  CA  . LYS A 1 177 ? 13.411  3.912   8.294   1.00 44.18 ? 208 LYS A CA  1 
ATOM   1437 C  C   . LYS A 1 177 ? 14.380  5.081   8.547   1.00 44.65 ? 208 LYS A C   1 
ATOM   1438 O  O   . LYS A 1 177 ? 14.587  5.512   9.663   1.00 45.58 ? 208 LYS A O   1 
ATOM   1439 C  CB  . LYS A 1 177 ? 14.157  2.576   8.176   1.00 45.00 ? 208 LYS A CB  1 
ATOM   1440 C  CG  . LYS A 1 177 ? 15.277  2.513   7.124   1.00 47.22 ? 208 LYS A CG  1 
ATOM   1441 C  CD  . LYS A 1 177 ? 15.587  1.063   6.755   1.00 51.52 ? 208 LYS A CD  1 
ATOM   1442 C  CE  . LYS A 1 177 ? 16.995  0.886   6.140   1.00 54.35 ? 208 LYS A CE  1 
ATOM   1443 N  NZ  . LYS A 1 177 ? 17.063  1.131   4.673   1.00 55.68 ? 208 LYS A NZ  1 
ATOM   1444 N  N   . ASP A 1 178 ? 14.897  5.638   7.469   1.00 45.54 ? 209 ASP A N   1 
ATOM   1445 C  CA  . ASP A 1 178 ? 15.891  6.684   7.508   1.00 45.96 ? 209 ASP A CA  1 
ATOM   1446 C  C   . ASP A 1 178 ? 15.295  8.063   7.289   1.00 45.57 ? 209 ASP A C   1 
ATOM   1447 O  O   . ASP A 1 178 ? 15.983  8.931   6.792   1.00 45.75 ? 209 ASP A O   1 
ATOM   1448 C  CB  . ASP A 1 178 ? 16.915  6.397   6.384   1.00 46.47 ? 209 ASP A CB  1 
ATOM   1449 C  CG  . ASP A 1 178 ? 17.570  5.034   6.525   1.00 47.87 ? 209 ASP A CG  1 
ATOM   1450 O  OD1 . ASP A 1 178 ? 17.971  4.658   7.666   1.00 52.08 ? 209 ASP A OD1 1 
ATOM   1451 O  OD2 . ASP A 1 178 ? 17.742  4.269   5.558   1.00 50.65 ? 209 ASP A OD2 1 
ATOM   1452 N  N   . ILE A 1 179 ? 14.033  8.281   7.642   1.00 45.47 ? 210 ILE A N   1 
ATOM   1453 C  CA  . ILE A 1 179 ? 13.370  9.559   7.333   1.00 45.76 ? 210 ILE A CA  1 
ATOM   1454 C  C   . ILE A 1 179 ? 13.898  10.780  8.111   1.00 46.04 ? 210 ILE A C   1 
ATOM   1455 O  O   . ILE A 1 179 ? 13.862  11.896  7.601   1.00 45.26 ? 210 ILE A O   1 
ATOM   1456 C  CB  . ILE A 1 179 ? 11.829  9.437   7.485   1.00 45.66 ? 210 ILE A CB  1 
ATOM   1457 C  CG1 . ILE A 1 179 ? 11.151  10.428  6.581   1.00 46.57 ? 210 ILE A CG1 1 
ATOM   1458 C  CG2 . ILE A 1 179 ? 11.359  9.662   8.918   1.00 46.49 ? 210 ILE A CG2 1 
ATOM   1459 C  CD1 . ILE A 1 179 ? 11.346  10.100  5.139   1.00 47.10 ? 210 ILE A CD1 1 
ATOM   1460 N  N   . THR A 1 180 ? 14.399  10.547  9.325   1.00 46.40 ? 211 THR A N   1 
ATOM   1461 C  CA  . THR A 1 180 ? 14.971  11.608  10.157  1.00 47.36 ? 211 THR A CA  1 
ATOM   1462 C  C   . THR A 1 180 ? 16.340  12.062  9.685   1.00 47.41 ? 211 THR A C   1 
ATOM   1463 O  O   . THR A 1 180 ? 16.853  13.028  10.208  1.00 47.86 ? 211 THR A O   1 
ATOM   1464 C  CB  . THR A 1 180 ? 15.083  11.171  11.661  1.00 47.80 ? 211 THR A CB  1 
ATOM   1465 O  OG1 . THR A 1 180 ? 15.695  9.881   11.774  1.00 47.89 ? 211 THR A OG1 1 
ATOM   1466 C  CG2 . THR A 1 180 ? 13.694  10.956  12.286  1.00 47.82 ? 211 THR A CG2 1 
ATOM   1467 N  N   . THR A 1 181 ? 16.942  11.380  8.710   1.00 47.39 ? 212 THR A N   1 
ATOM   1468 C  CA  . THR A 1 181 ? 18.261  11.784  8.230   1.00 47.52 ? 212 THR A CA  1 
ATOM   1469 C  C   . THR A 1 181 ? 18.300  12.122  6.754   1.00 48.31 ? 212 THR A C   1 
ATOM   1470 O  O   . THR A 1 181 ? 18.851  13.164  6.379   1.00 49.68 ? 212 THR A O   1 
ATOM   1471 C  CB  . THR A 1 181 ? 19.339  10.738  8.556   1.00 47.00 ? 212 THR A CB  1 
ATOM   1472 O  OG1 . THR A 1 181 ? 18.861  9.400   8.333   1.00 45.56 ? 212 THR A OG1 1 
ATOM   1473 C  CG2 . THR A 1 181 ? 19.663  10.784  10.010  1.00 47.29 ? 212 THR A CG2 1 
ATOM   1474 N  N   . THR A 1 182 ? 17.703  11.274  5.927   1.00 48.25 ? 213 THR A N   1 
ATOM   1475 C  CA  . THR A 1 182 ? 17.840  11.396  4.493   1.00 48.98 ? 213 THR A CA  1 
ATOM   1476 C  C   . THR A 1 182 ? 16.487  11.314  3.754   1.00 48.35 ? 213 THR A C   1 
ATOM   1477 O  O   . THR A 1 182 ? 15.484  10.808  4.268   1.00 47.76 ? 213 THR A O   1 
ATOM   1478 C  CB  . THR A 1 182 ? 18.929  10.391  3.970   1.00 49.24 ? 213 THR A CB  1 
ATOM   1479 O  OG1 . THR A 1 182 ? 18.774  10.133  2.559   1.00 53.62 ? 213 THR A OG1 1 
ATOM   1480 C  CG2 . THR A 1 182 ? 18.825  9.017   4.611   1.00 50.50 ? 213 THR A CG2 1 
ATOM   1481 N  N   . PHE A 1 183 ? 16.475  11.881  2.555   1.00 47.73 ? 214 PHE A N   1 
ATOM   1482 C  CA  . PHE A 1 183 ? 15.284  11.931  1.732   1.00 48.13 ? 214 PHE A CA  1 
ATOM   1483 C  C   . PHE A 1 183 ? 15.650  11.548  0.317   1.00 47.62 ? 214 PHE A C   1 
ATOM   1484 O  O   . PHE A 1 183 ? 16.631  12.046  -0.238  1.00 47.17 ? 214 PHE A O   1 
ATOM   1485 C  CB  . PHE A 1 183 ? 14.662  13.338  1.715   1.00 48.66 ? 214 PHE A CB  1 
ATOM   1486 C  CG  . PHE A 1 183 ? 13.932  13.713  2.991   1.00 49.67 ? 214 PHE A CG  1 
ATOM   1487 C  CD1 . PHE A 1 183 ? 14.407  14.738  3.798   1.00 51.34 ? 214 PHE A CD1 1 
ATOM   1488 C  CD2 . PHE A 1 183 ? 12.779  13.048  3.378   1.00 51.09 ? 214 PHE A CD2 1 
ATOM   1489 C  CE1 . PHE A 1 183 ? 13.746  15.091  4.971   1.00 51.84 ? 214 PHE A CE1 1 
ATOM   1490 C  CE2 . PHE A 1 183 ? 12.118  13.394  4.568   1.00 50.65 ? 214 PHE A CE2 1 
ATOM   1491 C  CZ  . PHE A 1 183 ? 12.604  14.414  5.355   1.00 51.03 ? 214 PHE A CZ  1 
ATOM   1492 N  N   . PRO A 1 184 ? 14.849  10.673  -0.270  1.00 47.34 ? 215 PRO A N   1 
ATOM   1493 C  CA  . PRO A 1 184 ? 14.938  10.409  -1.710  1.00 47.99 ? 215 PRO A CA  1 
ATOM   1494 C  C   . PRO A 1 184 ? 14.632  11.658  -2.538  1.00 48.86 ? 215 PRO A C   1 
ATOM   1495 O  O   . PRO A 1 184 ? 14.095  12.640  -2.017  1.00 47.42 ? 215 PRO A O   1 
ATOM   1496 C  CB  . PRO A 1 184 ? 13.864  9.328   -1.942  1.00 47.79 ? 215 PRO A CB  1 
ATOM   1497 C  CG  . PRO A 1 184 ? 13.621  8.740   -0.589  1.00 47.40 ? 215 PRO A CG  1 
ATOM   1498 C  CD  . PRO A 1 184 ? 13.818  9.852   0.387   1.00 46.69 ? 215 PRO A CD  1 
ATOM   1499 N  N   . SER A 1 185 ? 15.001  11.615  -3.812  1.00 50.54 ? 216 SER A N   1 
ATOM   1500 C  CA  . SER A 1 185 ? 14.520  12.605  -4.765  1.00 52.68 ? 216 SER A CA  1 
ATOM   1501 C  C   . SER A 1 185 ? 13.174  12.156  -5.347  1.00 53.34 ? 216 SER A C   1 
ATOM   1502 O  O   . SER A 1 185 ? 13.017  11.004  -5.738  1.00 53.61 ? 216 SER A O   1 
ATOM   1503 C  CB  . SER A 1 185 ? 15.531  12.802  -5.895  1.00 52.89 ? 216 SER A CB  1 
ATOM   1504 O  OG  . SER A 1 185 ? 16.819  13.021  -5.354  1.00 55.71 ? 216 SER A OG  1 
ATOM   1505 N  N   . PHE A 1 186 ? 12.216  13.075  -5.392  1.00 54.88 ? 217 PHE A N   1 
ATOM   1506 C  CA  . PHE A 1 186 ? 10.924  12.835  -6.038  1.00 55.94 ? 217 PHE A CA  1 
ATOM   1507 C  C   . PHE A 1 186 ? 10.690  13.918  -7.093  1.00 58.38 ? 217 PHE A C   1 
ATOM   1508 O  O   . PHE A 1 186 ? 10.469  15.084  -6.740  1.00 58.81 ? 217 PHE A O   1 
ATOM   1509 C  CB  . PHE A 1 186 ? 9.787   12.900  -5.016  1.00 55.32 ? 217 PHE A CB  1 
ATOM   1510 C  CG  . PHE A 1 186 ? 9.939   11.954  -3.857  1.00 51.62 ? 217 PHE A CG  1 
ATOM   1511 C  CD1 . PHE A 1 186 ? 10.412  12.406  -2.635  1.00 48.43 ? 217 PHE A CD1 1 
ATOM   1512 C  CD2 . PHE A 1 186 ? 9.578   10.620  -3.976  1.00 47.34 ? 217 PHE A CD2 1 
ATOM   1513 C  CE1 . PHE A 1 186 ? 10.534  11.534  -1.554  1.00 46.16 ? 217 PHE A CE1 1 
ATOM   1514 C  CE2 . PHE A 1 186 ? 9.690   9.760   -2.896  1.00 44.90 ? 217 PHE A CE2 1 
ATOM   1515 C  CZ  . PHE A 1 186 ? 10.166  10.217  -1.688  1.00 44.19 ? 217 PHE A CZ  1 
ATOM   1516 N  N   . VAL A 1 187 ? 10.760  13.538  -8.373  1.00 60.81 ? 218 VAL A N   1 
ATOM   1517 C  CA  . VAL A 1 187 ? 10.461  14.442  -9.487  1.00 62.61 ? 218 VAL A CA  1 
ATOM   1518 C  C   . VAL A 1 187 ? 9.449   13.788  -10.419 1.00 64.10 ? 218 VAL A C   1 
ATOM   1519 O  O   . VAL A 1 187 ? 9.623   12.633  -10.852 1.00 63.90 ? 218 VAL A O   1 
ATOM   1520 C  CB  . VAL A 1 187 ? 11.721  14.815  -10.314 1.00 62.98 ? 218 VAL A CB  1 
ATOM   1521 C  CG1 . VAL A 1 187 ? 11.370  15.841  -11.401 1.00 63.23 ? 218 VAL A CG1 1 
ATOM   1522 C  CG2 . VAL A 1 187 ? 12.850  15.339  -9.411  1.00 63.84 ? 218 VAL A CG2 1 
ATOM   1523 N  N   . PHE A 1 188 ? 8.394   14.543  -10.725 1.00 65.87 ? 219 PHE A N   1 
ATOM   1524 C  CA  . PHE A 1 188 ? 7.317   14.084  -11.593 1.00 67.31 ? 219 PHE A CA  1 
ATOM   1525 C  C   . PHE A 1 188 ? 7.759   14.128  -13.061 1.00 68.43 ? 219 PHE A C   1 
ATOM   1526 O  O   . PHE A 1 188 ? 8.484   15.050  -13.452 1.00 68.18 ? 219 PHE A O   1 
ATOM   1527 C  CB  . PHE A 1 188 ? 6.097   14.980  -11.382 1.00 67.24 ? 219 PHE A CB  1 
ATOM   1528 C  CG  . PHE A 1 188 ? 4.899   14.587  -12.202 1.00 68.11 ? 219 PHE A CG  1 
ATOM   1529 C  CD1 . PHE A 1 188 ? 4.309   13.336  -12.037 1.00 67.90 ? 219 PHE A CD1 1 
ATOM   1530 C  CD2 . PHE A 1 188 ? 4.346   15.481  -13.129 1.00 68.83 ? 219 PHE A CD2 1 
ATOM   1531 C  CE1 . PHE A 1 188 ? 3.191   12.979  -12.785 1.00 68.52 ? 219 PHE A CE1 1 
ATOM   1532 C  CE2 . PHE A 1 188 ? 3.229   15.127  -13.881 1.00 68.95 ? 219 PHE A CE2 1 
ATOM   1533 C  CZ  . PHE A 1 188 ? 2.648   13.879  -13.706 1.00 68.65 ? 219 PHE A CZ  1 
ATOM   1534 N  N   . HIS A 1 189 ? 7.309   13.149  -13.860 1.00 69.94 ? 220 HIS A N   1 
ATOM   1535 C  CA  . HIS A 1 189 ? 7.595   13.108  -15.308 1.00 71.24 ? 220 HIS A CA  1 
ATOM   1536 C  C   . HIS A 1 189 ? 6.363   12.828  -16.174 1.00 71.67 ? 220 HIS A C   1 
ATOM   1537 O  O   . HIS A 1 189 ? 6.370   11.882  -16.969 1.00 72.62 ? 220 HIS A O   1 
ATOM   1538 C  CB  . HIS A 1 189 ? 8.659   12.043  -15.614 1.00 71.59 ? 220 HIS A CB  1 
ATOM   1539 C  CG  . HIS A 1 189 ? 9.973   12.298  -14.952 1.00 72.89 ? 220 HIS A CG  1 
ATOM   1540 N  ND1 . HIS A 1 189 ? 10.379  11.624  -13.820 1.00 74.72 ? 220 HIS A ND1 1 
ATOM   1541 C  CD2 . HIS A 1 189 ? 10.967  13.165  -15.253 1.00 74.01 ? 220 HIS A CD2 1 
ATOM   1542 C  CE1 . HIS A 1 189 ? 11.571  12.060  -13.457 1.00 75.15 ? 220 HIS A CE1 1 
ATOM   1543 N  NE2 . HIS A 1 189 ? 11.949  12.998  -14.308 1.00 75.25 ? 220 HIS A NE2 1 
ATOM   1544 O  OXT . HIS A 1 189 ? 5.330   13.513  -16.156 1.00 71.95 ? 220 HIS A OXT 1 
HETATM 1545 CA CA  . CA  B 2 .   ? -0.270  19.025  -4.543  1.00 29.57 ? 500 CA  A CA  1 
HETATM 1546 CA CA  . CA  C 2 .   ? -11.427 -20.507 1.770   1.00 38.55 ? 501 CA  A CA  1 
HETATM 1547 O  O   . HOH D 3 .   ? -2.018  7.415   -5.527  1.00 27.65 ? 502 HOH A O   1 
HETATM 1548 O  O   . HOH D 3 .   ? -10.659 2.100   -4.244  1.00 25.82 ? 503 HOH A O   1 
HETATM 1549 O  O   . HOH D 3 .   ? -6.197  12.919  -6.708  1.00 26.31 ? 504 HOH A O   1 
HETATM 1550 O  O   . HOH D 3 .   ? -9.786  13.808  2.539   1.00 26.37 ? 505 HOH A O   1 
HETATM 1551 O  O   . HOH D 3 .   ? 6.623   -5.721  3.655   1.00 38.25 ? 506 HOH A O   1 
HETATM 1552 O  O   . HOH D 3 .   ? -11.302 -14.942 -12.900 1.00 44.62 ? 507 HOH A O   1 
HETATM 1553 O  O   . HOH D 3 .   ? -3.762  13.135  -9.528  1.00 32.49 ? 508 HOH A O   1 
HETATM 1554 O  O   . HOH D 3 .   ? -11.834 7.090   -0.837  1.00 31.04 ? 509 HOH A O   1 
HETATM 1555 O  O   . HOH D 3 .   ? -10.169 16.658  2.813   1.00 38.50 ? 510 HOH A O   1 
HETATM 1556 O  O   . HOH D 3 .   ? 2.603   22.545  -2.056  1.00 40.54 ? 511 HOH A O   1 
HETATM 1557 O  O   . HOH D 3 .   ? -6.679  8.594   6.871   1.00 43.94 ? 512 HOH A O   1 
HETATM 1558 O  O   . HOH D 3 .   ? -13.884 -7.884  -2.034  1.00 44.22 ? 513 HOH A O   1 
HETATM 1559 O  O   . HOH D 3 .   ? -2.272  18.642  -5.628  1.00 30.11 ? 514 HOH A O   1 
HETATM 1560 O  O   . HOH D 3 .   ? -12.399 -19.681 3.388   1.00 37.14 ? 515 HOH A O   1 
HETATM 1561 O  O   . HOH D 3 .   ? -4.576  9.913   13.049  1.00 51.69 ? 516 HOH A O   1 
HETATM 1562 O  O   . HOH D 3 .   ? 4.288   -7.242  -3.143  1.00 43.47 ? 517 HOH A O   1 
HETATM 1563 O  O   . HOH D 3 .   ? -5.157  15.085  6.432   1.00 39.37 ? 518 HOH A O   1 
HETATM 1564 O  O   . HOH D 3 .   ? -7.562  6.255   -8.998  1.00 40.93 ? 519 HOH A O   1 
HETATM 1565 O  O   . HOH D 3 .   ? -0.151  16.124  -14.257 1.00 49.94 ? 520 HOH A O   1 
HETATM 1566 O  O   . HOH D 3 .   ? -4.123  -20.055 3.219   1.00 43.63 ? 521 HOH A O   1 
HETATM 1567 O  O   . HOH D 3 .   ? -9.936  8.974   -3.351  1.00 41.07 ? 522 HOH A O   1 
HETATM 1568 O  O   . HOH D 3 .   ? 12.613  2.947   -0.490  1.00 40.66 ? 523 HOH A O   1 
HETATM 1569 O  O   . HOH D 3 .   ? -3.692  -4.944  -9.400  1.00 51.77 ? 524 HOH A O   1 
HETATM 1570 O  O   . HOH D 3 .   ? -2.980  19.201  6.222   1.00 40.37 ? 525 HOH A O   1 
HETATM 1571 O  O   . HOH D 3 .   ? 8.510   -15.452 -0.301  1.00 56.02 ? 526 HOH A O   1 
HETATM 1572 O  O   . HOH D 3 .   ? -3.879  17.265  8.666   1.00 48.00 ? 527 HOH A O   1 
HETATM 1573 O  O   . HOH D 3 .   ? 9.681   -6.578  11.337  1.00 63.22 ? 528 HOH A O   1 
HETATM 1574 O  O   . HOH D 3 .   ? -7.758  16.700  3.772   1.00 41.30 ? 529 HOH A O   1 
HETATM 1575 O  O   . HOH D 3 .   ? -4.154  8.215   -10.915 1.00 40.12 ? 530 HOH A O   1 
HETATM 1576 O  O   . HOH D 3 .   ? -6.556  1.332   -7.989  1.00 43.13 ? 531 HOH A O   1 
HETATM 1577 O  O   . HOH D 3 .   ? -12.399 -12.857 6.984   1.00 46.44 ? 532 HOH A O   1 
HETATM 1578 O  O   . HOH D 3 .   ? -5.096  17.862  -8.197  1.00 41.67 ? 533 HOH A O   1 
HETATM 1579 O  O   . HOH D 3 .   ? 0.573   -6.927  -0.563  1.00 48.72 ? 534 HOH A O   1 
HETATM 1580 O  O   . HOH D 3 .   ? 2.588   26.195  -1.160  1.00 55.85 ? 535 HOH A O   1 
HETATM 1581 O  O   . HOH D 3 .   ? 3.523   -8.607  13.896  1.00 49.72 ? 536 HOH A O   1 
HETATM 1582 O  O   . HOH D 3 .   ? 14.474  8.605   3.510   1.00 42.94 ? 537 HOH A O   1 
HETATM 1583 O  O   . HOH D 3 .   ? 4.310   5.261   18.229  1.00 43.17 ? 538 HOH A O   1 
HETATM 1584 O  O   . HOH D 3 .   ? 7.189   -4.320  -16.098 1.00 56.06 ? 539 HOH A O   1 
HETATM 1585 O  O   . HOH D 3 .   ? -13.233 -0.398  0.071   1.00 52.67 ? 540 HOH A O   1 
HETATM 1586 O  O   . HOH D 3 .   ? -18.355 -14.438 -7.611  1.00 45.26 ? 541 HOH A O   1 
HETATM 1587 O  O   . HOH D 3 .   ? 7.089   1.012   -3.526  1.00 50.78 ? 542 HOH A O   1 
HETATM 1588 O  O   . HOH D 3 .   ? 0.092   -1.549  15.536  1.00 53.99 ? 543 HOH A O   1 
HETATM 1589 O  O   . HOH D 3 .   ? 6.575   9.236   20.361  1.00 58.36 ? 544 HOH A O   1 
HETATM 1590 O  O   . HOH D 3 .   ? 1.295   24.195  -9.492  1.00 47.17 ? 545 HOH A O   1 
HETATM 1591 O  O   . HOH D 3 .   ? 10.042  2.643   14.339  1.00 60.19 ? 546 HOH A O   1 
HETATM 1592 O  O   . HOH D 3 .   ? 8.309   17.351  -9.390  1.00 52.24 ? 547 HOH A O   1 
HETATM 1593 O  O   . HOH D 3 .   ? -0.881  -2.452  -9.477  1.00 54.98 ? 548 HOH A O   1 
HETATM 1594 O  O   . HOH D 3 .   ? -10.195 9.774   -6.842  1.00 47.47 ? 549 HOH A O   1 
HETATM 1595 O  O   . HOH D 3 .   ? -17.421 12.248  1.343   1.00 49.46 ? 550 HOH A O   1 
HETATM 1596 O  O   . HOH D 3 .   ? -12.303 -6.557  5.057   1.00 49.80 ? 551 HOH A O   1 
HETATM 1597 O  O   . HOH D 3 .   ? -11.053 5.337   -7.060  1.00 50.58 ? 552 HOH A O   1 
HETATM 1598 O  O   . HOH D 3 .   ? 11.125  19.312  2.843   1.00 48.21 ? 553 HOH A O   1 
HETATM 1599 O  O   . HOH D 3 .   ? 8.851   8.382   -7.079  1.00 57.43 ? 554 HOH A O   1 
HETATM 1600 O  O   . HOH D 3 .   ? -10.616 -9.737  -14.687 1.00 66.26 ? 555 HOH A O   1 
HETATM 1601 O  O   . HOH D 3 .   ? 2.575   -3.464  -6.152  1.00 48.01 ? 556 HOH A O   1 
HETATM 1602 O  O   . HOH D 3 .   ? 5.858   2.362   17.233  1.00 61.44 ? 557 HOH A O   1 
HETATM 1603 O  O   . HOH D 3 .   ? -12.300 -27.611 3.654   1.00 58.80 ? 558 HOH A O   1 
HETATM 1604 O  O   . HOH D 3 .   ? 10.010  -3.079  -0.575  1.00 50.55 ? 559 HOH A O   1 
HETATM 1605 O  O   . HOH D 3 .   ? 18.154  3.145   10.281  1.00 57.01 ? 560 HOH A O   1 
HETATM 1606 O  O   . HOH D 3 .   ? -9.359  -6.126  -5.152  1.00 48.72 ? 561 HOH A O   1 
HETATM 1607 O  O   . HOH D 3 .   ? -0.850  2.964   6.733   1.00 43.69 ? 562 HOH A O   1 
HETATM 1608 O  O   . HOH D 3 .   ? -6.740  6.344   8.353   1.00 58.90 ? 563 HOH A O   1 
HETATM 1609 O  O   . HOH D 3 .   ? 1.628   -2.382  -8.371  1.00 63.01 ? 564 HOH A O   1 
HETATM 1610 O  O   . HOH D 3 .   ? -5.779  14.849  -8.894  1.00 40.70 ? 565 HOH A O   1 
HETATM 1611 O  O   . HOH D 3 .   ? 18.070  15.112  4.677   1.00 47.00 ? 566 HOH A O   1 
HETATM 1612 O  O   . HOH D 3 .   ? -4.594  11.021  -10.752 1.00 43.25 ? 567 HOH A O   1 
HETATM 1613 O  O   . HOH D 3 .   ? -8.440  11.842  -8.045  1.00 42.13 ? 568 HOH A O   1 
HETATM 1614 O  O   . HOH D 3 .   ? -10.573 -12.669 -14.057 1.00 53.48 ? 569 HOH A O   1 
HETATM 1615 O  O   . HOH D 3 .   ? 11.119  0.637   -1.063  1.00 55.73 ? 570 HOH A O   1 
HETATM 1616 O  O   . HOH D 3 .   ? -8.586  4.227   -7.346  1.00 56.49 ? 571 HOH A O   1 
HETATM 1617 O  O   . HOH D 3 .   ? -8.190  -3.842  -4.854  1.00 42.37 ? 572 HOH A O   1 
HETATM 1618 O  O   . HOH D 3 .   ? 8.645   6.258   -9.205  1.00 53.24 ? 573 HOH A O   1 
HETATM 1619 O  O   . HOH D 3 .   ? -5.870  18.406  -10.675 1.00 52.20 ? 574 HOH A O   1 
HETATM 1620 O  O   . HOH D 3 .   ? -4.751  -21.438 5.735   1.00 50.61 ? 575 HOH A O   1 
HETATM 1621 O  O   . HOH D 3 .   ? -11.874 7.737   -6.632  1.00 51.25 ? 576 HOH A O   1 
HETATM 1622 O  O   . HOH D 3 .   ? 8.516   18.871  -4.658  1.00 58.25 ? 577 HOH A O   1 
HETATM 1623 O  O   . HOH D 3 .   ? -11.492 5.484   2.514   1.00 68.30 ? 578 HOH A O   1 
HETATM 1624 O  O   . HOH D 3 .   ? -11.630 -10.148 -12.408 1.00 55.54 ? 579 HOH A O   1 
HETATM 1625 O  O   . HOH D 3 .   ? -3.936  11.662  15.157  1.00 60.02 ? 580 HOH A O   1 
HETATM 1626 O  O   . HOH D 3 .   ? 6.606   -7.708  13.078  1.00 51.71 ? 581 HOH A O   1 
HETATM 1627 O  O   . HOH D 3 .   ? 8.889   4.845   16.315  1.00 74.91 ? 582 HOH A O   1 
HETATM 1628 O  O   . HOH D 3 .   ? -16.280 -11.112 -8.925  1.00 62.03 ? 583 HOH A O   1 
HETATM 1629 O  O   . HOH D 3 .   ? 5.988   27.277  -2.267  1.00 52.05 ? 584 HOH A O   1 
HETATM 1630 O  O   . HOH D 3 .   ? 1.327   -5.949  -13.885 1.00 60.34 ? 585 HOH A O   1 
HETATM 1631 O  O   . HOH D 3 .   ? 3.112   -10.848 12.789  1.00 66.81 ? 586 HOH A O   1 
HETATM 1632 O  O   . HOH D 3 .   ? 3.804   5.144   -17.765 1.00 65.96 ? 587 HOH A O   1 
HETATM 1633 O  O   . HOH D 3 .   ? -6.988  -20.913 -15.964 1.00 52.80 ? 588 HOH A O   1 
HETATM 1634 O  O   . HOH D 3 .   ? 1.789   -7.129  16.324  1.00 75.74 ? 589 HOH A O   1 
HETATM 1635 O  O   . HOH D 3 .   ? -1.971  8.084   -12.445 1.00 60.04 ? 590 HOH A O   1 
HETATM 1636 O  O   . HOH D 3 .   ? -7.438  10.740  -10.559 1.00 51.75 ? 591 HOH A O   1 
HETATM 1637 O  O   . HOH D 3 .   ? 17.094  5.404   2.736   1.00 66.54 ? 592 HOH A O   1 
HETATM 1638 O  O   . HOH D 3 .   ? 9.931   -6.077  2.543   1.00 57.98 ? 593 HOH A O   1 
HETATM 1639 O  O   . HOH D 3 .   ? -11.721 6.407   5.337   1.00 58.60 ? 594 HOH A O   1 
HETATM 1640 O  O   . HOH D 3 .   ? -8.576  6.018   6.884   1.00 51.18 ? 595 HOH A O   1 
HETATM 1641 O  O   . HOH D 3 .   ? 14.583  -2.626  7.497   1.00 50.40 ? 596 HOH A O   1 
HETATM 1642 O  O   . HOH D 3 .   ? 2.914   10.200  -10.442 1.00 42.81 ? 597 HOH A O   1 
HETATM 1643 O  O   . HOH D 3 .   ? 8.106   10.446  -12.106 1.00 65.38 ? 598 HOH A O   1 
HETATM 1644 O  O   . HOH D 3 .   ? 8.284   -10.516 12.267  1.00 61.99 ? 599 HOH A O   1 
HETATM 1645 O  O   . HOH D 3 .   ? 5.971   -8.956  -4.669  1.00 56.81 ? 600 HOH A O   1 
HETATM 1646 O  O   . HOH D 3 .   ? -8.337  -1.217  -6.605  1.00 61.93 ? 601 HOH A O   1 
HETATM 1647 O  O   . HOH D 3 .   ? 18.258  5.585   10.457  1.00 56.37 ? 602 HOH A O   1 
HETATM 1648 O  O   . HOH D 3 .   ? 7.701   -18.395 -1.205  1.00 55.96 ? 603 HOH A O   1 
HETATM 1649 O  O   . HOH D 3 .   ? 0.114   -20.467 8.724   1.00 62.48 ? 604 HOH A O   1 
HETATM 1650 O  O   . HOH D 3 .   ? -10.970 17.548  5.174   1.00 62.71 ? 605 HOH A O   1 
HETATM 1651 O  O   . HOH D 3 .   ? -13.759 8.147   5.797   1.00 59.81 ? 606 HOH A O   1 
HETATM 1652 O  O   . HOH D 3 .   ? -13.376 20.002  7.207   1.00 70.09 ? 607 HOH A O   1 
HETATM 1653 O  O   . HOH D 3 .   ? -9.633  1.007   -6.228  1.00 65.80 ? 608 HOH A O   1 
HETATM 1654 O  O   . HOH D 3 .   ? -10.846 3.234   4.919   1.00 50.93 ? 609 HOH A O   1 
HETATM 1655 O  O   . HOH D 3 .   ? -7.147  17.860  -6.611  1.00 53.99 ? 610 HOH A O   1 
HETATM 1656 O  O   . HOH D 3 .   ? -3.903  -8.459  -20.923 1.00 70.08 ? 611 HOH A O   1 
HETATM 1657 O  O   . HOH D 3 .   ? 7.034   -11.218 -5.590  1.00 74.33 ? 612 HOH A O   1 
HETATM 1658 O  O   . HOH D 3 .   ? -16.681 11.320  -4.219  1.00 48.90 ? 613 HOH A O   1 
HETATM 1659 O  O   . HOH D 3 .   ? -13.335 17.747  8.432   1.00 61.23 ? 614 HOH A O   1 
HETATM 1660 O  O   . HOH D 3 .   ? 12.592  -4.608  5.779   1.00 53.22 ? 615 HOH A O   1 
HETATM 1661 O  O   . HOH D 3 .   ? -8.443  13.677  8.694   1.00 58.42 ? 616 HOH A O   1 
HETATM 1662 O  O   . HOH D 3 .   ? -2.012  -7.025  -16.184 1.00 56.89 ? 617 HOH A O   1 
HETATM 1663 O  O   . HOH D 3 .   ? -12.014 10.841  -5.582  1.00 71.29 ? 618 HOH A O   1 
HETATM 1664 O  O   . HOH D 3 .   ? -4.450  4.297   -11.068 1.00 65.42 ? 619 HOH A O   1 
HETATM 1665 O  O   . HOH D 3 .   ? -9.122  16.209  -6.329  1.00 52.39 ? 620 HOH A O   1 
HETATM 1666 O  O   . HOH D 3 .   ? 9.492   17.410  -6.640  1.00 60.67 ? 621 HOH A O   1 
HETATM 1667 O  O   . HOH D 3 .   ? -6.471  -9.683  9.648   1.00 79.40 ? 622 HOH A O   1 
HETATM 1668 O  O   . HOH D 3 .   ? 0.666   -8.356  -13.925 1.00 71.72 ? 623 HOH A O   1 
HETATM 1669 O  O   . HOH D 3 .   ? -12.176 -12.637 -12.655 1.00 55.14 ? 624 HOH A O   1 
HETATM 1670 O  O   . HOH D 3 .   ? 3.673   -3.419  -14.160 1.00 58.51 ? 625 HOH A O   1 
HETATM 1671 O  O   . HOH D 3 .   ? -0.761  -7.924  15.821  1.00 69.31 ? 626 HOH A O   1 
HETATM 1672 O  O   . HOH D 3 .   ? 9.337   -8.559  2.099   1.00 64.11 ? 627 HOH A O   1 
HETATM 1673 O  O   . HOH D 3 .   ? 16.601  7.556   2.173   1.00 56.17 ? 628 HOH A O   1 
HETATM 1674 O  O   . HOH D 3 .   ? 8.007   -5.419  9.887   1.00 59.56 ? 629 HOH A O   1 
HETATM 1675 O  O   . HOH D 3 .   ? -12.340 -10.068 7.730   1.00 51.89 ? 630 HOH A O   1 
HETATM 1676 O  O   . HOH D 3 .   ? -6.127  19.300  3.953   1.00 65.39 ? 631 HOH A O   1 
HETATM 1677 O  O   . HOH D 3 .   ? 16.301  2.460   1.926   1.00 56.92 ? 632 HOH A O   1 
HETATM 1678 O  O   . HOH D 3 .   ? -5.326  -25.003 -0.124  1.00 72.03 ? 633 HOH A O   1 
HETATM 1679 O  O   . HOH D 3 .   ? 1.693   -21.088 6.924   1.00 76.03 ? 634 HOH A O   1 
HETATM 1680 O  O   . HOH D 3 .   ? -15.055 -12.704 -11.426 1.00 59.62 ? 635 HOH A O   1 
HETATM 1681 O  O   . HOH D 3 .   ? -10.089 -7.432  9.841   1.00 65.43 ? 636 HOH A O   1 
HETATM 1682 O  O   . HOH D 3 .   ? -1.884  -18.855 -22.216 1.00 56.59 ? 637 HOH A O   1 
HETATM 1683 O  O   . HOH D 3 .   ? -18.926 -10.466 -4.011  1.00 58.75 ? 638 HOH A O   1 
HETATM 1684 O  O   . HOH D 3 .   ? -0.014  -13.757 12.371  1.00 55.87 ? 639 HOH A O   1 
# 
